data_3E7N
#
_entry.id   3E7N
#
_cell.length_a   293.042
_cell.length_b   92.726
_cell.length_c   93.601
_cell.angle_alpha   90.00
_cell.angle_beta   106.53
_cell.angle_gamma   90.00
#
_symmetry.space_group_name_H-M   'C 1 2 1'
#
loop_
_entity.id
_entity.type
_entity.pdbx_description
1 polymer 'D-ribose high-affinity transport system'
2 non-polymer 1,2-ETHANEDIOL
3 water water
#
_entity_poly.entity_id   1
_entity_poly.type   'polypeptide(L)'
_entity_poly.pdbx_seq_one_letter_code
;SNA(MSE)KKGTVLNSEISSVISRLGHTDTLVVCDAGLPIPNSTARID(MSE)ALTQGVPSF(MSE)QVVDVVTRE
(MSE)QVEAAILATEIKQQNPQLHETLLTHLEQLQQHQGNTIKISYTTHEQFKKLTADSQAVIRSGECSPYANVILCAGV
TF
;
_entity_poly.pdbx_strand_id   A,B,C,D,E,F,G,H,I,J,K,L,M,N,O
#
# COMPACT_ATOMS: atom_id res chain seq x y z
N ASN A 2 58.87 14.60 1.33
CA ASN A 2 59.17 15.38 2.62
C ASN A 2 58.88 14.62 3.96
N ALA A 3 58.00 13.63 4.01
CA ALA A 3 57.84 12.87 5.26
C ALA A 3 59.04 11.98 5.57
N LYS A 5 58.71 9.01 6.95
CA LYS A 5 58.33 7.63 6.70
C LYS A 5 58.33 7.41 5.17
N LYS A 6 59.08 6.43 4.72
CA LYS A 6 59.10 6.02 3.31
C LYS A 6 57.77 5.42 2.92
N GLY A 7 57.31 5.64 1.71
CA GLY A 7 56.00 5.13 1.29
C GLY A 7 54.99 6.25 1.19
N THR A 8 53.70 5.88 1.10
CA THR A 8 52.66 6.85 0.88
C THR A 8 51.56 6.86 1.94
N VAL A 9 51.61 5.93 2.88
CA VAL A 9 50.66 5.94 3.99
C VAL A 9 51.28 6.73 5.15
N LEU A 10 50.98 8.03 5.20
CA LEU A 10 51.67 8.96 6.06
C LEU A 10 51.02 9.20 7.43
N ASN A 11 49.71 8.97 7.54
CA ASN A 11 49.04 9.28 8.80
C ASN A 11 49.55 8.39 9.93
N SER A 12 49.83 8.98 11.07
CA SER A 12 50.36 8.22 12.16
C SER A 12 49.32 7.26 12.74
N GLU A 13 48.07 7.68 12.89
CA GLU A 13 47.06 6.79 13.46
C GLU A 13 46.68 5.67 12.50
N ILE A 14 46.57 5.96 11.21
CA ILE A 14 46.28 4.90 10.23
C ILE A 14 47.42 3.88 10.19
N SER A 15 48.66 4.35 10.19
CA SER A 15 49.81 3.45 10.19
C SER A 15 49.77 2.55 11.37
N SER A 16 49.49 3.16 12.50
CA SER A 16 49.43 2.45 13.75
C SER A 16 48.38 1.34 13.75
N VAL A 17 47.13 1.62 13.36
CA VAL A 17 46.06 0.61 13.40
C VAL A 17 46.30 -0.48 12.37
N ILE A 18 46.81 -0.11 11.18
CA ILE A 18 47.07 -1.14 10.16
C ILE A 18 48.12 -2.09 10.67
N SER A 19 49.15 -1.58 11.34
CA SER A 19 50.23 -2.41 11.86
C SER A 19 49.76 -3.32 12.99
N ARG A 20 48.63 -3.00 13.61
CA ARG A 20 48.07 -3.86 14.62
C ARG A 20 47.09 -4.92 14.11
N LEU A 21 46.73 -4.89 12.84
CA LEU A 21 45.71 -5.80 12.35
C LEU A 21 46.19 -7.23 12.29
N GLY A 22 45.28 -8.14 12.63
CA GLY A 22 45.41 -9.56 12.33
C GLY A 22 44.33 -10.08 11.39
N HIS A 23 44.49 -11.32 10.96
CA HIS A 23 43.52 -11.94 10.06
C HIS A 23 42.11 -11.82 10.63
N THR A 24 41.19 -11.35 9.77
CA THR A 24 39.76 -11.15 10.07
C THR A 24 39.42 -9.92 10.90
N ASP A 25 40.41 -9.20 11.41
CA ASP A 25 40.15 -7.88 12.01
C ASP A 25 39.61 -6.97 10.90
N THR A 26 38.76 -6.03 11.27
CA THR A 26 38.19 -5.13 10.30
C THR A 26 38.58 -3.67 10.57
N LEU A 27 38.54 -2.89 9.49
CA LEU A 27 38.81 -1.46 9.51
C LEU A 27 37.71 -0.82 8.67
N VAL A 28 37.12 0.25 9.15
CA VAL A 28 36.05 0.90 8.43
C VAL A 28 36.52 2.21 7.87
N VAL A 29 36.14 2.48 6.61
CA VAL A 29 36.28 3.80 6.02
C VAL A 29 34.88 4.31 5.74
N CYS A 30 34.55 5.49 6.31
CA CYS A 30 33.20 5.99 6.29
C CYS A 30 33.09 7.41 5.75
N ASP A 31 31.84 7.83 5.52
CA ASP A 31 31.53 9.18 5.09
C ASP A 31 31.37 10.15 6.29
N ALA A 32 31.16 11.42 5.95
CA ALA A 32 31.16 12.50 6.91
C ALA A 32 29.99 12.39 7.88
N GLY A 33 28.97 11.60 7.57
CA GLY A 33 27.78 11.49 8.41
C GLY A 33 27.59 10.21 9.21
N LEU A 34 28.47 9.22 9.10
CA LEU A 34 28.26 7.94 9.78
C LEU A 34 28.53 8.07 11.27
N PRO A 35 27.63 7.53 12.13
CA PRO A 35 27.92 7.53 13.57
C PRO A 35 29.01 6.52 13.86
N ILE A 36 29.81 6.80 14.87
CA ILE A 36 30.92 5.96 15.21
C ILE A 36 30.71 5.46 16.64
N PRO A 37 30.54 4.14 16.81
CA PRO A 37 30.33 3.60 18.16
C PRO A 37 31.53 3.80 19.06
N ASN A 38 31.28 3.97 20.33
CA ASN A 38 32.38 4.20 21.28
C ASN A 38 33.15 2.90 21.65
N SER A 39 32.69 1.75 21.18
CA SER A 39 33.46 0.51 21.31
C SER A 39 34.58 0.40 20.23
N THR A 40 34.72 1.44 19.39
CA THR A 40 35.75 1.46 18.34
C THR A 40 36.56 2.77 18.36
N ALA A 41 37.80 2.69 17.90
CA ALA A 41 38.66 3.85 17.80
C ALA A 41 38.19 4.74 16.64
N ARG A 42 38.25 6.03 16.89
CA ARG A 42 37.81 7.04 15.94
C ARG A 42 39.06 7.72 15.35
N ILE A 43 39.29 7.56 14.05
CA ILE A 43 40.35 8.27 13.36
C ILE A 43 39.69 9.26 12.43
N ASP A 44 39.67 10.54 12.82
CA ASP A 44 38.89 11.54 12.10
C ASP A 44 39.81 12.24 11.09
N ALA A 46 38.41 13.70 8.34
CA ALA A 46 37.56 14.66 7.60
C ALA A 46 38.08 16.07 7.88
N LEU A 47 38.40 16.82 6.84
CA LEU A 47 38.83 18.23 6.97
C LEU A 47 37.66 19.14 6.66
N THR A 48 37.07 18.92 5.49
CA THR A 48 35.93 19.71 5.05
C THR A 48 35.18 18.90 4.00
N GLN A 49 34.05 19.41 3.53
CA GLN A 49 33.24 18.67 2.53
C GLN A 49 34.13 18.17 1.40
N GLY A 50 34.16 16.85 1.20
CA GLY A 50 34.89 16.25 0.08
C GLY A 50 36.41 16.14 0.23
N VAL A 51 36.95 16.56 1.35
CA VAL A 51 38.40 16.52 1.55
C VAL A 51 38.69 15.87 2.89
N PRO A 52 39.36 14.69 2.87
CA PRO A 52 39.65 13.91 1.69
C PRO A 52 38.43 13.10 1.28
N SER A 53 38.41 12.61 0.06
CA SER A 53 37.30 11.84 -0.47
C SER A 53 37.34 10.44 0.11
N PHE A 54 36.22 9.73 0.01
CA PHE A 54 36.12 8.33 0.43
C PHE A 54 37.16 7.51 -0.33
N GLN A 56 39.93 8.46 -1.84
CA GLN A 56 41.33 8.75 -1.48
C GLN A 56 41.74 7.96 -0.25
N VAL A 57 40.86 7.88 0.75
CA VAL A 57 41.16 7.17 1.98
C VAL A 57 41.23 5.67 1.72
N VAL A 58 40.23 5.11 1.06
CA VAL A 58 40.21 3.65 0.77
C VAL A 58 41.49 3.27 0.04
N ASP A 59 41.82 4.06 -0.97
CA ASP A 59 42.99 3.80 -1.75
C ASP A 59 44.24 3.79 -0.88
N VAL A 60 44.44 4.83 -0.08
CA VAL A 60 45.66 4.91 0.74
C VAL A 60 45.71 3.79 1.77
N VAL A 61 44.60 3.53 2.47
CA VAL A 61 44.55 2.44 3.47
C VAL A 61 44.95 1.11 2.82
N THR A 62 44.41 0.83 1.63
CA THR A 62 44.65 -0.46 0.97
C THR A 62 46.05 -0.60 0.36
N ARG A 63 46.85 0.46 0.36
CA ARG A 63 48.26 0.30 -0.01
C ARG A 63 49.04 -0.43 1.05
N GLU A 64 48.63 -0.34 2.29
CA GLU A 64 49.35 -1.00 3.38
C GLU A 64 48.60 -2.22 3.91
N GLN A 66 46.39 -5.62 3.75
CA GLN A 66 45.97 -6.82 2.98
C GLN A 66 44.48 -7.04 3.18
N VAL A 67 43.71 -6.93 2.10
CA VAL A 67 42.26 -7.03 2.18
C VAL A 67 41.81 -8.34 1.60
N GLU A 68 40.97 -9.07 2.33
CA GLU A 68 40.39 -10.30 1.82
C GLU A 68 38.88 -10.18 1.54
N ALA A 69 38.22 -9.17 2.09
CA ALA A 69 36.78 -9.03 1.92
C ALA A 69 36.40 -7.61 2.15
N ALA A 70 35.24 -7.24 1.60
CA ALA A 70 34.67 -5.91 1.80
C ALA A 70 33.20 -6.05 2.04
N ILE A 71 32.68 -5.29 3.01
CA ILE A 71 31.23 -5.27 3.28
C ILE A 71 30.67 -3.88 3.02
N LEU A 72 29.52 -3.83 2.31
CA LEU A 72 28.84 -2.59 1.99
C LEU A 72 27.35 -2.66 2.36
N ALA A 73 26.74 -1.48 2.53
CA ALA A 73 25.29 -1.39 2.70
C ALA A 73 24.61 -1.59 1.35
N THR A 74 23.55 -2.40 1.31
CA THR A 74 22.76 -2.62 0.09
C THR A 74 22.27 -1.30 -0.52
N GLU A 75 22.05 -0.30 0.34
CA GLU A 75 21.58 1.02 -0.08
C GLU A 75 22.52 1.72 -1.06
N ILE A 76 23.81 1.38 -1.06
CA ILE A 76 24.76 2.02 -1.96
C ILE A 76 24.41 1.76 -3.44
N LYS A 77 23.83 0.60 -3.73
CA LYS A 77 23.62 0.17 -5.09
C LYS A 77 22.76 1.16 -5.83
N GLN A 78 21.63 1.50 -5.23
CA GLN A 78 20.65 2.42 -5.82
C GLN A 78 20.97 3.91 -5.57
N GLN A 79 21.54 4.21 -4.42
CA GLN A 79 21.65 5.60 -4.03
C GLN A 79 23.00 6.24 -4.22
N ASN A 80 24.02 5.47 -4.58
CA ASN A 80 25.32 6.03 -4.92
C ASN A 80 26.04 5.10 -5.89
N PRO A 81 25.40 4.83 -7.05
CA PRO A 81 25.90 3.85 -8.01
C PRO A 81 27.25 4.22 -8.58
N GLN A 82 27.48 5.49 -8.82
CA GLN A 82 28.77 5.94 -9.34
C GLN A 82 29.91 5.58 -8.42
N LEU A 83 29.74 5.85 -7.13
CA LEU A 83 30.76 5.56 -6.14
C LEU A 83 30.85 4.03 -5.96
N HIS A 84 29.71 3.37 -5.95
CA HIS A 84 29.71 1.90 -5.93
C HIS A 84 30.63 1.32 -7.00
N GLU A 85 30.45 1.75 -8.24
CA GLU A 85 31.27 1.21 -9.32
C GLU A 85 32.75 1.53 -9.09
N THR A 86 33.07 2.78 -8.84
CA THR A 86 34.47 3.15 -8.63
C THR A 86 35.14 2.29 -7.59
N LEU A 87 34.40 1.97 -6.53
CA LEU A 87 34.96 1.12 -5.46
C LEU A 87 35.16 -0.31 -5.95
N LEU A 88 34.17 -0.86 -6.64
CA LEU A 88 34.30 -2.22 -7.14
C LEU A 88 35.48 -2.32 -8.11
N THR A 89 35.65 -1.38 -9.01
CA THR A 89 36.82 -1.37 -9.91
C THR A 89 38.14 -1.33 -9.15
N HIS A 90 38.21 -0.48 -8.12
CA HIS A 90 39.40 -0.38 -7.32
C HIS A 90 39.71 -1.69 -6.59
N LEU A 91 38.69 -2.31 -6.00
CA LEU A 91 38.87 -3.57 -5.30
C LEU A 91 39.26 -4.66 -6.27
N GLU A 92 38.80 -4.56 -7.50
CA GLU A 92 39.20 -5.47 -8.56
C GLU A 92 40.71 -5.37 -8.86
N GLN A 93 41.22 -4.14 -8.90
CA GLN A 93 42.64 -3.90 -9.18
C GLN A 93 43.50 -4.30 -7.97
N LEU A 94 42.97 -4.06 -6.78
CA LEU A 94 43.68 -4.40 -5.56
C LEU A 94 43.87 -5.91 -5.48
N GLN A 95 42.83 -6.68 -5.77
CA GLN A 95 42.92 -8.13 -5.62
C GLN A 95 43.91 -8.70 -6.61
N GLN A 96 43.97 -8.09 -7.79
CA GLN A 96 44.97 -8.48 -8.77
C GLN A 96 46.37 -8.20 -8.25
N HIS A 97 46.59 -7.01 -7.69
CA HIS A 97 47.91 -6.68 -7.13
C HIS A 97 48.26 -7.57 -5.95
N GLN A 98 47.27 -7.96 -5.17
CA GLN A 98 47.45 -8.83 -3.99
C GLN A 98 47.55 -10.30 -4.38
N GLY A 99 47.06 -10.66 -5.55
CA GLY A 99 47.10 -12.05 -6.01
C GLY A 99 46.04 -12.90 -5.34
N ASN A 100 44.95 -12.28 -4.90
CA ASN A 100 43.87 -13.00 -4.24
C ASN A 100 42.56 -12.59 -4.85
N THR A 101 41.47 -12.98 -4.21
CA THR A 101 40.16 -12.56 -4.66
C THR A 101 39.38 -11.97 -3.48
N ILE A 102 39.02 -10.70 -3.62
CA ILE A 102 38.31 -9.98 -2.58
C ILE A 102 36.80 -10.19 -2.66
N LYS A 103 36.28 -10.80 -1.62
CA LYS A 103 34.88 -11.11 -1.49
C LYS A 103 34.10 -9.86 -1.13
N ILE A 104 33.03 -9.59 -1.85
CA ILE A 104 32.16 -8.44 -1.57
C ILE A 104 30.82 -8.93 -1.14
N SER A 105 30.30 -8.35 -0.07
CA SER A 105 28.96 -8.69 0.36
C SER A 105 28.21 -7.47 0.84
N TYR A 106 26.89 -7.61 0.93
CA TYR A 106 25.98 -6.51 1.18
C TYR A 106 25.10 -6.87 2.37
N THR A 107 24.91 -5.92 3.26
CA THR A 107 23.99 -6.05 4.38
C THR A 107 23.12 -4.79 4.39
N THR A 108 22.04 -4.80 5.18
CA THR A 108 21.26 -3.59 5.40
C THR A 108 22.18 -2.58 6.09
N HIS A 109 21.96 -1.30 5.87
CA HIS A 109 22.74 -0.27 6.53
C HIS A 109 22.65 -0.41 8.06
N GLU A 110 21.47 -0.75 8.57
CA GLU A 110 21.32 -0.97 9.99
C GLU A 110 22.29 -2.04 10.49
N GLN A 111 22.38 -3.12 9.74
CA GLN A 111 23.25 -4.22 10.11
C GLN A 111 24.72 -3.82 9.93
N PHE A 112 25.00 -3.03 8.90
CA PHE A 112 26.31 -2.49 8.65
C PHE A 112 26.82 -1.71 9.89
N LYS A 113 25.97 -0.82 10.41
CA LYS A 113 26.30 -0.03 11.59
C LYS A 113 26.63 -0.90 12.79
N LYS A 114 25.86 -1.97 12.97
CA LYS A 114 26.19 -2.94 14.03
C LYS A 114 27.55 -3.60 13.84
N LEU A 115 27.87 -4.00 12.61
CA LEU A 115 29.20 -4.60 12.36
C LEU A 115 30.32 -3.59 12.66
N THR A 116 30.09 -2.30 12.47
CA THR A 116 31.13 -1.32 12.73
C THR A 116 31.53 -1.33 14.20
N ALA A 117 30.62 -1.76 15.07
CA ALA A 117 30.93 -1.83 16.50
C ALA A 117 32.09 -2.81 16.81
N ASP A 118 32.33 -3.77 15.92
CA ASP A 118 33.39 -4.77 16.13
C ASP A 118 34.71 -4.46 15.42
N SER A 119 34.78 -3.34 14.71
CA SER A 119 35.98 -3.05 13.94
C SER A 119 37.03 -2.48 14.85
N GLN A 120 38.26 -2.49 14.39
CA GLN A 120 39.37 -1.94 15.19
C GLN A 120 39.38 -0.43 15.15
N ALA A 121 38.94 0.15 14.04
CA ALA A 121 38.84 1.61 13.94
C ALA A 121 37.92 2.01 12.83
N VAL A 122 37.34 3.21 12.96
CA VAL A 122 36.60 3.83 11.87
C VAL A 122 37.37 5.06 11.41
N ILE A 123 37.76 5.06 10.13
CA ILE A 123 38.50 6.17 9.53
C ILE A 123 37.47 7.01 8.79
N ARG A 124 37.25 8.21 9.30
CA ARG A 124 36.25 9.08 8.75
C ARG A 124 36.84 9.96 7.67
N SER A 125 36.22 9.93 6.50
CA SER A 125 36.58 10.76 5.38
C SER A 125 35.64 11.96 5.31
N GLY A 126 35.94 12.87 4.39
CA GLY A 126 35.07 14.03 4.12
C GLY A 126 33.97 13.79 3.11
N GLU A 127 33.77 12.56 2.72
CA GLU A 127 32.81 12.26 1.67
C GLU A 127 31.40 12.64 2.10
N CYS A 128 30.67 13.30 1.20
CA CYS A 128 29.28 13.71 1.42
C CYS A 128 28.21 12.97 0.64
N SER A 129 28.60 12.12 -0.29
CA SER A 129 27.63 11.33 -1.03
C SER A 129 27.03 10.26 -0.08
N PRO A 130 25.86 9.72 -0.43
CA PRO A 130 25.16 8.77 0.46
C PRO A 130 25.77 7.37 0.52
N TYR A 131 25.79 6.79 1.72
CA TYR A 131 26.21 5.42 1.95
C TYR A 131 27.62 5.09 1.52
N ALA A 132 28.49 6.09 1.54
CA ALA A 132 29.91 5.91 1.17
C ALA A 132 30.67 5.39 2.39
N ASN A 133 30.36 4.15 2.72
CA ASN A 133 30.94 3.47 3.87
C ASN A 133 31.32 2.05 3.48
N VAL A 134 32.51 1.61 3.87
CA VAL A 134 32.89 0.22 3.65
C VAL A 134 33.61 -0.36 4.85
N ILE A 135 33.35 -1.64 5.14
CA ILE A 135 34.09 -2.39 6.10
C ILE A 135 35.10 -3.24 5.32
N LEU A 136 36.38 -3.07 5.62
CA LEU A 136 37.44 -3.85 4.99
C LEU A 136 37.89 -4.92 5.95
N CYS A 137 38.04 -6.15 5.49
CA CYS A 137 38.51 -7.25 6.34
C CYS A 137 39.90 -7.68 5.97
N ALA A 138 40.75 -7.80 6.99
CA ALA A 138 42.15 -8.12 6.79
C ALA A 138 42.29 -9.58 6.47
N GLY A 139 43.06 -9.88 5.44
CA GLY A 139 43.44 -11.27 5.17
C GLY A 139 44.41 -11.41 4.01
N VAL A 140 45.18 -12.50 4.03
CA VAL A 140 46.09 -12.88 2.96
C VAL A 140 45.85 -14.38 2.64
N THR A 141 46.11 -14.81 1.41
CA THR A 141 46.15 -16.26 1.05
C THR A 141 45.71 -17.24 2.16
N ASN B 2 33.92 39.14 20.74
CA ASN B 2 35.21 38.97 21.48
C ASN B 2 35.90 37.59 21.30
N ALA B 3 35.15 36.49 21.17
CA ALA B 3 35.74 35.13 21.04
C ALA B 3 36.57 34.89 19.74
N LYS B 5 36.65 31.98 18.12
CA LYS B 5 35.84 31.15 17.22
C LYS B 5 34.78 32.04 16.56
N LYS B 6 34.78 32.07 15.23
CA LYS B 6 33.74 32.76 14.48
C LYS B 6 32.41 32.01 14.66
N GLY B 7 31.32 32.76 14.71
CA GLY B 7 30.01 32.15 14.92
C GLY B 7 29.51 32.38 16.33
N THR B 8 28.51 31.63 16.74
CA THR B 8 27.84 31.96 17.98
C THR B 8 27.75 30.80 18.95
N VAL B 9 28.23 29.63 18.55
CA VAL B 9 28.34 28.51 19.45
C VAL B 9 29.75 28.52 20.05
N LEU B 10 29.86 29.14 21.23
CA LEU B 10 31.17 29.44 21.82
C LEU B 10 31.72 28.38 22.79
N ASN B 11 30.86 27.58 23.39
CA ASN B 11 31.31 26.64 24.41
C ASN B 11 32.20 25.59 23.81
N SER B 12 33.33 25.32 24.46
CA SER B 12 34.28 24.35 23.94
C SER B 12 33.74 22.92 23.96
N GLU B 13 33.08 22.52 25.04
CA GLU B 13 32.55 21.16 25.12
C GLU B 13 31.38 20.95 24.15
N ILE B 14 30.49 21.92 24.06
CA ILE B 14 29.37 21.82 23.13
C ILE B 14 29.89 21.73 21.70
N SER B 15 30.86 22.56 21.36
CA SER B 15 31.45 22.52 20.00
C SER B 15 32.05 21.17 19.74
N SER B 16 32.76 20.68 20.74
CA SER B 16 33.44 19.43 20.61
C SER B 16 32.44 18.29 20.39
N VAL B 17 31.40 18.22 21.22
CA VAL B 17 30.49 17.11 21.06
C VAL B 17 29.66 17.18 19.77
N ILE B 18 29.25 18.37 19.34
CA ILE B 18 28.49 18.53 18.11
C ILE B 18 29.29 18.11 16.89
N SER B 19 30.59 18.38 16.95
CA SER B 19 31.50 18.00 15.86
C SER B 19 31.78 16.51 15.79
N ARG B 20 31.47 15.78 16.87
N ARG B 20 31.46 15.78 16.87
CA ARG B 20 31.62 14.30 16.88
CA ARG B 20 31.62 14.31 16.90
C ARG B 20 30.34 13.56 16.48
C ARG B 20 30.33 13.56 16.52
N LEU B 21 29.22 14.26 16.35
CA LEU B 21 27.94 13.63 16.07
C LEU B 21 27.85 13.01 14.68
N GLY B 22 27.26 11.82 14.57
CA GLY B 22 26.83 11.26 13.28
C GLY B 22 25.33 11.08 13.27
N HIS B 23 24.82 10.64 12.14
CA HIS B 23 23.40 10.43 11.94
C HIS B 23 22.82 9.48 13.01
N THR B 24 21.70 9.90 13.60
CA THR B 24 20.94 9.20 14.66
C THR B 24 21.57 9.31 16.06
N ASP B 25 22.82 9.80 16.18
CA ASP B 25 23.35 10.14 17.51
C ASP B 25 22.45 11.17 18.17
N THR B 26 22.32 11.11 19.49
CA THR B 26 21.46 12.05 20.20
C THR B 26 22.23 12.92 21.17
N LEU B 27 21.65 14.09 21.43
CA LEU B 27 22.18 15.07 22.38
C LEU B 27 20.99 15.52 23.22
N VAL B 28 21.18 15.57 24.52
CA VAL B 28 20.10 15.97 25.41
C VAL B 28 20.37 17.35 25.97
N VAL B 29 19.34 18.22 25.96
CA VAL B 29 19.36 19.48 26.69
C VAL B 29 18.32 19.32 27.79
N CYS B 30 18.76 19.51 29.03
CA CYS B 30 17.92 19.23 30.17
C CYS B 30 17.84 20.40 31.13
N ASP B 31 16.93 20.29 32.10
CA ASP B 31 16.74 21.31 33.11
C ASP B 31 17.60 21.05 34.34
N ALA B 32 17.50 21.94 35.32
CA ALA B 32 18.40 21.93 36.46
C ALA B 32 18.28 20.70 37.35
N GLY B 33 17.18 19.96 37.25
CA GLY B 33 16.95 18.83 38.12
C GLY B 33 17.05 17.43 37.51
N LEU B 34 17.30 17.31 36.21
CA LEU B 34 17.32 15.97 35.60
C LEU B 34 18.56 15.19 36.05
N PRO B 35 18.39 13.91 36.40
CA PRO B 35 19.57 13.10 36.67
C PRO B 35 20.28 12.77 35.37
N ILE B 36 21.60 12.65 35.44
CA ILE B 36 22.41 12.40 34.28
C ILE B 36 23.10 11.05 34.49
N PRO B 37 22.80 10.05 33.63
CA PRO B 37 23.45 8.76 33.79
C PRO B 37 24.93 8.85 33.54
N ASN B 38 25.70 8.00 34.20
CA ASN B 38 27.17 8.02 34.04
C ASN B 38 27.62 7.33 32.72
N SER B 39 26.70 6.71 31.99
CA SER B 39 27.01 6.20 30.67
C SER B 39 27.06 7.31 29.63
N THR B 40 26.87 8.55 30.05
CA THR B 40 26.83 9.66 29.11
C THR B 40 27.68 10.81 29.64
N ALA B 41 28.19 11.64 28.72
CA ALA B 41 28.98 12.80 29.10
C ALA B 41 28.10 13.91 29.69
N ARG B 42 28.64 14.59 30.69
CA ARG B 42 27.95 15.61 31.41
C ARG B 42 28.55 16.95 31.01
N ILE B 43 27.75 17.82 30.38
CA ILE B 43 28.17 19.20 30.10
C ILE B 43 27.29 20.12 30.90
N ASP B 44 27.85 20.65 31.97
CA ASP B 44 27.08 21.40 32.96
C ASP B 44 27.15 22.89 32.69
N ALA B 46 24.72 25.00 33.72
CA ALA B 46 23.88 25.64 34.69
C ALA B 46 24.71 26.57 35.55
N LEU B 47 24.39 27.86 35.56
CA LEU B 47 25.11 28.77 36.45
C LEU B 47 24.27 29.00 37.71
N THR B 48 23.03 29.38 37.50
CA THR B 48 22.13 29.65 38.61
C THR B 48 20.70 29.55 38.09
N GLN B 49 19.73 29.69 38.97
CA GLN B 49 18.34 29.52 38.55
C GLN B 49 18.05 30.38 37.30
N GLY B 50 17.59 29.73 36.23
CA GLY B 50 17.19 30.41 35.00
C GLY B 50 18.32 30.93 34.13
N VAL B 51 19.57 30.61 34.47
CA VAL B 51 20.71 31.08 33.69
C VAL B 51 21.66 29.94 33.41
N PRO B 52 21.84 29.57 32.15
CA PRO B 52 21.08 29.97 30.98
C PRO B 52 19.77 29.20 30.97
N SER B 53 18.80 29.72 30.25
CA SER B 53 17.49 29.08 30.13
C SER B 53 17.57 27.88 29.22
N PHE B 54 16.57 27.03 29.32
CA PHE B 54 16.42 25.86 28.43
C PHE B 54 16.42 26.30 26.98
N GLN B 56 17.56 29.08 25.58
CA GLN B 56 18.82 29.65 25.15
C GLN B 56 19.79 28.55 24.72
N VAL B 57 19.82 27.44 25.47
CA VAL B 57 20.71 26.36 25.16
C VAL B 57 20.22 25.61 23.90
N VAL B 58 18.93 25.30 23.82
CA VAL B 58 18.39 24.61 22.67
C VAL B 58 18.70 25.40 21.39
N ASP B 59 18.44 26.69 21.47
CA ASP B 59 18.64 27.56 20.34
C ASP B 59 20.12 27.52 19.89
N VAL B 60 21.05 27.73 20.82
CA VAL B 60 22.46 27.78 20.45
C VAL B 60 22.94 26.45 19.87
N VAL B 61 22.57 25.35 20.53
CA VAL B 61 22.95 24.02 20.06
C VAL B 61 22.46 23.79 18.64
N THR B 62 21.22 24.16 18.35
CA THR B 62 20.64 23.90 17.04
C THR B 62 21.12 24.85 15.95
N ARG B 63 21.91 25.85 16.29
CA ARG B 63 22.60 26.62 15.25
C ARG B 63 23.72 25.84 14.60
N GLU B 64 24.33 24.89 15.31
CA GLU B 64 25.39 24.05 14.75
C GLU B 64 24.93 22.61 14.43
N GLN B 66 22.51 19.70 13.01
CA GLN B 66 21.42 19.27 12.11
C GLN B 66 20.48 18.36 12.88
N VAL B 67 19.23 18.79 13.02
CA VAL B 67 18.25 18.03 13.82
C VAL B 67 17.24 17.39 12.92
N GLU B 68 17.03 16.09 13.04
CA GLU B 68 15.94 15.37 12.30
C GLU B 68 14.78 14.93 13.21
N ALA B 69 14.95 14.96 14.53
CA ALA B 69 13.87 14.57 15.45
C ALA B 69 14.09 15.10 16.86
N ALA B 70 13.01 15.20 17.61
CA ALA B 70 13.08 15.59 19.00
C ALA B 70 12.15 14.73 19.81
N ILE B 71 12.60 14.35 20.99
CA ILE B 71 11.81 13.53 21.87
C ILE B 71 11.55 14.29 23.14
N LEU B 72 10.31 14.21 23.62
CA LEU B 72 9.88 14.90 24.83
C LEU B 72 9.14 13.99 25.77
N ALA B 73 9.08 14.40 27.03
CA ALA B 73 8.22 13.75 28.02
C ALA B 73 6.77 14.14 27.76
N THR B 74 5.87 13.19 27.79
CA THR B 74 4.45 13.51 27.74
C THR B 74 4.02 14.56 28.77
N GLU B 75 4.66 14.49 29.94
CA GLU B 75 4.34 15.38 31.05
C GLU B 75 4.48 16.89 30.75
N ILE B 76 5.27 17.23 29.76
CA ILE B 76 5.49 18.62 29.40
C ILE B 76 4.25 19.29 28.84
N LYS B 77 3.39 18.53 28.18
CA LYS B 77 2.20 19.09 27.57
C LYS B 77 1.30 19.77 28.59
N GLN B 78 1.00 19.08 29.69
CA GLN B 78 0.08 19.65 30.69
C GLN B 78 0.81 20.48 31.72
N GLN B 79 2.04 20.14 32.07
CA GLN B 79 2.72 20.77 33.22
C GLN B 79 3.68 21.91 32.85
N ASN B 80 3.96 22.07 31.57
CA ASN B 80 4.74 23.20 31.11
C ASN B 80 4.34 23.63 29.70
N PRO B 81 3.05 23.94 29.51
CA PRO B 81 2.54 24.21 28.17
C PRO B 81 3.16 25.44 27.47
N GLN B 82 3.50 26.47 28.23
CA GLN B 82 4.19 27.65 27.66
C GLN B 82 5.50 27.27 27.02
N LEU B 83 6.29 26.49 27.75
CA LEU B 83 7.58 26.12 27.23
C LEU B 83 7.40 25.15 26.07
N HIS B 84 6.46 24.22 26.21
CA HIS B 84 6.13 23.29 25.13
C HIS B 84 5.88 24.02 23.82
N GLU B 85 5.04 25.03 23.85
N GLU B 85 4.99 25.02 23.86
CA GLU B 85 4.66 25.72 22.62
CA GLU B 85 4.65 25.83 22.68
C GLU B 85 5.81 26.60 22.09
C GLU B 85 5.90 26.47 22.11
N THR B 86 6.64 27.17 22.96
CA THR B 86 7.84 27.92 22.51
C THR B 86 8.85 27.00 21.82
N LEU B 87 8.96 25.78 22.30
CA LEU B 87 9.87 24.81 21.72
C LEU B 87 9.35 24.32 20.36
N LEU B 88 8.06 24.04 20.30
CA LEU B 88 7.47 23.61 19.04
C LEU B 88 7.63 24.69 17.95
N THR B 89 7.44 25.95 18.34
CA THR B 89 7.63 27.08 17.41
C THR B 89 9.08 27.14 16.93
N HIS B 90 10.01 26.97 17.86
CA HIS B 90 11.42 27.01 17.53
C HIS B 90 11.80 25.86 16.57
N LEU B 91 11.34 24.66 16.87
CA LEU B 91 11.57 23.51 16.00
C LEU B 91 10.93 23.69 14.63
N GLU B 92 9.80 24.39 14.59
CA GLU B 92 9.16 24.70 13.32
C GLU B 92 10.02 25.64 12.45
N GLN B 93 10.62 26.64 13.08
CA GLN B 93 11.52 27.55 12.37
C GLN B 93 12.82 26.88 11.96
N LEU B 94 13.31 26.02 12.82
CA LEU B 94 14.55 25.30 12.59
C LEU B 94 14.40 24.42 11.36
N GLN B 95 13.31 23.67 11.29
CA GLN B 95 13.08 22.79 10.14
C GLN B 95 12.99 23.55 8.83
N GLN B 96 12.38 24.72 8.88
CA GLN B 96 12.32 25.57 7.70
C GLN B 96 13.73 25.99 7.27
N HIS B 97 14.54 26.51 8.22
CA HIS B 97 15.92 26.91 7.93
CA HIS B 97 15.95 26.92 7.97
C HIS B 97 16.78 25.74 7.45
N GLN B 98 16.52 24.54 7.97
CA GLN B 98 17.22 23.31 7.57
C GLN B 98 16.74 22.71 6.27
N GLY B 99 15.51 22.99 5.86
CA GLY B 99 14.92 22.41 4.65
C GLY B 99 14.41 20.99 4.85
N ASN B 100 14.04 20.63 6.07
CA ASN B 100 13.55 19.29 6.35
C ASN B 100 12.30 19.35 7.22
N THR B 101 11.87 18.22 7.74
CA THR B 101 10.76 18.21 8.65
C THR B 101 11.13 17.43 9.93
N ILE B 102 11.19 18.14 11.08
CA ILE B 102 11.59 17.56 12.33
C ILE B 102 10.46 16.79 12.98
N LYS B 103 10.71 15.51 13.22
CA LYS B 103 9.73 14.64 13.83
C LYS B 103 9.75 14.76 15.35
N ILE B 104 8.57 14.97 15.94
CA ILE B 104 8.44 15.11 17.38
C ILE B 104 7.73 13.90 17.90
N SER B 105 8.26 13.35 18.98
CA SER B 105 7.56 12.29 19.67
C SER B 105 7.59 12.46 21.17
N TYR B 106 6.70 11.72 21.82
CA TYR B 106 6.47 11.83 23.25
C TYR B 106 6.52 10.45 23.87
N THR B 107 7.24 10.33 24.99
CA THR B 107 7.27 9.10 25.77
C THR B 107 7.02 9.47 27.22
N THR B 108 6.82 8.49 28.08
CA THR B 108 6.73 8.80 29.51
C THR B 108 8.09 9.32 29.95
N HIS B 109 8.10 10.12 31.00
CA HIS B 109 9.33 10.65 31.53
C HIS B 109 10.28 9.54 31.95
N GLU B 110 9.73 8.48 32.54
CA GLU B 110 10.53 7.31 32.93
C GLU B 110 11.30 6.77 31.72
N GLN B 111 10.60 6.68 30.60
CA GLN B 111 11.18 6.13 29.40
C GLN B 111 12.18 7.12 28.78
N PHE B 112 11.86 8.40 28.90
CA PHE B 112 12.72 9.47 28.48
C PHE B 112 14.11 9.39 29.15
N LYS B 113 14.10 9.24 30.48
CA LYS B 113 15.32 9.10 31.26
C LYS B 113 16.14 7.92 30.74
N LYS B 114 15.49 6.80 30.45
CA LYS B 114 16.22 5.66 29.87
C LYS B 114 16.87 5.99 28.55
N LEU B 115 16.15 6.70 27.68
CA LEU B 115 16.73 7.10 26.41
C LEU B 115 17.95 8.02 26.59
N THR B 116 17.98 8.83 27.64
CA THR B 116 19.13 9.70 27.88
C THR B 116 20.41 8.92 28.12
N ALA B 117 20.28 7.67 28.60
CA ALA B 117 21.45 6.80 28.82
C ALA B 117 22.22 6.52 27.52
N ASP B 118 21.55 6.68 26.37
CA ASP B 118 22.14 6.36 25.07
C ASP B 118 22.67 7.58 24.35
N SER B 119 22.51 8.75 24.92
CA SER B 119 22.90 9.95 24.22
C SER B 119 24.42 10.14 24.29
N GLN B 120 24.93 11.01 23.44
CA GLN B 120 26.37 11.31 23.48
C GLN B 120 26.69 12.27 24.63
N ALA B 121 25.77 13.15 24.97
CA ALA B 121 25.98 14.04 26.10
C ALA B 121 24.68 14.61 26.55
N VAL B 122 24.67 15.05 27.81
CA VAL B 122 23.56 15.83 28.35
C VAL B 122 24.10 17.21 28.70
N ILE B 123 23.51 18.21 28.07
CA ILE B 123 23.85 19.57 28.31
C ILE B 123 22.84 20.09 29.30
N ARG B 124 23.31 20.41 30.50
CA ARG B 124 22.48 20.87 31.59
C ARG B 124 22.30 22.41 31.59
N SER B 125 21.05 22.85 31.54
CA SER B 125 20.70 24.27 31.58
C SER B 125 20.31 24.68 33.01
N GLY B 126 20.11 25.98 33.23
CA GLY B 126 19.63 26.48 34.54
C GLY B 126 18.11 26.53 34.68
N GLU B 127 17.40 25.97 33.70
CA GLU B 127 15.95 26.00 33.67
C GLU B 127 15.36 25.31 34.89
N CYS B 128 14.38 25.97 35.52
CA CYS B 128 13.69 25.45 36.69
C CYS B 128 12.24 25.04 36.48
N SER B 129 11.67 25.32 35.32
CA SER B 129 10.31 24.90 35.06
C SER B 129 10.27 23.36 34.92
N PRO B 130 9.08 22.75 34.98
CA PRO B 130 8.97 21.28 34.95
C PRO B 130 9.14 20.63 33.58
N TYR B 131 9.85 19.50 33.55
CA TYR B 131 9.98 18.66 32.35
C TYR B 131 10.56 19.38 31.15
N ALA B 132 11.42 20.35 31.43
CA ALA B 132 12.12 21.11 30.40
C ALA B 132 13.33 20.32 29.94
N ASN B 133 13.05 19.19 29.28
CA ASN B 133 14.09 18.31 28.77
C ASN B 133 13.75 17.85 27.37
N VAL B 134 14.72 17.90 26.47
CA VAL B 134 14.50 17.36 25.13
C VAL B 134 15.68 16.53 24.65
N ILE B 135 15.38 15.44 23.96
CA ILE B 135 16.41 14.65 23.29
C ILE B 135 16.39 15.05 21.84
N LEU B 136 17.50 15.61 21.35
CA LEU B 136 17.64 16.00 19.95
C LEU B 136 18.37 14.93 19.15
N CYS B 137 17.81 14.51 18.01
CA CYS B 137 18.44 13.50 17.16
C CYS B 137 19.06 14.13 15.95
N ALA B 138 20.31 13.77 15.70
CA ALA B 138 21.06 14.31 14.58
C ALA B 138 20.60 13.69 13.28
N GLY B 139 20.33 14.52 12.28
CA GLY B 139 20.09 14.02 10.94
C GLY B 139 19.94 15.11 9.90
N VAL B 140 20.25 14.77 8.64
CA VAL B 140 20.06 15.65 7.49
C VAL B 140 19.41 14.89 6.37
N THR B 141 18.84 15.61 5.43
CA THR B 141 18.31 15.04 4.20
C THR B 141 19.44 14.68 3.24
N PHE B 142 19.27 13.58 2.53
CA PHE B 142 20.35 13.04 1.68
C PHE B 142 20.47 13.70 0.31
N ASN C 2 36.03 30.43 59.20
CA ASN C 2 37.42 30.28 58.64
C ASN C 2 37.44 29.72 57.21
N ALA C 3 36.41 28.97 56.78
CA ALA C 3 36.43 28.34 55.43
C ALA C 3 36.09 29.35 54.32
N LYS C 5 34.45 28.75 51.64
CA LYS C 5 33.07 28.52 51.17
C LYS C 5 32.13 29.05 52.23
N LYS C 6 31.20 29.89 51.81
CA LYS C 6 30.14 30.36 52.70
C LYS C 6 29.19 29.21 52.96
N GLY C 7 28.58 29.19 54.13
CA GLY C 7 27.66 28.13 54.51
C GLY C 7 28.32 27.13 55.44
N THR C 8 27.72 25.95 55.58
CA THR C 8 28.15 24.99 56.58
C THR C 8 28.55 23.62 56.02
N VAL C 9 28.29 23.38 54.75
CA VAL C 9 28.71 22.12 54.13
C VAL C 9 30.12 22.31 53.53
N LEU C 10 31.13 22.02 54.35
CA LEU C 10 32.50 22.38 54.07
C LEU C 10 33.31 21.34 53.30
N ASN C 11 32.93 20.06 53.36
CA ASN C 11 33.73 19.03 52.71
C ASN C 11 33.71 19.15 51.19
N SER C 12 34.87 19.07 50.58
CA SER C 12 34.95 19.23 49.14
C SER C 12 34.25 18.07 48.37
N GLU C 13 34.41 16.83 48.80
CA GLU C 13 33.78 15.73 48.07
C GLU C 13 32.26 15.71 48.25
N ILE C 14 31.79 15.97 49.46
CA ILE C 14 30.34 16.04 49.70
C ILE C 14 29.73 17.18 48.87
N SER C 15 30.38 18.34 48.86
CA SER C 15 29.89 19.47 48.06
C SER C 15 29.81 19.10 46.60
N SER C 16 30.85 18.44 46.16
CA SER C 16 30.93 18.04 44.80
C SER C 16 29.80 17.05 44.43
N VAL C 17 29.59 15.99 45.21
N VAL C 17 29.60 15.99 45.21
CA VAL C 17 28.58 14.99 44.81
CA VAL C 17 28.56 15.01 44.85
C VAL C 17 27.17 15.59 44.90
C VAL C 17 27.17 15.64 44.87
N ILE C 18 26.91 16.44 45.90
CA ILE C 18 25.58 17.02 46.07
C ILE C 18 25.24 17.94 44.90
N SER C 19 26.25 18.62 44.37
CA SER C 19 26.03 19.53 43.26
C SER C 19 25.80 18.83 41.94
N ARG C 20 26.05 17.52 41.91
N ARG C 20 26.07 17.53 41.86
CA ARG C 20 25.87 16.75 40.70
CA ARG C 20 25.79 16.84 40.61
C ARG C 20 24.59 15.91 40.73
C ARG C 20 24.62 15.85 40.75
N LEU C 21 23.88 15.94 41.85
CA LEU C 21 22.66 15.13 42.03
C LEU C 21 21.52 15.62 41.12
N GLY C 22 20.78 14.69 40.54
CA GLY C 22 19.50 15.00 39.93
C GLY C 22 18.38 14.27 40.61
N HIS C 23 17.16 14.52 40.20
CA HIS C 23 15.97 13.88 40.76
C HIS C 23 16.08 12.35 40.74
N THR C 24 15.84 11.77 41.90
CA THR C 24 15.83 10.30 42.11
C THR C 24 17.23 9.70 42.26
N ASP C 25 18.29 10.46 42.05
CA ASP C 25 19.62 10.01 42.45
C ASP C 25 19.62 9.81 43.97
N THR C 26 20.45 8.88 44.43
CA THR C 26 20.56 8.62 45.86
C THR C 26 21.97 8.88 46.37
N LEU C 27 22.02 9.12 47.68
CA LEU C 27 23.23 9.36 48.44
C LEU C 27 23.08 8.61 49.74
N VAL C 28 24.08 7.82 50.10
CA VAL C 28 24.01 7.02 51.31
C VAL C 28 24.87 7.60 52.41
N VAL C 29 24.33 7.66 53.62
CA VAL C 29 25.12 7.93 54.81
C VAL C 29 25.14 6.64 55.61
N CYS C 30 26.33 6.15 55.93
CA CYS C 30 26.44 4.86 56.60
C CYS C 30 27.30 4.92 57.85
N ASP C 31 27.27 3.82 58.58
CA ASP C 31 28.07 3.66 59.80
C ASP C 31 29.47 3.08 59.48
N ALA C 32 30.26 2.92 60.53
CA ALA C 32 31.67 2.56 60.39
C ALA C 32 31.88 1.15 59.84
N GLY C 33 30.87 0.30 59.84
CA GLY C 33 31.02 -1.08 59.41
C GLY C 33 30.36 -1.47 58.09
N LEU C 34 29.62 -0.57 57.44
CA LEU C 34 28.91 -0.97 56.24
C LEU C 34 29.89 -1.17 55.10
N PRO C 35 29.75 -2.29 54.38
CA PRO C 35 30.57 -2.47 53.20
C PRO C 35 30.10 -1.56 52.09
N ILE C 36 31.04 -1.07 51.28
CA ILE C 36 30.75 -0.12 50.22
C ILE C 36 31.09 -0.75 48.89
N PRO C 37 30.09 -0.95 48.05
CA PRO C 37 30.33 -1.55 46.75
C PRO C 37 31.25 -0.68 45.90
N ASN C 38 32.02 -1.31 45.02
CA ASN C 38 32.94 -0.56 44.14
C ASN C 38 32.25 0.06 42.93
N SER C 39 30.95 -0.18 42.77
CA SER C 39 30.16 0.49 41.75
C SER C 39 29.75 1.89 42.22
N THR C 40 30.18 2.31 43.40
CA THR C 40 29.74 3.56 43.98
C THR C 40 30.97 4.28 44.55
N ALA C 41 30.94 5.62 44.57
CA ALA C 41 32.05 6.42 45.11
C ALA C 41 32.03 6.35 46.63
N ARG C 42 33.22 6.32 47.18
CA ARG C 42 33.44 6.18 48.60
C ARG C 42 33.96 7.51 49.15
N ILE C 43 33.16 8.14 50.03
CA ILE C 43 33.57 9.35 50.72
C ILE C 43 33.72 9.02 52.20
N ASP C 44 34.97 8.85 52.62
CA ASP C 44 35.24 8.30 53.93
C ASP C 44 35.45 9.44 54.90
N ALA C 46 34.88 8.97 58.23
CA ALA C 46 35.17 8.38 59.54
C ALA C 46 36.55 8.80 60.00
N LEU C 47 36.63 9.44 61.16
CA LEU C 47 37.93 9.71 61.80
C LEU C 47 38.25 8.66 62.85
N THR C 48 37.31 8.45 63.77
CA THR C 48 37.48 7.45 64.80
C THR C 48 36.11 7.13 65.35
N GLN C 49 36.04 6.24 66.32
CA GLN C 49 34.73 5.82 66.86
C GLN C 49 33.88 7.04 67.27
N GLY C 50 32.71 7.17 66.67
CA GLY C 50 31.75 8.22 67.01
C GLY C 50 32.06 9.58 66.44
N VAL C 51 33.12 9.71 65.63
CA VAL C 51 33.51 10.98 65.09
C VAL C 51 33.75 10.88 63.59
N PRO C 52 32.91 11.55 62.78
CA PRO C 52 31.68 12.24 63.15
C PRO C 52 30.58 11.24 63.33
N SER C 53 29.52 11.63 64.06
CA SER C 53 28.37 10.76 64.27
C SER C 53 27.53 10.67 63.00
N PHE C 54 26.69 9.64 62.95
CA PHE C 54 25.76 9.44 61.85
C PHE C 54 24.88 10.67 61.68
N GLN C 56 25.38 13.79 62.70
CA GLN C 56 26.16 14.95 62.22
C GLN C 56 26.24 14.96 60.72
N VAL C 57 26.51 13.82 60.15
CA VAL C 57 26.67 13.72 58.69
C VAL C 57 25.32 13.86 57.95
N VAL C 58 24.28 13.21 58.44
CA VAL C 58 22.97 13.32 57.84
C VAL C 58 22.51 14.78 57.87
N ASP C 59 22.67 15.42 59.01
CA ASP C 59 22.27 16.81 59.19
C ASP C 59 22.98 17.70 58.21
N VAL C 60 24.30 17.63 58.16
CA VAL C 60 25.07 18.49 57.25
C VAL C 60 24.72 18.25 55.78
N VAL C 61 24.63 16.98 55.38
CA VAL C 61 24.28 16.65 53.97
C VAL C 61 22.93 17.25 53.62
N THR C 62 21.96 17.16 54.52
CA THR C 62 20.62 17.61 54.20
C THR C 62 20.45 19.13 54.21
N ARG C 63 21.45 19.86 54.68
CA ARG C 63 21.42 21.32 54.56
C ARG C 63 21.58 21.79 53.12
N GLU C 64 22.25 20.98 52.29
CA GLU C 64 22.38 21.31 50.88
C GLU C 64 21.49 20.46 49.97
N GLN C 66 18.25 18.50 48.62
CA GLN C 66 16.79 18.37 48.65
C GLN C 66 16.43 16.92 48.73
N VAL C 67 15.76 16.53 49.80
CA VAL C 67 15.42 15.12 50.03
C VAL C 67 13.93 14.89 49.86
N GLU C 68 13.57 13.89 49.06
CA GLU C 68 12.16 13.50 48.88
C GLU C 68 11.81 12.14 49.50
N ALA C 69 12.81 11.35 49.84
CA ALA C 69 12.55 10.04 50.42
C ALA C 69 13.78 9.52 51.16
N ALA C 70 13.55 8.62 52.09
CA ALA C 70 14.63 8.00 52.87
C ALA C 70 14.33 6.52 53.00
N ILE C 71 15.36 5.68 52.82
CA ILE C 71 15.20 4.24 52.96
C ILE C 71 16.10 3.75 54.08
N LEU C 72 15.55 2.85 54.89
CA LEU C 72 16.20 2.32 56.07
C LEU C 72 16.05 0.80 56.14
N ALA C 73 16.95 0.17 56.87
CA ALA C 73 16.85 -1.26 57.11
C ALA C 73 15.80 -1.49 58.21
N THR C 74 14.95 -2.49 58.05
CA THR C 74 13.94 -2.82 59.05
C THR C 74 14.58 -3.09 60.41
N GLU C 75 15.80 -3.64 60.39
CA GLU C 75 16.51 -3.99 61.63
C GLU C 75 16.78 -2.79 62.56
N ILE C 76 16.77 -1.57 62.03
CA ILE C 76 17.02 -0.38 62.84
C ILE C 76 15.93 -0.14 63.90
N LYS C 77 14.70 -0.54 63.60
CA LYS C 77 13.58 -0.32 64.49
C LYS C 77 13.80 -0.97 65.84
N GLN C 78 14.16 -2.25 65.83
CA GLN C 78 14.38 -3.00 67.08
C GLN C 78 15.77 -2.81 67.65
N GLN C 79 16.78 -2.69 66.79
CA GLN C 79 18.15 -2.77 67.27
C GLN C 79 18.82 -1.43 67.47
N ASN C 80 18.19 -0.34 67.03
CA ASN C 80 18.72 1.00 67.28
C ASN C 80 17.59 2.03 67.37
N PRO C 81 16.62 1.81 68.28
CA PRO C 81 15.40 2.63 68.34
C PRO C 81 15.65 4.09 68.69
N GLN C 82 16.63 4.35 69.53
CA GLN C 82 16.95 5.73 69.87
C GLN C 82 17.42 6.53 68.65
N LEU C 83 18.29 5.94 67.85
CA LEU C 83 18.79 6.62 66.68
C LEU C 83 17.69 6.72 65.62
N HIS C 84 16.94 5.64 65.48
CA HIS C 84 15.78 5.63 64.60
C HIS C 84 14.87 6.83 64.86
N GLU C 85 14.54 7.10 66.11
CA GLU C 85 13.64 8.21 66.43
C GLU C 85 14.29 9.55 66.16
N THR C 86 15.55 9.70 66.55
CA THR C 86 16.26 10.94 66.28
C THR C 86 16.24 11.25 64.80
N LEU C 87 16.44 10.23 63.97
CA LEU C 87 16.45 10.43 62.53
C LEU C 87 15.06 10.81 62.01
N LEU C 88 14.02 10.15 62.50
CA LEU C 88 12.67 10.47 62.06
C LEU C 88 12.31 11.89 62.42
N THR C 89 12.60 12.31 63.66
CA THR C 89 12.37 13.69 64.08
C THR C 89 13.10 14.68 63.14
N HIS C 90 14.36 14.39 62.85
CA HIS C 90 15.12 15.24 61.94
C HIS C 90 14.52 15.32 60.52
N LEU C 91 14.09 14.18 60.02
CA LEU C 91 13.45 14.16 58.69
C LEU C 91 12.12 14.91 58.73
N GLU C 92 11.45 14.90 59.87
CA GLU C 92 10.17 15.63 60.05
C GLU C 92 10.43 17.14 59.94
N GLN C 93 11.50 17.61 60.55
CA GLN C 93 11.81 19.03 60.51
C GLN C 93 12.34 19.43 59.15
N LEU C 94 13.10 18.55 58.54
CA LEU C 94 13.64 18.82 57.24
C LEU C 94 12.52 19.01 56.22
N GLN C 95 11.52 18.14 56.25
CA GLN C 95 10.43 18.26 55.29
C GLN C 95 9.65 19.54 55.50
N GLN C 96 9.49 19.93 56.76
CA GLN C 96 8.83 21.20 57.08
C GLN C 96 9.63 22.36 56.48
N HIS C 97 10.94 22.36 56.67
CA HIS C 97 11.73 23.48 56.15
CA HIS C 97 11.81 23.42 56.14
C HIS C 97 11.78 23.43 54.62
N GLN C 98 11.74 22.23 54.02
CA GLN C 98 11.69 22.06 52.57
C GLN C 98 10.31 22.35 51.96
N GLY C 99 9.25 22.26 52.77
CA GLY C 99 7.90 22.45 52.26
C GLY C 99 7.37 21.25 51.49
N ASN C 100 7.82 20.06 51.84
CA ASN C 100 7.36 18.84 51.18
C ASN C 100 7.13 17.77 52.23
N THR C 101 6.94 16.54 51.78
CA THR C 101 6.75 15.43 52.69
C THR C 101 7.71 14.26 52.34
N ILE C 102 8.63 13.96 53.24
CA ILE C 102 9.65 12.95 53.02
C ILE C 102 9.12 11.56 53.29
N LYS C 103 9.08 10.76 52.24
CA LYS C 103 8.60 9.40 52.32
C LYS C 103 9.66 8.49 52.95
N ILE C 104 9.28 7.71 53.96
CA ILE C 104 10.20 6.80 54.67
C ILE C 104 9.76 5.39 54.36
N SER C 105 10.70 4.55 53.97
CA SER C 105 10.40 3.14 53.74
C SER C 105 11.50 2.25 54.27
N TYR C 106 11.14 0.98 54.43
CA TYR C 106 11.98 -0.02 55.10
C TYR C 106 12.16 -1.21 54.19
N THR C 107 13.36 -1.75 54.14
CA THR C 107 13.62 -3.04 53.46
C THR C 107 14.52 -3.86 54.39
N THR C 108 14.73 -5.11 54.04
CA THR C 108 15.71 -5.92 54.73
C THR C 108 17.07 -5.27 54.51
N HIS C 109 17.98 -5.51 55.45
CA HIS C 109 19.31 -4.97 55.36
C HIS C 109 20.03 -5.52 54.14
N GLU C 110 19.78 -6.79 53.81
CA GLU C 110 20.37 -7.39 52.62
C GLU C 110 19.95 -6.62 51.38
N GLN C 111 18.69 -6.22 51.33
CA GLN C 111 18.15 -5.47 50.20
C GLN C 111 18.70 -4.03 50.17
N PHE C 112 18.84 -3.47 51.36
CA PHE C 112 19.44 -2.16 51.56
C PHE C 112 20.85 -2.11 50.96
N LYS C 113 21.66 -3.10 51.29
CA LYS C 113 23.03 -3.21 50.74
C LYS C 113 23.01 -3.23 49.20
N LYS C 114 22.07 -3.96 48.62
CA LYS C 114 21.92 -3.97 47.16
C LYS C 114 21.57 -2.61 46.59
N LEU C 115 20.67 -1.92 47.25
CA LEU C 115 20.31 -0.57 46.79
C LEU C 115 21.51 0.38 46.86
N THR C 116 22.40 0.20 47.82
CA THR C 116 23.56 1.09 47.91
C THR C 116 24.42 1.02 46.65
N ALA C 117 24.39 -0.11 45.94
CA ALA C 117 25.18 -0.25 44.71
C ALA C 117 24.75 0.75 43.62
N ASP C 118 23.53 1.26 43.72
CA ASP C 118 22.99 2.20 42.76
C ASP C 118 23.13 3.66 43.16
N SER C 119 23.68 3.93 44.33
CA SER C 119 23.78 5.32 44.73
C SER C 119 24.96 6.00 44.06
N GLN C 120 24.95 7.33 44.15
CA GLN C 120 26.07 8.12 43.62
C GLN C 120 27.29 8.07 44.52
N ALA C 121 27.05 7.99 45.82
CA ALA C 121 28.16 7.93 46.76
C ALA C 121 27.69 7.42 48.08
N VAL C 122 28.61 6.81 48.81
CA VAL C 122 28.37 6.41 50.18
C VAL C 122 29.31 7.24 51.05
N ILE C 123 28.72 8.01 51.97
CA ILE C 123 29.45 8.84 52.86
C ILE C 123 29.50 8.13 54.18
N ARG C 124 30.72 7.74 54.56
CA ARG C 124 30.94 6.92 55.73
C ARG C 124 31.23 7.75 56.98
N SER C 125 30.39 7.55 58.00
CA SER C 125 30.54 8.22 59.26
C SER C 125 31.31 7.36 60.24
N GLY C 126 31.61 7.91 61.42
CA GLY C 126 32.24 7.15 62.50
C GLY C 126 31.27 6.41 63.42
N GLU C 127 30.00 6.40 63.08
CA GLU C 127 28.97 5.81 63.94
C GLU C 127 29.20 4.33 64.18
N CYS C 128 29.08 3.92 65.44
CA CYS C 128 29.27 2.54 65.86
C CYS C 128 28.01 1.79 66.26
N SER C 129 26.89 2.47 66.40
CA SER C 129 25.67 1.77 66.78
C SER C 129 25.20 0.93 65.56
N PRO C 130 24.26 -0.01 65.78
CA PRO C 130 23.85 -0.92 64.72
C PRO C 130 22.88 -0.37 63.69
N TYR C 131 23.08 -0.73 62.42
CA TYR C 131 22.15 -0.37 61.34
C TYR C 131 21.91 1.14 61.19
N ALA C 132 22.94 1.92 61.51
CA ALA C 132 22.94 3.37 61.36
C ALA C 132 23.35 3.67 59.91
N ASN C 133 22.45 3.34 58.99
CA ASN C 133 22.65 3.57 57.57
C ASN C 133 21.36 4.09 56.99
N VAL C 134 21.43 5.08 56.12
CA VAL C 134 20.23 5.55 55.42
C VAL C 134 20.53 5.87 53.97
N ILE C 135 19.59 5.56 53.09
CA ILE C 135 19.67 5.99 51.71
C ILE C 135 18.76 7.21 51.54
N LEU C 136 19.35 8.34 51.13
CA LEU C 136 18.58 9.55 50.90
C LEU C 136 18.35 9.70 49.41
N CYS C 137 17.11 10.00 49.02
CA CYS C 137 16.74 10.24 47.62
C CYS C 137 16.48 11.69 47.31
N ALA C 138 17.11 12.18 46.24
CA ALA C 138 17.01 13.59 45.90
C ALA C 138 15.67 13.84 45.25
N GLY C 139 15.02 14.89 45.71
CA GLY C 139 13.83 15.38 45.03
C GLY C 139 13.26 16.66 45.63
N VAL C 140 12.55 17.41 44.77
CA VAL C 140 11.83 18.61 45.17
C VAL C 140 10.44 18.57 44.60
N THR C 141 9.54 19.38 45.16
CA THR C 141 8.17 19.47 44.69
C THR C 141 8.06 20.38 43.48
N PHE C 142 7.17 20.03 42.55
CA PHE C 142 6.71 20.97 41.52
C PHE C 142 5.27 20.63 41.05
N ASN D 2 61.32 0.16 64.32
CA ASN D 2 61.99 1.07 63.32
C ASN D 2 61.04 1.79 62.33
N ALA D 3 59.79 1.33 62.18
CA ALA D 3 58.82 1.99 61.28
C ALA D 3 58.06 3.17 61.91
N LYS D 5 54.81 3.78 61.51
CA LYS D 5 53.49 3.31 61.94
C LYS D 5 53.66 2.50 63.22
N LYS D 6 52.97 2.90 64.28
CA LYS D 6 52.90 2.11 65.51
C LYS D 6 52.16 0.78 65.26
N GLY D 7 52.60 -0.29 65.91
CA GLY D 7 51.96 -1.60 65.70
C GLY D 7 52.82 -2.48 64.82
N THR D 8 52.22 -3.54 64.26
CA THR D 8 53.00 -4.58 63.63
C THR D 8 52.54 -4.93 62.21
N VAL D 9 51.45 -4.30 61.76
CA VAL D 9 51.03 -4.41 60.39
C VAL D 9 51.66 -3.28 59.61
N LEU D 10 52.82 -3.56 59.01
CA LEU D 10 53.65 -2.51 58.42
C LEU D 10 53.43 -2.22 56.91
N ASN D 11 52.93 -3.19 56.17
CA ASN D 11 52.76 -3.01 54.73
C ASN D 11 51.74 -1.95 54.40
N SER D 12 52.08 -1.06 53.47
CA SER D 12 51.17 0.03 53.14
C SER D 12 49.91 -0.45 52.41
N GLU D 13 50.05 -1.42 51.51
CA GLU D 13 48.86 -1.90 50.78
C GLU D 13 47.93 -2.72 51.68
N ILE D 14 48.50 -3.57 52.51
CA ILE D 14 47.70 -4.36 53.44
C ILE D 14 46.94 -3.42 54.37
N SER D 15 47.64 -2.42 54.93
CA SER D 15 47.04 -1.47 55.88
C SER D 15 45.90 -0.78 55.18
N SER D 16 46.16 -0.38 53.95
CA SER D 16 45.16 0.30 53.18
C SER D 16 43.91 -0.53 52.95
N VAL D 17 44.08 -1.78 52.52
CA VAL D 17 42.94 -2.61 52.19
C VAL D 17 42.15 -2.96 53.44
N ILE D 18 42.85 -3.27 54.53
CA ILE D 18 42.15 -3.60 55.78
C ILE D 18 41.27 -2.45 56.28
N SER D 19 41.77 -1.23 56.13
CA SER D 19 41.05 -0.05 56.60
C SER D 19 39.83 0.28 55.75
N ARG D 20 39.72 -0.33 54.58
CA ARG D 20 38.55 -0.16 53.69
C ARG D 20 37.53 -1.27 53.81
N LEU D 21 37.82 -2.28 54.61
CA LEU D 21 36.91 -3.40 54.73
C LEU D 21 35.65 -3.01 55.47
N GLY D 22 34.51 -3.51 54.99
CA GLY D 22 33.25 -3.53 55.75
C GLY D 22 32.80 -4.95 56.05
N HIS D 23 31.72 -5.05 56.82
CA HIS D 23 31.16 -6.33 57.19
C HIS D 23 30.82 -7.19 55.97
N THR D 24 31.31 -8.43 55.99
CA THR D 24 31.13 -9.42 54.91
C THR D 24 32.08 -9.24 53.73
N ASP D 25 32.85 -8.15 53.67
CA ASP D 25 33.93 -8.08 52.68
C ASP D 25 34.92 -9.22 52.96
N THR D 26 35.57 -9.70 51.91
CA THR D 26 36.55 -10.76 52.06
C THR D 26 37.94 -10.34 51.61
N LEU D 27 38.93 -10.98 52.19
CA LEU D 27 40.34 -10.74 51.89
C LEU D 27 40.97 -12.14 51.77
N VAL D 28 41.72 -12.38 50.71
CA VAL D 28 42.32 -13.68 50.52
C VAL D 28 43.81 -13.64 50.85
N VAL D 29 44.28 -14.66 51.54
CA VAL D 29 45.71 -14.89 51.67
C VAL D 29 45.98 -16.20 50.94
N CYS D 30 46.89 -16.16 49.97
CA CYS D 30 47.12 -17.33 49.08
C CYS D 30 48.58 -17.72 48.99
N ASP D 31 48.80 -18.89 48.38
CA ASP D 31 50.14 -19.42 48.20
C ASP D 31 50.75 -18.94 46.87
N ALA D 32 51.98 -19.36 46.60
CA ALA D 32 52.77 -18.82 45.51
C ALA D 32 52.21 -19.18 44.13
N GLY D 33 51.29 -20.14 44.06
CA GLY D 33 50.77 -20.61 42.81
C GLY D 33 49.33 -20.26 42.45
N LEU D 34 48.59 -19.61 43.35
CA LEU D 34 47.18 -19.32 43.08
C LEU D 34 47.02 -18.29 41.97
N PRO D 35 46.14 -18.58 41.00
CA PRO D 35 45.81 -17.51 40.05
C PRO D 35 44.98 -16.43 40.71
N ILE D 36 45.19 -15.18 40.32
CA ILE D 36 44.48 -14.08 40.93
C ILE D 36 43.65 -13.42 39.85
N PRO D 37 42.32 -13.42 40.01
CA PRO D 37 41.48 -12.82 38.99
C PRO D 37 41.69 -11.34 38.91
N ASN D 38 41.48 -10.77 37.73
CA ASN D 38 41.69 -9.35 37.51
C ASN D 38 40.55 -8.47 38.06
N SER D 39 39.47 -9.09 38.52
CA SER D 39 38.41 -8.35 39.22
C SER D 39 38.81 -8.04 40.69
N THR D 40 40.02 -8.40 41.09
CA THR D 40 40.44 -8.24 42.47
C THR D 40 41.84 -7.60 42.51
N ALA D 41 42.11 -6.85 43.56
CA ALA D 41 43.41 -6.23 43.75
C ALA D 41 44.46 -7.29 44.11
N ARG D 42 45.65 -7.12 43.55
CA ARG D 42 46.74 -8.02 43.75
C ARG D 42 47.75 -7.37 44.68
N ILE D 43 47.95 -7.96 45.85
CA ILE D 43 49.00 -7.51 46.76
C ILE D 43 50.07 -8.60 46.84
N ASP D 44 51.17 -8.39 46.12
CA ASP D 44 52.15 -9.44 45.98
C ASP D 44 53.24 -9.33 47.04
N ALA D 46 55.01 -12.09 47.98
CA ALA D 46 55.94 -13.18 47.78
C ALA D 46 57.33 -12.68 47.38
N LEU D 47 58.33 -13.01 48.20
CA LEU D 47 59.71 -12.64 47.88
C LEU D 47 60.41 -13.79 47.19
N THR D 48 60.34 -14.95 47.85
CA THR D 48 60.98 -16.16 47.36
C THR D 48 60.31 -17.33 48.02
N GLN D 49 60.69 -18.54 47.62
CA GLN D 49 60.05 -19.73 48.19
C GLN D 49 60.07 -19.66 49.71
N GLY D 50 58.88 -19.75 50.29
CA GLY D 50 58.71 -19.79 51.73
C GLY D 50 58.87 -18.47 52.47
N VAL D 51 59.08 -17.38 51.74
CA VAL D 51 59.25 -16.07 52.39
C VAL D 51 58.39 -15.01 51.74
N PRO D 52 57.42 -14.47 52.47
CA PRO D 52 57.00 -14.86 53.80
C PRO D 52 56.11 -16.09 53.68
N SER D 53 55.95 -16.80 54.79
CA SER D 53 55.12 -17.99 54.80
C SER D 53 53.64 -17.63 54.81
N PHE D 54 52.80 -18.59 54.49
CA PHE D 54 51.35 -18.41 54.55
C PHE D 54 50.92 -17.98 55.93
N GLN D 56 52.70 -16.59 58.35
CA GLN D 56 53.20 -15.25 58.72
C GLN D 56 52.22 -14.17 58.21
N VAL D 57 51.73 -14.35 56.99
CA VAL D 57 50.81 -13.37 56.40
C VAL D 57 49.47 -13.45 57.10
N VAL D 58 48.91 -14.65 57.26
CA VAL D 58 47.62 -14.78 57.91
C VAL D 58 47.66 -14.12 59.31
N ASP D 59 48.70 -14.44 60.06
CA ASP D 59 48.90 -13.92 61.41
C ASP D 59 48.92 -12.40 61.42
N VAL D 60 49.75 -11.79 60.56
CA VAL D 60 49.85 -10.32 60.55
C VAL D 60 48.54 -9.66 60.11
N VAL D 61 47.91 -10.18 59.07
CA VAL D 61 46.63 -9.63 58.62
C VAL D 61 45.59 -9.63 59.74
N THR D 62 45.53 -10.74 60.50
CA THR D 62 44.48 -10.90 61.49
C THR D 62 44.72 -10.12 62.74
N ARG D 63 45.90 -9.52 62.88
CA ARG D 63 46.14 -8.57 63.99
C ARG D 63 45.40 -7.25 63.80
N GLU D 64 45.08 -6.88 62.55
CA GLU D 64 44.27 -5.68 62.29
C GLU D 64 42.84 -5.98 61.86
N GLN D 66 39.20 -7.78 61.77
CA GLN D 66 38.19 -8.52 62.51
C GLN D 66 37.63 -9.63 61.66
N VAL D 67 37.85 -10.88 62.06
CA VAL D 67 37.43 -12.00 61.23
C VAL D 67 36.22 -12.69 61.81
N GLU D 68 35.20 -12.92 60.99
CA GLU D 68 34.02 -13.68 61.45
C GLU D 68 33.93 -15.07 60.82
N ALA D 69 34.65 -15.31 59.73
CA ALA D 69 34.59 -16.62 59.08
C ALA D 69 35.79 -16.82 58.20
N ALA D 70 36.07 -18.09 57.90
CA ALA D 70 37.16 -18.47 57.01
C ALA D 70 36.69 -19.55 56.08
N ILE D 71 37.08 -19.45 54.81
CA ILE D 71 36.77 -20.48 53.82
C ILE D 71 38.06 -21.11 53.29
N LEU D 72 38.04 -22.45 53.21
CA LEU D 72 39.17 -23.23 52.71
C LEU D 72 38.73 -24.20 51.63
N ALA D 73 39.69 -24.63 50.82
CA ALA D 73 39.48 -25.69 49.86
C ALA D 73 39.47 -27.06 50.58
N THR D 74 38.54 -27.94 50.22
CA THR D 74 38.47 -29.27 50.84
C THR D 74 39.77 -30.03 50.70
N GLU D 75 40.45 -29.79 49.59
CA GLU D 75 41.70 -30.45 49.29
C GLU D 75 42.79 -30.24 50.35
N ILE D 76 42.72 -29.16 51.13
CA ILE D 76 43.73 -28.91 52.16
C ILE D 76 43.77 -30.01 53.24
N LYS D 77 42.61 -30.61 53.52
CA LYS D 77 42.50 -31.59 54.59
C LYS D 77 43.47 -32.76 54.40
N GLN D 78 43.43 -33.33 53.20
CA GLN D 78 44.28 -34.48 52.86
C GLN D 78 45.67 -34.08 52.35
N GLN D 79 45.78 -32.96 51.67
CA GLN D 79 47.04 -32.64 50.99
C GLN D 79 47.92 -31.64 51.67
N ASN D 80 47.44 -31.02 52.74
CA ASN D 80 48.31 -30.18 53.58
C ASN D 80 47.86 -30.18 55.04
N PRO D 81 47.76 -31.37 55.65
CA PRO D 81 47.14 -31.52 56.98
C PRO D 81 47.87 -30.77 58.10
N GLN D 82 49.20 -30.68 58.02
CA GLN D 82 49.95 -29.98 59.07
C GLN D 82 49.59 -28.51 59.03
N LEU D 83 49.60 -27.92 57.84
CA LEU D 83 49.27 -26.50 57.71
C LEU D 83 47.78 -26.27 58.09
N HIS D 84 46.91 -27.17 57.63
CA HIS D 84 45.48 -27.11 57.96
C HIS D 84 45.32 -26.95 59.46
N GLU D 85 45.99 -27.82 60.23
CA GLU D 85 45.90 -27.81 61.71
C GLU D 85 46.49 -26.56 62.32
N THR D 86 47.63 -26.11 61.84
CA THR D 86 48.22 -24.87 62.36
C THR D 86 47.25 -23.68 62.16
N LEU D 87 46.57 -23.65 61.01
CA LEU D 87 45.64 -22.57 60.72
C LEU D 87 44.42 -22.65 61.66
N LEU D 88 43.89 -23.85 61.86
CA LEU D 88 42.72 -23.98 62.72
C LEU D 88 43.06 -23.51 64.13
N THR D 89 44.23 -23.92 64.63
CA THR D 89 44.67 -23.52 65.97
C THR D 89 44.76 -22.01 66.06
N HIS D 90 45.37 -21.40 65.04
CA HIS D 90 45.52 -19.96 65.02
C HIS D 90 44.16 -19.25 65.00
N LEU D 91 43.22 -19.75 64.19
CA LEU D 91 41.84 -19.20 64.17
C LEU D 91 41.11 -19.43 65.49
N GLU D 92 41.45 -20.50 66.19
CA GLU D 92 40.88 -20.75 67.51
C GLU D 92 41.33 -19.68 68.53
N GLN D 93 42.61 -19.33 68.48
CA GLN D 93 43.18 -18.34 69.39
C GLN D 93 42.71 -16.93 69.02
N LEU D 94 42.55 -16.70 67.72
CA LEU D 94 42.07 -15.42 67.22
C LEU D 94 40.65 -15.15 67.71
N GLN D 95 39.77 -16.13 67.58
CA GLN D 95 38.38 -15.96 67.97
C GLN D 95 38.31 -15.68 69.47
N GLN D 96 39.18 -16.32 70.26
CA GLN D 96 39.23 -16.07 71.69
C GLN D 96 39.62 -14.63 72.00
N HIS D 97 40.69 -14.13 71.38
N HIS D 97 40.73 -14.14 71.41
CA HIS D 97 41.09 -12.73 71.57
CA HIS D 97 41.16 -12.73 71.46
C HIS D 97 40.04 -11.76 71.01
C HIS D 97 40.01 -11.80 71.03
N GLN D 98 39.32 -12.16 69.95
CA GLN D 98 38.23 -11.32 69.43
C GLN D 98 36.94 -11.38 70.26
N GLY D 99 36.79 -12.46 71.01
CA GLY D 99 35.56 -12.67 71.77
C GLY D 99 34.39 -13.07 70.90
N ASN D 100 34.67 -13.77 69.80
CA ASN D 100 33.61 -14.28 68.90
C ASN D 100 33.91 -15.71 68.53
N THR D 101 33.17 -16.24 67.57
CA THR D 101 33.43 -17.59 67.12
C THR D 101 33.54 -17.60 65.59
N ILE D 102 34.73 -17.94 65.10
CA ILE D 102 35.02 -17.90 63.68
C ILE D 102 34.59 -19.15 62.95
N LYS D 103 33.64 -18.98 62.05
CA LYS D 103 33.03 -20.08 61.31
C LYS D 103 33.95 -20.57 60.19
N ILE D 104 34.16 -21.87 60.13
CA ILE D 104 35.04 -22.45 59.13
C ILE D 104 34.20 -23.26 58.17
N SER D 105 34.41 -23.10 56.88
CA SER D 105 33.75 -23.95 55.91
C SER D 105 34.66 -24.27 54.75
N TYR D 106 34.22 -25.26 54.00
CA TYR D 106 35.01 -25.88 52.99
C TYR D 106 34.23 -25.92 51.69
N THR D 107 34.92 -25.66 50.58
CA THR D 107 34.34 -25.81 49.27
C THR D 107 35.37 -26.54 48.41
N THR D 108 35.01 -26.92 47.20
CA THR D 108 35.98 -27.43 46.26
C THR D 108 36.91 -26.28 45.92
N HIS D 109 38.13 -26.62 45.53
CA HIS D 109 39.12 -25.63 45.13
C HIS D 109 38.64 -24.82 43.92
N GLU D 110 37.95 -25.48 42.99
CA GLU D 110 37.36 -24.79 41.85
C GLU D 110 36.43 -23.69 42.32
N GLN D 111 35.59 -24.01 43.30
CA GLN D 111 34.63 -23.04 43.81
C GLN D 111 35.33 -21.97 44.65
N PHE D 112 36.37 -22.37 45.35
CA PHE D 112 37.22 -21.42 46.08
C PHE D 112 37.77 -20.31 45.17
N LYS D 113 38.34 -20.73 44.05
CA LYS D 113 38.87 -19.79 43.04
C LYS D 113 37.77 -18.83 42.60
N LYS D 114 36.57 -19.34 42.37
CA LYS D 114 35.45 -18.45 41.99
C LYS D 114 35.13 -17.44 43.05
N LEU D 115 35.11 -17.85 44.32
CA LEU D 115 34.87 -16.90 45.39
C LEU D 115 35.95 -15.82 45.45
N THR D 116 37.20 -16.17 45.13
CA THR D 116 38.26 -15.16 45.18
C THR D 116 38.03 -13.99 44.24
N ALA D 117 37.23 -14.20 43.20
CA ALA D 117 36.87 -13.13 42.28
C ALA D 117 36.08 -12.03 42.98
N ASP D 118 35.42 -12.35 44.08
CA ASP D 118 34.62 -11.36 44.80
C ASP D 118 35.34 -10.70 45.98
N SER D 119 36.59 -11.02 46.23
CA SER D 119 37.27 -10.45 47.40
C SER D 119 37.78 -9.05 47.08
N GLN D 120 38.13 -8.31 48.11
CA GLN D 120 38.69 -6.97 47.91
C GLN D 120 40.13 -7.02 47.48
N ALA D 121 40.85 -8.05 47.91
CA ALA D 121 42.24 -8.21 47.47
C ALA D 121 42.68 -9.61 47.76
N VAL D 122 43.68 -10.06 47.01
CA VAL D 122 44.38 -11.28 47.32
C VAL D 122 45.79 -10.92 47.70
N ILE D 123 46.21 -11.35 48.87
CA ILE D 123 47.56 -11.15 49.38
C ILE D 123 48.32 -12.42 49.14
N ARG D 124 49.28 -12.35 48.26
CA ARG D 124 50.07 -13.51 47.87
C ARG D 124 51.29 -13.68 48.73
N SER D 125 51.38 -14.82 49.39
CA SER D 125 52.54 -15.20 50.19
C SER D 125 53.56 -16.03 49.37
N GLY D 126 54.69 -16.33 49.99
CA GLY D 126 55.70 -17.20 49.34
C GLY D 126 55.51 -18.70 49.57
N GLU D 127 54.39 -19.06 50.17
CA GLU D 127 54.15 -20.44 50.55
C GLU D 127 54.13 -21.38 49.34
N CYS D 128 54.82 -22.51 49.47
CA CYS D 128 54.88 -23.52 48.41
C CYS D 128 54.15 -24.82 48.68
N SER D 129 53.64 -25.01 49.90
CA SER D 129 52.88 -26.22 50.18
C SER D 129 51.54 -26.14 49.40
N PRO D 130 50.83 -27.28 49.23
CA PRO D 130 49.60 -27.28 48.45
C PRO D 130 48.37 -26.72 49.16
N TYR D 131 47.53 -26.02 48.38
CA TYR D 131 46.24 -25.48 48.81
C TYR D 131 46.30 -24.57 50.03
N ALA D 132 47.41 -23.86 50.16
CA ALA D 132 47.63 -22.96 51.28
C ALA D 132 46.99 -21.63 50.94
N ASN D 133 45.67 -21.66 50.92
CA ASN D 133 44.86 -20.51 50.52
C ASN D 133 43.65 -20.43 51.45
N VAL D 134 43.37 -19.22 51.94
CA VAL D 134 42.24 -18.98 52.81
C VAL D 134 41.51 -17.72 52.40
N ILE D 135 40.16 -17.78 52.40
CA ILE D 135 39.34 -16.57 52.26
C ILE D 135 38.88 -16.16 53.66
N LEU D 136 39.26 -14.96 54.08
CA LEU D 136 38.88 -14.44 55.40
C LEU D 136 37.74 -13.45 55.22
N CYS D 137 36.71 -13.60 56.03
CA CYS D 137 35.54 -12.72 56.03
C CYS D 137 35.51 -11.79 57.19
N ALA D 138 35.31 -10.51 56.90
CA ALA D 138 35.33 -9.47 57.90
C ALA D 138 34.03 -9.46 58.66
N GLY D 139 34.12 -9.41 59.97
CA GLY D 139 32.95 -9.24 60.80
C GLY D 139 33.27 -9.14 62.29
N VAL D 140 32.36 -8.45 62.98
CA VAL D 140 32.46 -8.27 64.40
C VAL D 140 31.12 -8.60 65.02
N THR D 141 31.16 -9.00 66.28
CA THR D 141 29.95 -9.30 66.99
C THR D 141 29.28 -7.94 67.29
N PHE D 142 27.98 -7.82 66.96
CA PHE D 142 27.20 -6.62 67.24
C PHE D 142 25.72 -6.96 67.38
N ASN E 2 75.43 -9.54 28.68
CA ASN E 2 75.36 -8.04 28.61
C ASN E 2 74.12 -7.45 29.25
N ALA E 3 73.02 -8.20 29.39
CA ALA E 3 71.86 -7.69 30.14
C ALA E 3 72.12 -7.66 31.63
N LYS E 5 69.83 -8.47 33.77
CA LYS E 5 69.09 -9.59 34.30
C LYS E 5 69.87 -10.86 33.97
N LYS E 6 70.19 -11.64 35.00
CA LYS E 6 70.81 -12.95 34.83
C LYS E 6 69.80 -13.89 34.16
N GLY E 7 70.29 -14.81 33.34
CA GLY E 7 69.44 -15.74 32.64
C GLY E 7 69.23 -15.35 31.20
N THR E 8 68.24 -15.94 30.56
CA THR E 8 68.09 -15.80 29.14
C THR E 8 66.74 -15.24 28.70
N VAL E 9 65.81 -15.05 29.63
CA VAL E 9 64.55 -14.41 29.34
C VAL E 9 64.68 -12.91 29.57
N LEU E 10 65.03 -12.18 28.50
CA LEU E 10 65.47 -10.79 28.63
C LEU E 10 64.37 -9.73 28.47
N ASN E 11 63.29 -10.07 27.77
CA ASN E 11 62.27 -9.10 27.53
C ASN E 11 61.57 -8.68 28.81
N SER E 12 61.35 -7.37 28.96
CA SER E 12 60.74 -6.83 30.17
C SER E 12 59.29 -7.19 30.29
N GLU E 13 58.54 -7.13 29.19
CA GLU E 13 57.12 -7.48 29.27
C GLU E 13 56.93 -8.98 29.49
N ILE E 14 57.68 -9.80 28.80
CA ILE E 14 57.54 -11.23 28.95
C ILE E 14 57.88 -11.62 30.38
N SER E 15 58.96 -11.06 30.92
CA SER E 15 59.35 -11.35 32.31
C SER E 15 58.25 -10.96 33.25
N SER E 16 57.71 -9.79 33.03
CA SER E 16 56.64 -9.30 33.87
C SER E 16 55.42 -10.20 33.83
N VAL E 17 54.97 -10.62 32.66
CA VAL E 17 53.73 -11.37 32.64
C VAL E 17 53.96 -12.78 33.23
N ILE E 18 55.10 -13.39 32.94
CA ILE E 18 55.38 -14.71 33.45
C ILE E 18 55.42 -14.68 34.98
N SER E 19 55.92 -13.61 35.55
CA SER E 19 56.00 -13.54 37.00
C SER E 19 54.62 -13.33 37.64
N ARG E 20 53.62 -12.97 36.84
CA ARG E 20 52.27 -12.80 37.35
C ARG E 20 51.42 -14.04 37.20
N LEU E 21 51.90 -15.03 36.46
CA LEU E 21 51.07 -16.20 36.19
C LEU E 21 50.77 -16.99 37.47
N GLY E 22 49.55 -17.50 37.57
CA GLY E 22 49.22 -18.56 38.51
C GLY E 22 48.73 -19.82 37.80
N HIS E 23 48.49 -20.87 38.56
CA HIS E 23 48.02 -22.15 38.04
C HIS E 23 46.76 -21.96 37.16
N THR E 24 46.83 -22.52 35.96
CA THR E 24 45.77 -22.50 34.93
C THR E 24 45.70 -21.24 34.12
N ASP E 25 46.41 -20.16 34.51
CA ASP E 25 46.51 -18.98 33.65
C ASP E 25 47.18 -19.40 32.36
N THR E 26 46.79 -18.77 31.27
CA THR E 26 47.39 -19.09 29.97
C THR E 26 48.14 -17.92 29.36
N LEU E 27 49.02 -18.27 28.44
CA LEU E 27 49.84 -17.33 27.72
C LEU E 27 49.89 -17.85 26.29
N VAL E 28 49.66 -16.97 25.33
CA VAL E 28 49.64 -17.39 23.96
C VAL E 28 50.91 -16.93 23.26
N VAL E 29 51.48 -17.80 22.43
CA VAL E 29 52.50 -17.41 21.48
C VAL E 29 51.88 -17.63 20.13
N CYS E 30 51.88 -16.58 19.31
CA CYS E 30 51.23 -16.62 18.02
C CYS E 30 52.12 -16.20 16.85
N ASP E 31 51.58 -16.39 15.64
CA ASP E 31 52.26 -15.98 14.40
C ASP E 31 51.93 -14.54 13.98
N ALA E 32 52.53 -14.08 12.89
CA ALA E 32 52.43 -12.68 12.48
C ALA E 32 51.03 -12.25 12.05
N GLY E 33 50.13 -13.19 11.82
CA GLY E 33 48.79 -12.83 11.37
C GLY E 33 47.63 -13.07 12.32
N LEU E 34 47.88 -13.60 13.50
CA LEU E 34 46.75 -13.89 14.42
C LEU E 34 46.14 -12.60 14.95
N PRO E 35 44.80 -12.51 14.93
CA PRO E 35 44.20 -11.36 15.58
C PRO E 35 44.29 -11.51 17.09
N ILE E 36 44.44 -10.39 17.77
CA ILE E 36 44.62 -10.35 19.20
C ILE E 36 43.46 -9.60 19.80
N PRO E 37 42.68 -10.27 20.62
CA PRO E 37 41.51 -9.63 21.23
C PRO E 37 41.93 -8.54 22.20
N ASN E 38 41.10 -7.51 22.35
CA ASN E 38 41.44 -6.40 23.25
C ASN E 38 41.19 -6.72 24.72
N SER E 39 40.61 -7.89 25.01
CA SER E 39 40.48 -8.36 26.38
C SER E 39 41.79 -8.94 26.90
N THR E 40 42.85 -8.88 26.11
CA THR E 40 44.09 -9.52 26.46
C THR E 40 45.27 -8.57 26.15
N ALA E 41 46.33 -8.69 26.92
CA ALA E 41 47.51 -7.87 26.75
C ALA E 41 48.25 -8.28 25.48
N ARG E 42 48.77 -7.31 24.75
CA ARG E 42 49.48 -7.55 23.52
C ARG E 42 50.98 -7.30 23.72
N ILE E 43 51.78 -8.35 23.58
CA ILE E 43 53.22 -8.19 23.60
C ILE E 43 53.72 -8.49 22.19
N ASP E 44 54.09 -7.43 21.48
CA ASP E 44 54.43 -7.54 20.07
C ASP E 44 55.94 -7.67 19.92
N ALA E 46 57.20 -9.17 17.16
CA ALA E 46 57.49 -9.34 15.73
C ALA E 46 58.37 -8.18 15.25
N LEU E 47 59.54 -8.50 14.70
CA LEU E 47 60.38 -7.47 14.08
C LEU E 47 60.11 -7.44 12.59
N THR E 48 60.25 -8.60 11.95
CA THR E 48 60.06 -8.73 10.53
C THR E 48 59.77 -10.19 10.20
N GLN E 49 59.52 -10.49 8.93
CA GLN E 49 59.22 -11.86 8.56
C GLN E 49 60.28 -12.80 9.17
N GLY E 50 59.81 -13.79 9.94
CA GLY E 50 60.65 -14.83 10.49
C GLY E 50 61.53 -14.43 11.66
N VAL E 51 61.41 -13.20 12.14
CA VAL E 51 62.26 -12.73 13.22
C VAL E 51 61.42 -12.01 14.28
N PRO E 52 61.33 -12.59 15.46
CA PRO E 52 61.85 -13.90 15.87
C PRO E 52 60.89 -14.96 15.41
N SER E 53 61.35 -16.18 15.31
CA SER E 53 60.51 -17.30 14.89
C SER E 53 59.58 -17.73 16.01
N PHE E 54 58.55 -18.46 15.65
CA PHE E 54 57.63 -19.03 16.65
C PHE E 54 58.39 -19.85 17.70
N GLN E 56 61.55 -19.81 18.54
CA GLN E 56 62.45 -19.03 19.39
C GLN E 56 61.68 -18.43 20.56
N VAL E 57 60.49 -17.97 20.30
CA VAL E 57 59.68 -17.41 21.36
C VAL E 57 59.18 -18.49 22.32
N VAL E 58 58.63 -19.56 21.79
CA VAL E 58 58.12 -20.63 22.65
C VAL E 58 59.24 -21.12 23.56
N ASP E 59 60.39 -21.36 22.96
CA ASP E 59 61.54 -21.86 23.67
C ASP E 59 61.95 -20.92 24.81
N VAL E 60 62.08 -19.63 24.51
CA VAL E 60 62.49 -18.66 25.54
C VAL E 60 61.43 -18.56 26.66
N VAL E 61 60.16 -18.43 26.30
CA VAL E 61 59.08 -18.34 27.28
C VAL E 61 59.07 -19.53 28.22
N THR E 62 59.26 -20.73 27.67
CA THR E 62 59.19 -21.95 28.46
C THR E 62 60.44 -22.16 29.33
N ARG E 63 61.48 -21.37 29.15
CA ARG E 63 62.61 -21.41 30.11
C ARG E 63 62.22 -20.85 31.48
N GLU E 64 61.28 -19.91 31.52
CA GLU E 64 60.83 -19.34 32.80
C GLU E 64 59.43 -19.82 33.23
N GLN E 66 56.41 -22.49 33.89
CA GLN E 66 56.04 -23.87 34.16
C GLN E 66 54.83 -24.24 33.36
N VAL E 67 54.96 -25.15 32.40
CA VAL E 67 53.86 -25.49 31.49
C VAL E 67 53.26 -26.84 31.84
N GLU E 68 51.95 -26.90 32.01
CA GLU E 68 51.28 -28.18 32.25
C GLU E 68 50.45 -28.64 31.03
N ALA E 69 50.15 -27.74 30.09
CA ALA E 69 49.30 -28.09 28.97
C ALA E 69 49.56 -27.18 27.84
N ALA E 70 49.28 -27.65 26.62
CA ALA E 70 49.35 -26.83 25.40
C ALA E 70 48.14 -27.09 24.55
N ILE E 71 47.57 -26.04 23.98
CA ILE E 71 46.46 -26.17 23.06
C ILE E 71 46.85 -25.64 21.68
N LEU E 72 46.43 -26.40 20.65
CA LEU E 72 46.73 -26.09 19.27
C LEU E 72 45.46 -26.15 18.42
N ALA E 73 45.52 -25.50 17.26
CA ALA E 73 44.49 -25.64 16.23
C ALA E 73 44.68 -26.96 15.50
N THR E 74 43.59 -27.69 15.28
CA THR E 74 43.65 -28.95 14.54
C THR E 74 44.29 -28.71 13.16
N GLU E 75 44.09 -27.55 12.57
CA GLU E 75 44.61 -27.22 11.23
C GLU E 75 46.13 -27.29 11.11
N ILE E 76 46.84 -27.18 12.22
CA ILE E 76 48.30 -27.25 12.22
C ILE E 76 48.79 -28.60 11.71
N LYS E 77 48.04 -29.66 12.00
CA LYS E 77 48.49 -31.02 11.71
C LYS E 77 48.72 -31.20 10.22
N GLN E 78 47.73 -30.78 9.42
CA GLN E 78 47.80 -30.90 7.96
C GLN E 78 48.57 -29.78 7.31
N GLN E 79 48.46 -28.58 7.84
CA GLN E 79 48.94 -27.42 7.11
C GLN E 79 50.28 -26.88 7.57
N ASN E 80 50.82 -27.39 8.67
CA ASN E 80 52.17 -27.01 9.09
C ASN E 80 52.82 -28.13 9.89
N PRO E 81 52.89 -29.33 9.30
CA PRO E 81 53.32 -30.53 9.98
C PRO E 81 54.76 -30.48 10.48
N GLN E 82 55.64 -29.83 9.72
CA GLN E 82 57.03 -29.65 10.10
C GLN E 82 57.14 -28.89 11.45
N LEU E 83 56.42 -27.77 11.55
CA LEU E 83 56.44 -26.96 12.77
C LEU E 83 55.72 -27.70 13.91
N HIS E 84 54.63 -28.38 13.57
CA HIS E 84 53.91 -29.20 14.53
C HIS E 84 54.86 -30.19 15.23
N GLU E 85 55.64 -30.90 14.43
CA GLU E 85 56.51 -31.93 14.97
C GLU E 85 57.65 -31.35 15.78
N THR E 86 58.20 -30.21 15.35
CA THR E 86 59.23 -29.53 16.13
C THR E 86 58.71 -29.09 17.48
N LEU E 87 57.47 -28.62 17.51
CA LEU E 87 56.87 -28.15 18.75
C LEU E 87 56.65 -29.32 19.70
N LEU E 88 56.15 -30.43 19.16
CA LEU E 88 55.87 -31.60 19.98
C LEU E 88 57.16 -32.12 20.60
N THR E 89 58.22 -32.19 19.81
CA THR E 89 59.53 -32.61 20.28
C THR E 89 60.00 -31.69 21.42
N HIS E 90 59.87 -30.38 21.23
CA HIS E 90 60.26 -29.41 22.23
C HIS E 90 59.44 -29.55 23.54
N LEU E 91 58.14 -29.74 23.43
CA LEU E 91 57.28 -29.96 24.59
C LEU E 91 57.59 -31.28 25.30
N GLU E 92 58.06 -32.26 24.53
CA GLU E 92 58.48 -33.53 25.08
C GLU E 92 59.73 -33.33 25.96
N GLN E 93 60.68 -32.53 25.50
CA GLN E 93 61.91 -32.27 26.24
C GLN E 93 61.63 -31.41 27.43
N LEU E 94 60.72 -30.46 27.25
CA LEU E 94 60.34 -29.55 28.33
C LEU E 94 59.74 -30.31 29.50
N GLN E 95 58.84 -31.24 29.21
CA GLN E 95 58.20 -31.99 30.28
C GLN E 95 59.17 -32.87 31.04
N GLN E 96 60.16 -33.40 30.32
CA GLN E 96 61.22 -34.20 30.95
C GLN E 96 62.04 -33.30 31.92
N HIS E 97 62.38 -32.09 31.49
CA HIS E 97 63.11 -31.13 32.30
C HIS E 97 62.30 -30.72 33.51
N GLN E 98 61.02 -30.52 33.30
CA GLN E 98 60.11 -30.11 34.36
C GLN E 98 59.73 -31.24 35.29
N GLY E 99 59.87 -32.49 34.85
CA GLY E 99 59.48 -33.64 35.66
C GLY E 99 57.99 -33.85 35.69
N ASN E 100 57.30 -33.46 34.62
CA ASN E 100 55.85 -33.65 34.55
C ASN E 100 55.49 -34.17 33.17
N THR E 101 54.20 -34.15 32.87
CA THR E 101 53.73 -34.56 31.58
C THR E 101 52.80 -33.47 30.99
N ILE E 102 53.22 -32.87 29.89
CA ILE E 102 52.47 -31.80 29.28
C ILE E 102 51.37 -32.36 28.38
N LYS E 103 50.15 -32.02 28.73
CA LYS E 103 48.96 -32.43 28.00
C LYS E 103 48.75 -31.61 26.71
N ILE E 104 48.62 -32.26 25.57
CA ILE E 104 48.41 -31.58 24.30
C ILE E 104 46.99 -31.82 23.86
N SER E 105 46.30 -30.78 23.44
CA SER E 105 44.96 -30.96 22.89
C SER E 105 44.75 -30.02 21.74
N TYR E 106 43.72 -30.32 20.96
CA TYR E 106 43.45 -29.67 19.70
C TYR E 106 42.00 -29.21 19.67
N THR E 107 41.77 -28.02 19.13
CA THR E 107 40.42 -27.51 18.90
C THR E 107 40.42 -26.91 17.51
N THR E 108 39.25 -26.56 17.01
CA THR E 108 39.19 -25.82 15.76
C THR E 108 39.86 -24.46 15.96
N HIS E 109 40.38 -23.89 14.89
CA HIS E 109 41.02 -22.58 14.96
C HIS E 109 40.05 -21.51 15.48
N GLU E 110 38.79 -21.59 15.06
CA GLU E 110 37.79 -20.63 15.55
C GLU E 110 37.69 -20.68 17.06
N GLN E 111 37.73 -21.88 17.60
CA GLN E 111 37.61 -22.07 19.00
C GLN E 111 38.89 -21.65 19.70
N PHE E 112 40.03 -21.90 19.06
CA PHE E 112 41.31 -21.46 19.55
C PHE E 112 41.29 -19.94 19.75
N LYS E 113 40.84 -19.21 18.74
CA LYS E 113 40.78 -17.74 18.81
C LYS E 113 39.93 -17.29 20.00
N LYS E 114 38.81 -17.97 20.24
CA LYS E 114 37.98 -17.65 21.42
C LYS E 114 38.73 -17.89 22.71
N LEU E 115 39.47 -18.98 22.81
CA LEU E 115 40.25 -19.24 24.01
C LEU E 115 41.31 -18.19 24.24
N THR E 116 41.87 -17.62 23.18
CA THR E 116 42.88 -16.55 23.31
C THR E 116 42.35 -15.33 24.05
N ALA E 117 41.03 -15.13 23.98
CA ALA E 117 40.37 -14.03 24.70
C ALA E 117 40.54 -14.14 26.24
N ASP E 118 40.79 -15.33 26.75
CA ASP E 118 40.93 -15.55 28.17
C ASP E 118 42.39 -15.60 28.66
N SER E 119 43.34 -15.43 27.77
CA SER E 119 44.72 -15.51 28.19
C SER E 119 45.16 -14.23 28.88
N GLN E 120 46.28 -14.31 29.60
CA GLN E 120 46.85 -13.16 30.24
C GLN E 120 47.55 -12.28 29.22
N ALA E 121 48.13 -12.89 28.20
CA ALA E 121 48.78 -12.11 27.15
C ALA E 121 48.98 -12.95 25.92
N VAL E 122 49.09 -12.26 24.79
CA VAL E 122 49.47 -12.86 23.53
C VAL E 122 50.83 -12.29 23.12
N ILE E 123 51.80 -13.19 22.98
CA ILE E 123 53.13 -12.80 22.54
C ILE E 123 53.22 -13.09 21.04
N ARG E 124 53.31 -12.03 20.26
CA ARG E 124 53.38 -12.14 18.81
C ARG E 124 54.80 -12.31 18.29
N SER E 125 55.02 -13.38 17.54
CA SER E 125 56.30 -13.63 16.90
C SER E 125 56.24 -13.18 15.46
N GLY E 126 57.37 -13.28 14.78
CA GLY E 126 57.43 -12.96 13.34
C GLY E 126 57.15 -14.12 12.38
N GLU E 127 56.67 -15.23 12.93
CA GLU E 127 56.45 -16.44 12.16
C GLU E 127 55.40 -16.24 11.08
N CYS E 128 55.70 -16.72 9.88
CA CYS E 128 54.83 -16.60 8.73
C CYS E 128 54.19 -17.89 8.25
N SER E 129 54.59 -19.02 8.80
CA SER E 129 53.98 -20.28 8.41
C SER E 129 52.58 -20.35 9.02
N PRO E 130 51.70 -21.22 8.49
CA PRO E 130 50.28 -21.27 8.87
C PRO E 130 50.00 -21.93 10.25
N TYR E 131 49.06 -21.35 10.97
CA TYR E 131 48.58 -21.87 12.23
C TYR E 131 49.67 -22.11 13.29
N ALA E 132 50.70 -21.29 13.24
CA ALA E 132 51.81 -21.35 14.19
C ALA E 132 51.40 -20.56 15.44
N ASN E 133 50.43 -21.12 16.17
CA ASN E 133 49.90 -20.51 17.37
C ASN E 133 49.71 -21.57 18.43
N VAL E 134 50.13 -21.32 19.65
CA VAL E 134 49.89 -22.23 20.76
C VAL E 134 49.42 -21.46 22.00
N ILE E 135 48.50 -22.06 22.74
CA ILE E 135 48.10 -21.58 24.05
C ILE E 135 48.85 -22.44 25.05
N LEU E 136 49.65 -21.83 25.88
CA LEU E 136 50.39 -22.54 26.95
C LEU E 136 49.68 -22.34 28.30
N CYS E 137 49.40 -23.42 29.01
CA CYS E 137 48.79 -23.33 30.35
C CYS E 137 49.79 -23.57 31.46
N ALA E 138 49.78 -22.67 32.46
CA ALA E 138 50.72 -22.69 33.57
C ALA E 138 50.31 -23.76 34.57
N GLY E 139 51.28 -24.59 34.95
CA GLY E 139 51.03 -25.56 35.99
C GLY E 139 52.27 -26.31 36.39
N VAL E 140 52.28 -26.73 37.65
CA VAL E 140 53.36 -27.55 38.19
C VAL E 140 52.76 -28.77 38.85
N THR E 141 53.54 -29.83 39.00
CA THR E 141 53.09 -30.98 39.76
C THR E 141 53.19 -30.68 41.25
N ASN F 2 -26.99 -2.33 18.16
CA ASN F 2 -27.98 -2.71 17.06
C ASN F 2 -27.30 -3.10 15.73
N ALA F 3 -26.01 -2.85 15.52
CA ALA F 3 -25.38 -3.23 14.22
C ALA F 3 -24.99 -4.72 14.15
N LYS F 5 -22.21 -5.80 12.71
CA LYS F 5 -20.77 -5.87 12.91
C LYS F 5 -20.48 -5.64 14.40
N LYS F 6 -19.79 -6.58 15.02
CA LYS F 6 -19.33 -6.43 16.40
C LYS F 6 -18.28 -5.35 16.47
N GLY F 7 -18.21 -4.65 17.58
CA GLY F 7 -17.25 -3.55 17.73
C GLY F 7 -17.90 -2.20 17.49
N THR F 8 -17.10 -1.17 17.29
CA THR F 8 -17.64 0.20 17.28
C THR F 8 -17.32 0.98 16.02
N VAL F 9 -16.53 0.41 15.10
CA VAL F 9 -16.28 1.04 13.84
C VAL F 9 -17.33 0.50 12.86
N LEU F 10 -18.43 1.24 12.73
CA LEU F 10 -19.62 0.74 12.03
C LEU F 10 -19.72 1.13 10.54
N ASN F 11 -19.05 2.20 10.11
CA ASN F 11 -19.18 2.63 8.74
C ASN F 11 -18.58 1.63 7.76
N SER F 12 -19.33 1.31 6.71
CA SER F 12 -18.87 0.33 5.74
C SER F 12 -17.62 0.78 4.96
N GLU F 13 -17.57 2.05 4.55
CA GLU F 13 -16.44 2.53 3.75
C GLU F 13 -15.17 2.67 4.59
N ILE F 14 -15.32 3.18 5.80
CA ILE F 14 -14.21 3.27 6.72
C ILE F 14 -13.66 1.87 7.04
N SER F 15 -14.53 0.92 7.36
CA SER F 15 -14.10 -0.44 7.64
C SER F 15 -13.34 -0.98 6.43
N SER F 16 -13.88 -0.72 5.25
CA SER F 16 -13.26 -1.22 4.03
C SER F 16 -11.86 -0.65 3.84
N VAL F 17 -11.67 0.66 3.98
CA VAL F 17 -10.33 1.16 3.70
C VAL F 17 -9.33 0.76 4.76
N ILE F 18 -9.77 0.75 6.02
CA ILE F 18 -8.89 0.39 7.09
C ILE F 18 -8.38 -1.04 6.89
N SER F 19 -9.24 -1.93 6.40
CA SER F 19 -8.85 -3.32 6.15
C SER F 19 -7.90 -3.49 4.96
N ARG F 20 -7.81 -2.48 4.09
CA ARG F 20 -6.93 -2.53 2.94
C ARG F 20 -5.58 -1.86 3.21
N LEU F 21 -5.40 -1.26 4.37
CA LEU F 21 -4.15 -0.53 4.61
C LEU F 21 -2.98 -1.48 4.81
N GLY F 22 -1.84 -1.08 4.29
CA GLY F 22 -0.56 -1.67 4.65
C GLY F 22 0.35 -0.65 5.31
N HIS F 23 1.51 -1.12 5.77
CA HIS F 23 2.50 -0.26 6.43
C HIS F 23 2.87 0.94 5.55
N THR F 24 2.80 2.13 6.15
CA THR F 24 3.11 3.42 5.51
C THR F 24 2.00 4.00 4.65
N ASP F 25 0.95 3.24 4.36
CA ASP F 25 -0.24 3.80 3.76
C ASP F 25 -0.80 4.85 4.71
N THR F 26 -1.43 5.89 4.18
CA THR F 26 -1.99 6.97 4.97
C THR F 26 -3.48 7.10 4.79
N LEU F 27 -4.11 7.63 5.82
CA LEU F 27 -5.54 7.91 5.81
C LEU F 27 -5.69 9.33 6.35
N VAL F 28 -6.49 10.17 5.71
CA VAL F 28 -6.71 11.53 6.19
C VAL F 28 -8.08 11.67 6.87
N VAL F 29 -8.11 12.36 8.01
CA VAL F 29 -9.36 12.81 8.62
C VAL F 29 -9.30 14.32 8.52
N CYS F 30 -10.31 14.91 7.87
CA CYS F 30 -10.31 16.36 7.61
C CYS F 30 -11.58 17.08 8.08
N ASP F 31 -11.52 18.40 8.03
CA ASP F 31 -12.66 19.22 8.41
C ASP F 31 -13.57 19.53 7.21
N ALA F 32 -14.65 20.24 7.47
CA ALA F 32 -15.70 20.42 6.48
C ALA F 32 -15.25 21.23 5.25
N GLY F 33 -14.12 21.93 5.33
CA GLY F 33 -13.68 22.77 4.23
C GLY F 33 -12.50 22.30 3.43
N LEU F 34 -11.85 21.21 3.79
CA LEU F 34 -10.64 20.80 3.07
C LEU F 34 -10.96 20.29 1.67
N PRO F 35 -10.22 20.75 0.64
CA PRO F 35 -10.38 20.14 -0.67
C PRO F 35 -9.82 18.74 -0.68
N ILE F 36 -10.47 17.90 -1.46
CA ILE F 36 -10.07 16.49 -1.57
C ILE F 36 -9.65 16.23 -3.01
N PRO F 37 -8.37 15.89 -3.19
CA PRO F 37 -7.90 15.61 -4.54
C PRO F 37 -8.59 14.38 -5.13
N ASN F 38 -8.74 14.37 -6.45
CA ASN F 38 -9.40 13.25 -7.14
C ASN F 38 -8.53 12.01 -7.27
N SER F 39 -7.26 12.11 -6.92
CA SER F 39 -6.37 10.93 -6.88
C SER F 39 -6.59 10.12 -5.58
N THR F 40 -7.59 10.51 -4.79
CA THR F 40 -7.82 9.85 -3.50
C THR F 40 -9.31 9.62 -3.33
N ALA F 41 -9.65 8.56 -2.60
CA ALA F 41 -11.04 8.22 -2.34
C ALA F 41 -11.63 9.17 -1.30
N ARG F 42 -12.88 9.54 -1.54
CA ARG F 42 -13.55 10.50 -0.71
C ARG F 42 -14.59 9.74 0.11
N ILE F 43 -14.45 9.77 1.44
CA ILE F 43 -15.47 9.21 2.33
C ILE F 43 -16.09 10.38 3.08
N ASP F 44 -17.30 10.76 2.69
CA ASP F 44 -17.92 11.96 3.22
C ASP F 44 -18.81 11.60 4.39
N ALA F 46 -19.49 13.97 6.75
CA ALA F 46 -20.07 15.23 7.25
C ALA F 46 -21.56 15.17 7.07
N LEU F 47 -22.32 15.34 8.16
CA LEU F 47 -23.78 15.50 8.06
C LEU F 47 -24.17 16.97 8.08
N THR F 48 -23.66 17.71 9.08
CA THR F 48 -23.97 19.10 9.23
C THR F 48 -22.86 19.68 10.13
N GLN F 49 -22.88 20.98 10.34
CA GLN F 49 -21.87 21.65 11.12
C GLN F 49 -21.67 20.96 12.47
N GLY F 50 -20.44 20.52 12.72
CA GLY F 50 -20.06 19.87 13.98
C GLY F 50 -20.45 18.41 14.15
N VAL F 51 -21.12 17.84 13.17
CA VAL F 51 -21.63 16.48 13.28
C VAL F 51 -21.21 15.67 12.05
N PRO F 52 -20.36 14.66 12.25
CA PRO F 52 -19.61 14.33 13.45
C PRO F 52 -18.43 15.25 13.60
N SER F 53 -17.91 15.36 14.81
CA SER F 53 -16.74 16.18 15.07
C SER F 53 -15.47 15.54 14.56
N PHE F 54 -14.45 16.34 14.40
CA PHE F 54 -13.14 15.86 13.98
C PHE F 54 -12.63 14.77 14.93
N GLN F 56 -14.37 12.89 16.99
CA GLN F 56 -15.17 11.67 16.96
C GLN F 56 -14.66 10.74 15.85
N VAL F 57 -14.33 11.31 14.70
CA VAL F 57 -13.88 10.50 13.57
C VAL F 57 -12.48 9.95 13.85
N VAL F 58 -11.57 10.78 14.34
CA VAL F 58 -10.20 10.36 14.61
C VAL F 58 -10.23 9.23 15.62
N ASP F 59 -11.03 9.41 16.65
CA ASP F 59 -11.14 8.39 17.69
C ASP F 59 -11.61 7.06 17.10
N VAL F 60 -12.74 7.08 16.40
CA VAL F 60 -13.29 5.84 15.87
C VAL F 60 -12.33 5.14 14.89
N VAL F 61 -11.74 5.90 13.97
CA VAL F 61 -10.80 5.35 13.00
C VAL F 61 -9.64 4.68 13.70
N THR F 62 -9.11 5.29 14.74
CA THR F 62 -7.93 4.73 15.43
C THR F 62 -8.26 3.56 16.33
N ARG F 63 -9.53 3.25 16.54
CA ARG F 63 -9.89 2.00 17.23
C ARG F 63 -9.58 0.78 16.39
N GLU F 64 -9.58 0.93 15.07
CA GLU F 64 -9.26 -0.19 14.17
C GLU F 64 -7.86 -0.05 13.52
N GLN F 66 -3.93 0.78 13.16
CA GLN F 66 -2.64 0.86 13.83
C GLN F 66 -1.92 2.09 13.35
N VAL F 67 -1.66 3.06 14.24
CA VAL F 67 -1.04 4.31 13.82
C VAL F 67 0.40 4.44 14.29
N GLU F 68 1.30 4.77 13.38
CA GLU F 68 2.73 4.97 13.75
C GLU F 68 3.17 6.43 13.68
N ALA F 69 2.40 7.25 12.98
CA ALA F 69 2.75 8.65 12.82
C ALA F 69 1.53 9.48 12.44
N ALA F 70 1.63 10.78 12.72
CA ALA F 70 0.61 11.73 12.37
C ALA F 70 1.26 13.00 11.82
N ILE F 71 0.64 13.55 10.78
CA ILE F 71 1.09 14.76 10.16
C ILE F 71 0.00 15.84 10.30
N LEU F 72 0.44 17.05 10.70
CA LEU F 72 -0.46 18.18 10.89
C LEU F 72 0.07 19.42 10.20
N ALA F 73 -0.82 20.36 9.95
CA ALA F 73 -0.41 21.71 9.47
C ALA F 73 0.17 22.52 10.62
N THR F 74 1.26 23.24 10.36
CA THR F 74 1.83 24.14 11.35
C THR F 74 0.77 25.11 11.90
N GLU F 75 -0.11 25.55 11.01
CA GLU F 75 -1.14 26.54 11.34
C GLU F 75 -2.08 26.12 12.48
N ILE F 76 -2.20 24.82 12.77
CA ILE F 76 -3.09 24.35 13.83
C ILE F 76 -2.60 24.79 15.20
N LYS F 77 -1.30 24.96 15.37
CA LYS F 77 -0.74 25.30 16.68
C LYS F 77 -1.24 26.66 17.18
N GLN F 78 -1.19 27.69 16.32
CA GLN F 78 -1.65 29.05 16.70
C GLN F 78 -3.14 29.23 16.54
N GLN F 79 -3.73 28.62 15.53
CA GLN F 79 -5.10 28.95 15.16
C GLN F 79 -6.15 27.97 15.63
N ASN F 80 -5.75 26.84 16.19
CA ASN F 80 -6.69 25.92 16.81
C ASN F 80 -6.04 25.16 17.99
N PRO F 81 -5.45 25.89 18.93
CA PRO F 81 -4.68 25.25 20.00
C PRO F 81 -5.47 24.30 20.90
N GLN F 82 -6.73 24.60 21.17
CA GLN F 82 -7.50 23.69 22.02
C GLN F 82 -7.69 22.32 21.31
N LEU F 83 -7.96 22.31 20.00
CA LEU F 83 -8.09 21.05 19.29
C LEU F 83 -6.74 20.36 19.17
N HIS F 84 -5.71 21.14 18.88
CA HIS F 84 -4.35 20.61 18.80
C HIS F 84 -3.98 19.84 20.09
N GLU F 85 -4.22 20.46 21.24
CA GLU F 85 -4.03 19.83 22.53
C GLU F 85 -4.84 18.52 22.69
N THR F 86 -6.14 18.55 22.39
CA THR F 86 -6.98 17.35 22.54
C THR F 86 -6.46 16.20 21.70
N LEU F 87 -6.00 16.52 20.48
CA LEU F 87 -5.51 15.54 19.54
C LEU F 87 -4.20 14.95 20.04
N LEU F 88 -3.32 15.79 20.56
CA LEU F 88 -2.07 15.28 21.09
C LEU F 88 -2.33 14.33 22.27
N THR F 89 -3.25 14.70 23.15
CA THR F 89 -3.62 13.88 24.28
C THR F 89 -4.14 12.52 23.81
N HIS F 90 -5.01 12.56 22.80
CA HIS F 90 -5.58 11.33 22.25
C HIS F 90 -4.46 10.43 21.66
N LEU F 91 -3.59 11.03 20.87
CA LEU F 91 -2.49 10.30 20.29
C LEU F 91 -1.53 9.73 21.34
N GLU F 92 -1.42 10.41 22.46
CA GLU F 92 -0.64 9.90 23.59
C GLU F 92 -1.25 8.64 24.21
N GLN F 93 -2.57 8.65 24.35
CA GLN F 93 -3.29 7.49 24.89
C GLN F 93 -3.32 6.33 23.91
N LEU F 94 -3.43 6.67 22.64
CA LEU F 94 -3.40 5.69 21.58
C LEU F 94 -2.08 4.91 21.56
N GLN F 95 -0.96 5.63 21.58
CA GLN F 95 0.34 5.00 21.56
C GLN F 95 0.54 4.10 22.79
N GLN F 96 0.02 4.51 23.93
CA GLN F 96 0.10 3.67 25.11
C GLN F 96 -0.67 2.36 24.89
N HIS F 97 -1.89 2.46 24.37
CA HIS F 97 -2.71 1.29 24.12
C HIS F 97 -2.08 0.40 23.05
N GLN F 98 -1.44 1.02 22.07
CA GLN F 98 -0.77 0.30 21.00
C GLN F 98 0.57 -0.28 21.42
N GLY F 99 1.18 0.28 22.45
CA GLY F 99 2.51 -0.14 22.87
C GLY F 99 3.60 0.37 21.93
N ASN F 100 3.36 1.50 21.31
CA ASN F 100 4.38 2.11 20.45
C ASN F 100 4.49 3.58 20.75
N THR F 101 5.20 4.30 19.90
CA THR F 101 5.36 5.72 20.08
C THR F 101 5.04 6.41 18.76
N ILE F 102 3.98 7.21 18.76
CA ILE F 102 3.51 7.86 17.56
C ILE F 102 4.30 9.10 17.29
N LYS F 103 4.93 9.16 16.13
CA LYS F 103 5.66 10.35 15.69
C LYS F 103 4.76 11.44 15.11
N ILE F 104 4.90 12.65 15.63
CA ILE F 104 4.14 13.78 15.17
C ILE F 104 5.07 14.70 14.38
N SER F 105 4.60 15.15 13.24
CA SER F 105 5.33 16.17 12.52
C SER F 105 4.40 17.20 11.89
N TYR F 106 4.98 18.35 11.58
CA TYR F 106 4.27 19.53 11.12
C TYR F 106 4.84 20.02 9.82
N THR F 107 3.98 20.33 8.85
CA THR F 107 4.39 20.93 7.59
C THR F 107 3.49 22.15 7.34
N THR F 108 3.81 22.95 6.33
CA THR F 108 2.87 24.00 5.96
C THR F 108 1.57 23.33 5.47
N HIS F 109 0.47 24.07 5.58
CA HIS F 109 -0.80 23.62 5.09
C HIS F 109 -0.77 23.33 3.59
N GLU F 110 -0.06 24.17 2.83
CA GLU F 110 0.10 23.92 1.39
C GLU F 110 0.71 22.55 1.16
N GLN F 111 1.74 22.24 1.93
CA GLN F 111 2.43 20.97 1.78
C GLN F 111 1.57 19.80 2.30
N PHE F 112 0.81 20.05 3.35
CA PHE F 112 -0.15 19.09 3.88
C PHE F 112 -1.12 18.66 2.77
N LYS F 113 -1.70 19.62 2.08
CA LYS F 113 -2.66 19.34 1.01
C LYS F 113 -1.99 18.47 -0.09
N LYS F 114 -0.74 18.74 -0.44
CA LYS F 114 -0.05 17.89 -1.39
C LYS F 114 0.09 16.45 -0.89
N LEU F 115 0.42 16.29 0.37
CA LEU F 115 0.52 14.94 0.95
C LEU F 115 -0.81 14.19 0.94
N THR F 116 -1.92 14.90 1.07
CA THR F 116 -3.22 14.25 1.00
C THR F 116 -3.47 13.60 -0.36
N ALA F 117 -2.79 14.09 -1.40
CA ALA F 117 -2.91 13.48 -2.73
C ALA F 117 -2.42 12.02 -2.80
N ASP F 118 -1.59 11.63 -1.83
CA ASP F 118 -1.02 10.29 -1.76
C ASP F 118 -1.74 9.35 -0.77
N SER F 119 -2.75 9.82 -0.09
CA SER F 119 -3.41 8.95 0.86
C SER F 119 -4.37 7.99 0.18
N GLN F 120 -4.78 6.97 0.92
CA GLN F 120 -5.73 5.99 0.41
C GLN F 120 -7.15 6.55 0.42
N ALA F 121 -7.46 7.39 1.40
CA ALA F 121 -8.79 8.00 1.48
C ALA F 121 -8.75 9.22 2.35
N VAL F 122 -9.66 10.15 2.13
CA VAL F 122 -9.87 11.26 3.05
C VAL F 122 -11.28 11.10 3.62
N ILE F 123 -11.34 11.03 4.94
CA ILE F 123 -12.57 10.88 5.67
C ILE F 123 -12.93 12.25 6.13
N ARG F 124 -14.00 12.80 5.56
CA ARG F 124 -14.45 14.16 5.84
C ARG F 124 -15.42 14.20 7.03
N SER F 125 -15.07 15.00 8.04
CA SER F 125 -15.91 15.24 9.21
C SER F 125 -16.71 16.52 9.03
N GLY F 126 -17.57 16.80 10.00
CA GLY F 126 -18.34 18.05 10.01
C GLY F 126 -17.69 19.18 10.81
N GLU F 127 -16.44 19.00 11.19
CA GLU F 127 -15.71 19.96 11.99
C GLU F 127 -15.56 21.28 11.26
N CYS F 128 -15.83 22.37 11.99
CA CYS F 128 -15.77 23.74 11.44
C CYS F 128 -14.62 24.61 11.96
N SER F 129 -13.89 24.15 12.96
CA SER F 129 -12.80 24.93 13.48
C SER F 129 -11.67 24.85 12.44
N PRO F 130 -10.68 25.77 12.51
CA PRO F 130 -9.61 25.86 11.50
C PRO F 130 -8.54 24.77 11.58
N TYR F 131 -8.10 24.33 10.41
CA TYR F 131 -6.98 23.41 10.25
C TYR F 131 -7.15 22.10 11.01
N ALA F 132 -8.40 21.67 11.17
CA ALA F 132 -8.71 20.42 11.86
C ALA F 132 -8.56 19.29 10.85
N ASN F 133 -7.33 19.03 10.46
CA ASN F 133 -7.01 18.03 9.47
C ASN F 133 -5.76 17.28 9.93
N VAL F 134 -5.77 15.95 9.86
CA VAL F 134 -4.60 15.16 10.21
C VAL F 134 -4.42 14.06 9.19
N ILE F 135 -3.16 13.77 8.84
CA ILE F 135 -2.78 12.60 8.07
C ILE F 135 -2.28 11.52 9.04
N LEU F 136 -2.97 10.39 9.09
CA LEU F 136 -2.54 9.26 9.92
C LEU F 136 -1.77 8.29 9.06
N CYS F 137 -0.64 7.81 9.57
CA CYS F 137 0.19 6.82 8.91
C CYS F 137 0.09 5.47 9.59
N ALA F 138 -0.17 4.43 8.79
CA ALA F 138 -0.34 3.07 9.31
C ALA F 138 1.02 2.48 9.64
N GLY F 139 1.13 1.93 10.85
CA GLY F 139 2.30 1.15 11.23
C GLY F 139 2.19 0.45 12.57
N VAL F 140 2.91 -0.65 12.71
CA VAL F 140 3.00 -1.37 13.97
C VAL F 140 4.44 -1.71 14.21
N THR F 141 4.73 -2.23 15.39
CA THR F 141 6.04 -2.85 15.70
C THR F 141 6.15 -4.29 15.23
N ASN G 2 -42.11 24.44 -6.57
CA ASN G 2 -42.50 23.12 -7.21
C ASN G 2 -41.51 21.93 -7.07
N ALA G 3 -40.21 22.14 -7.10
CA ALA G 3 -39.25 21.03 -6.88
C ALA G 3 -39.32 20.50 -5.45
N LYS G 5 -36.59 19.82 -3.75
CA LYS G 5 -35.51 20.48 -3.00
C LYS G 5 -35.92 21.88 -2.67
N LYS G 6 -35.87 22.23 -1.38
CA LYS G 6 -36.12 23.59 -0.91
C LYS G 6 -34.98 24.49 -1.40
N GLY G 7 -35.26 25.74 -1.67
CA GLY G 7 -34.24 26.65 -2.16
C GLY G 7 -34.34 26.87 -3.66
N THR G 8 -33.31 27.45 -4.24
CA THR G 8 -33.38 27.91 -5.61
C THR G 8 -32.36 27.28 -6.55
N VAL G 9 -31.44 26.51 -6.00
CA VAL G 9 -30.46 25.78 -6.79
C VAL G 9 -31.02 24.40 -7.09
N LEU G 10 -31.68 24.28 -8.23
CA LEU G 10 -32.47 23.10 -8.54
C LEU G 10 -31.73 22.00 -9.31
N ASN G 11 -30.72 22.35 -10.08
CA ASN G 11 -30.07 21.37 -10.93
C ASN G 11 -29.33 20.33 -10.12
N SER G 12 -29.51 19.05 -10.46
CA SER G 12 -28.94 17.98 -9.68
C SER G 12 -27.42 17.92 -9.79
N GLU G 13 -26.86 18.15 -10.97
CA GLU G 13 -25.40 18.11 -11.12
C GLU G 13 -24.74 19.32 -10.46
N ILE G 14 -25.33 20.50 -10.61
CA ILE G 14 -24.78 21.67 -9.96
C ILE G 14 -24.83 21.49 -8.42
N SER G 15 -25.95 20.99 -7.90
CA SER G 15 -26.07 20.78 -6.45
C SER G 15 -25.00 19.81 -5.99
N SER G 16 -24.80 18.75 -6.76
CA SER G 16 -23.81 17.74 -6.41
C SER G 16 -22.37 18.30 -6.41
N VAL G 17 -21.95 19.02 -7.44
CA VAL G 17 -20.57 19.53 -7.46
C VAL G 17 -20.33 20.53 -6.34
N ILE G 18 -21.30 21.42 -6.12
CA ILE G 18 -21.12 22.46 -5.12
C ILE G 18 -20.92 21.83 -3.76
N SER G 19 -21.66 20.76 -3.48
CA SER G 19 -21.63 20.10 -2.18
C SER G 19 -20.34 19.33 -1.98
N ARG G 20 -19.57 19.18 -3.05
CA ARG G 20 -18.34 18.44 -3.01
C ARG G 20 -17.16 19.39 -2.96
N LEU G 21 -17.39 20.69 -3.09
CA LEU G 21 -16.30 21.67 -3.12
C LEU G 21 -15.62 21.85 -1.77
N GLY G 22 -14.29 21.99 -1.80
CA GLY G 22 -13.52 22.47 -0.66
C GLY G 22 -12.78 23.77 -0.93
N HIS G 23 -12.18 24.31 0.12
CA HIS G 23 -11.44 25.56 -0.02
C HIS G 23 -10.40 25.51 -1.14
N THR G 24 -10.45 26.52 -1.99
CA THR G 24 -9.60 26.69 -3.19
C THR G 24 -9.96 25.81 -4.40
N ASP G 25 -10.91 24.88 -4.24
CA ASP G 25 -11.47 24.23 -5.42
C ASP G 25 -12.13 25.29 -6.31
N THR G 26 -12.13 25.06 -7.60
CA THR G 26 -12.73 26.04 -8.51
C THR G 26 -13.87 25.43 -9.31
N LEU G 27 -14.75 26.30 -9.76
CA LEU G 27 -15.91 25.95 -10.57
C LEU G 27 -16.00 26.96 -11.68
N VAL G 28 -16.15 26.52 -12.92
CA VAL G 28 -16.21 27.47 -14.04
C VAL G 28 -17.64 27.63 -14.54
N VAL G 29 -18.03 28.87 -14.80
CA VAL G 29 -19.22 29.14 -15.56
C VAL G 29 -18.77 29.74 -16.89
N CYS G 30 -19.19 29.15 -17.99
CA CYS G 30 -18.68 29.56 -19.30
C CYS G 30 -19.79 29.86 -20.31
N ASP G 31 -19.36 30.43 -21.45
CA ASP G 31 -20.26 30.73 -22.54
C ASP G 31 -20.39 29.57 -23.51
N ALA G 32 -21.25 29.74 -24.51
CA ALA G 32 -21.65 28.64 -25.39
C ALA G 32 -20.51 28.12 -26.26
N GLY G 33 -19.42 28.89 -26.37
CA GLY G 33 -18.29 28.54 -27.23
C GLY G 33 -17.01 28.03 -26.56
N LEU G 34 -16.93 28.05 -25.23
CA LEU G 34 -15.70 27.67 -24.55
C LEU G 34 -15.43 26.16 -24.68
N PRO G 35 -14.20 25.79 -25.05
CA PRO G 35 -13.84 24.40 -25.03
C PRO G 35 -13.69 23.91 -23.61
N ILE G 36 -14.07 22.66 -23.38
CA ILE G 36 -14.07 22.11 -22.04
C ILE G 36 -13.08 20.95 -22.03
N PRO G 37 -12.00 21.08 -21.27
CA PRO G 37 -11.03 19.98 -21.25
C PRO G 37 -11.65 18.72 -20.65
N ASN G 38 -11.17 17.57 -21.07
CA ASN G 38 -11.72 16.30 -20.55
C ASN G 38 -11.18 15.95 -19.15
N SER G 39 -10.24 16.72 -18.64
CA SER G 39 -9.77 16.55 -17.26
C SER G 39 -10.77 17.15 -16.25
N THR G 40 -11.89 17.70 -16.74
CA THR G 40 -12.90 18.34 -15.89
C THR G 40 -14.30 17.84 -16.29
N ALA G 41 -15.21 17.84 -15.31
CA ALA G 41 -16.58 17.44 -15.52
C ALA G 41 -17.31 18.51 -16.31
N ARG G 42 -18.16 18.09 -17.21
CA ARG G 42 -18.90 18.95 -18.08
C ARG G 42 -20.37 18.94 -17.61
N ILE G 43 -20.86 20.10 -17.17
CA ILE G 43 -22.27 20.29 -16.85
C ILE G 43 -22.86 21.24 -17.90
N ASP G 44 -23.59 20.67 -18.85
CA ASP G 44 -24.08 21.42 -20.00
C ASP G 44 -25.49 21.94 -19.74
N ALA G 46 -26.58 24.67 -21.35
CA ALA G 46 -26.99 25.44 -22.54
C ALA G 46 -28.20 24.79 -23.22
N LEU G 47 -29.30 25.51 -23.31
CA LEU G 47 -30.49 25.05 -24.06
C LEU G 47 -30.47 25.59 -25.48
N THR G 48 -30.34 26.91 -25.59
CA THR G 48 -30.32 27.57 -26.88
C THR G 48 -29.66 28.92 -26.71
N GLN G 49 -29.50 29.66 -27.79
CA GLN G 49 -28.82 30.95 -27.72
C GLN G 49 -29.43 31.82 -26.60
N GLY G 50 -28.59 32.23 -25.65
CA GLY G 50 -29.01 33.11 -24.56
C GLY G 50 -29.82 32.48 -23.43
N VAL G 51 -30.05 31.17 -23.48
CA VAL G 51 -30.89 30.51 -22.47
C VAL G 51 -30.23 29.25 -21.97
N PRO G 52 -29.84 29.25 -20.68
CA PRO G 52 -29.85 30.38 -19.74
C PRO G 52 -28.68 31.29 -19.98
N SER G 53 -28.76 32.52 -19.50
CA SER G 53 -27.71 33.50 -19.68
C SER G 53 -26.56 33.23 -18.72
N PHE G 54 -25.40 33.78 -19.01
CA PHE G 54 -24.22 33.68 -18.15
C PHE G 54 -24.54 34.15 -16.75
N GLN G 56 -27.50 34.45 -15.23
CA GLN G 56 -28.44 33.58 -14.51
C GLN G 56 -27.73 32.42 -13.83
N VAL G 57 -26.75 31.83 -14.53
CA VAL G 57 -26.04 30.70 -14.00
C VAL G 57 -25.13 31.18 -12.89
N VAL G 58 -24.38 32.25 -13.11
CA VAL G 58 -23.49 32.73 -12.08
C VAL G 58 -24.29 32.99 -10.79
N ASP G 59 -25.40 33.67 -10.97
CA ASP G 59 -26.23 34.06 -9.84
C ASP G 59 -26.69 32.86 -9.05
N VAL G 60 -27.23 31.86 -9.75
CA VAL G 60 -27.78 30.68 -9.08
C VAL G 60 -26.67 29.86 -8.37
N VAL G 61 -25.56 29.65 -9.07
CA VAL G 61 -24.42 28.96 -8.47
C VAL G 61 -23.95 29.63 -7.20
N THR G 62 -23.84 30.96 -7.20
CA THR G 62 -23.32 31.68 -6.03
C THR G 62 -24.34 31.80 -4.87
N ARG G 63 -25.57 31.39 -5.08
CA ARG G 63 -26.50 31.26 -3.95
C ARG G 63 -26.16 30.13 -3.01
N GLU G 64 -25.51 29.09 -3.51
CA GLU G 64 -25.06 27.97 -2.67
C GLU G 64 -23.52 27.95 -2.43
N GLN G 66 -19.82 29.38 -1.61
CA GLN G 66 -19.02 30.42 -0.96
C GLN G 66 -17.88 30.79 -1.86
N VAL G 67 -17.86 32.03 -2.32
CA VAL G 67 -16.82 32.47 -3.27
C VAL G 67 -15.82 33.39 -2.58
N GLU G 68 -14.53 33.09 -2.73
CA GLU G 68 -13.48 33.98 -2.20
C GLU G 68 -12.78 34.75 -3.31
N ALA G 69 -12.86 34.28 -4.54
CA ALA G 69 -12.12 34.93 -5.61
C ALA G 69 -12.75 34.55 -6.94
N ALA G 70 -12.44 35.37 -7.96
CA ALA G 70 -12.95 35.15 -9.30
C ALA G 70 -11.83 35.51 -10.28
N ILE G 71 -11.69 34.69 -11.32
CA ILE G 71 -10.70 34.93 -12.38
C ILE G 71 -11.38 35.10 -13.70
N LEU G 72 -10.96 36.12 -14.45
CA LEU G 72 -11.52 36.44 -15.75
C LEU G 72 -10.40 36.63 -16.78
N ALA G 73 -10.76 36.49 -18.06
CA ALA G 73 -9.85 36.82 -19.13
C ALA G 73 -9.79 38.33 -19.28
N THR G 74 -8.58 38.86 -19.49
CA THR G 74 -8.37 40.30 -19.72
C THR G 74 -9.23 40.81 -20.88
N GLU G 75 -9.43 39.97 -21.89
CA GLU G 75 -10.19 40.32 -23.09
C GLU G 75 -11.60 40.79 -22.81
N ILE G 76 -12.18 40.37 -21.68
CA ILE G 76 -13.55 40.75 -21.32
C ILE G 76 -13.71 42.26 -21.08
N LYS G 77 -12.64 42.90 -20.60
CA LYS G 77 -12.69 44.34 -20.29
C LYS G 77 -13.08 45.18 -21.52
N GLN G 78 -12.39 44.94 -22.63
CA GLN G 78 -12.59 45.67 -23.89
C GLN G 78 -13.71 45.10 -24.72
N GLN G 79 -13.87 43.78 -24.73
CA GLN G 79 -14.75 43.13 -25.73
C GLN G 79 -16.12 42.76 -25.20
N ASN G 80 -16.34 42.88 -23.90
CA ASN G 80 -17.66 42.67 -23.32
C ASN G 80 -17.84 43.50 -22.02
N PRO G 81 -17.68 44.82 -22.14
CA PRO G 81 -17.71 45.68 -20.98
C PRO G 81 -19.00 45.67 -20.20
N GLN G 82 -20.15 45.63 -20.86
CA GLN G 82 -21.35 45.66 -20.04
CA GLN G 82 -21.45 45.61 -20.15
C GLN G 82 -21.59 44.35 -19.28
N LEU G 83 -21.19 43.21 -19.83
CA LEU G 83 -21.27 41.98 -19.03
C LEU G 83 -20.22 41.99 -17.92
N HIS G 84 -19.03 42.53 -18.23
CA HIS G 84 -17.98 42.70 -17.22
C HIS G 84 -18.50 43.48 -16.02
N GLU G 85 -19.18 44.57 -16.31
CA GLU G 85 -19.68 45.50 -15.29
C GLU G 85 -20.74 44.81 -14.40
N THR G 86 -21.70 44.15 -15.06
CA THR G 86 -22.79 43.47 -14.35
C THR G 86 -22.20 42.42 -13.42
N LEU G 87 -21.19 41.71 -13.90
CA LEU G 87 -20.59 40.65 -13.08
C LEU G 87 -19.87 41.26 -11.85
N LEU G 88 -19.15 42.36 -12.06
CA LEU G 88 -18.45 42.99 -10.95
C LEU G 88 -19.42 43.47 -9.89
N THR G 89 -20.54 44.08 -10.33
CA THR G 89 -21.63 44.53 -9.43
C THR G 89 -22.23 43.37 -8.65
N HIS G 90 -22.48 42.28 -9.34
CA HIS G 90 -23.00 41.12 -8.66
C HIS G 90 -22.02 40.59 -7.63
N LEU G 91 -20.74 40.48 -7.99
CA LEU G 91 -19.72 39.97 -7.06
C LEU G 91 -19.57 40.92 -5.87
N GLU G 92 -19.81 42.19 -6.11
CA GLU G 92 -19.80 43.19 -5.04
C GLU G 92 -20.92 42.92 -4.03
N GLN G 93 -22.09 42.62 -4.55
CA GLN G 93 -23.25 42.33 -3.69
C GLN G 93 -23.07 40.99 -2.98
N LEU G 94 -22.51 40.03 -3.69
CA LEU G 94 -22.26 38.72 -3.11
C LEU G 94 -21.31 38.81 -1.91
N GLN G 95 -20.22 39.57 -2.07
CA GLN G 95 -19.25 39.69 -0.99
C GLN G 95 -19.90 40.34 0.24
N GLN G 96 -20.77 41.31 0.00
CA GLN G 96 -21.46 41.96 1.09
C GLN G 96 -22.34 40.95 1.85
N HIS G 97 -23.06 40.07 1.17
CA HIS G 97 -23.88 39.07 1.88
C HIS G 97 -23.01 38.02 2.54
N GLN G 98 -21.91 37.69 1.88
CA GLN G 98 -21.00 36.71 2.44
C GLN G 98 -20.23 37.27 3.62
N GLY G 99 -20.11 38.60 3.69
CA GLY G 99 -19.31 39.23 4.72
C GLY G 99 -17.82 39.10 4.49
N ASN G 100 -17.40 39.02 3.24
CA ASN G 100 -15.97 38.91 2.91
C ASN G 100 -15.65 39.85 1.77
N THR G 101 -14.48 39.67 1.19
CA THR G 101 -14.11 40.48 0.05
C THR G 101 -13.58 39.56 -1.08
N ILE G 102 -14.29 39.56 -2.20
CA ILE G 102 -13.96 38.71 -3.32
C ILE G 102 -12.90 39.31 -4.22
N LYS G 103 -11.79 38.61 -4.29
CA LYS G 103 -10.66 39.03 -5.10
C LYS G 103 -10.90 38.78 -6.57
N ILE G 104 -10.66 39.78 -7.40
CA ILE G 104 -10.82 39.65 -8.83
C ILE G 104 -9.48 39.72 -9.48
N SER G 105 -9.19 38.82 -10.41
CA SER G 105 -7.95 38.91 -11.17
C SER G 105 -8.15 38.52 -12.62
N TYR G 106 -7.18 38.92 -13.43
CA TYR G 106 -7.25 38.80 -14.86
C TYR G 106 -6.04 38.08 -15.37
N THR G 107 -6.24 37.22 -16.35
CA THR G 107 -5.16 36.56 -17.05
C THR G 107 -5.48 36.62 -18.51
N THR G 108 -4.57 36.22 -19.37
CA THR G 108 -4.91 36.08 -20.79
C THR G 108 -5.92 34.95 -20.93
N HIS G 109 -6.67 34.97 -22.00
CA HIS G 109 -7.64 33.92 -22.26
C HIS G 109 -6.97 32.57 -22.42
N GLU G 110 -5.80 32.55 -23.05
CA GLU G 110 -5.06 31.31 -23.22
C GLU G 110 -4.77 30.70 -21.88
N GLN G 111 -4.36 31.55 -20.95
CA GLN G 111 -4.03 31.11 -19.62
C GLN G 111 -5.28 30.71 -18.87
N PHE G 112 -6.37 31.43 -19.09
CA PHE G 112 -7.67 31.10 -18.51
C PHE G 112 -8.08 29.67 -18.83
N LYS G 113 -8.01 29.33 -20.12
CA LYS G 113 -8.35 27.98 -20.61
C LYS G 113 -7.49 26.90 -19.91
N LYS G 114 -6.21 27.20 -19.70
CA LYS G 114 -5.37 26.30 -18.95
C LYS G 114 -5.85 26.12 -17.52
N LEU G 115 -6.21 27.20 -16.85
CA LEU G 115 -6.71 27.08 -15.48
C LEU G 115 -8.02 26.28 -15.41
N THR G 116 -8.85 26.33 -16.46
CA THR G 116 -10.08 25.54 -16.47
C THR G 116 -9.82 24.03 -16.37
N ALA G 117 -8.65 23.58 -16.80
CA ALA G 117 -8.32 22.17 -16.73
C ALA G 117 -8.18 21.69 -15.28
N ASP G 118 -8.00 22.59 -14.33
CA ASP G 118 -7.89 22.21 -12.91
C ASP G 118 -9.18 22.39 -12.13
N SER G 119 -10.24 22.86 -12.76
CA SER G 119 -11.48 23.07 -12.02
C SER G 119 -12.22 21.76 -11.79
N GLN G 120 -13.13 21.76 -10.83
CA GLN G 120 -13.94 20.57 -10.58
C GLN G 120 -15.00 20.36 -11.65
N ALA G 121 -15.54 21.44 -12.20
CA ALA G 121 -16.52 21.33 -13.29
C ALA G 121 -16.61 22.60 -14.05
N VAL G 122 -17.02 22.49 -15.31
CA VAL G 122 -17.37 23.64 -16.10
C VAL G 122 -18.86 23.56 -16.35
N ILE G 123 -19.55 24.62 -15.93
CA ILE G 123 -20.99 24.75 -16.14
C ILE G 123 -21.16 25.64 -17.35
N ARG G 124 -21.71 25.07 -18.42
CA ARG G 124 -21.85 25.75 -19.68
C ARG G 124 -23.23 26.40 -19.75
N SER G 125 -23.22 27.71 -20.01
CA SER G 125 -24.44 28.49 -20.20
C SER G 125 -24.74 28.65 -21.68
N GLY G 126 -25.87 29.30 -22.00
CA GLY G 126 -26.23 29.63 -23.39
C GLY G 126 -25.70 30.98 -23.90
N GLU G 127 -24.86 31.62 -23.10
CA GLU G 127 -24.39 32.96 -23.39
C GLU G 127 -23.58 33.00 -24.67
N CYS G 128 -23.93 33.98 -25.51
CA CYS G 128 -23.29 34.19 -26.81
C CYS G 128 -22.35 35.36 -26.90
N SER G 129 -22.33 36.22 -25.91
CA SER G 129 -21.44 37.36 -25.95
C SER G 129 -19.97 36.88 -25.78
N PRO G 130 -18.99 37.72 -26.12
CA PRO G 130 -17.59 37.28 -26.06
C PRO G 130 -16.95 37.23 -24.66
N TYR G 131 -16.13 36.20 -24.44
CA TYR G 131 -15.36 36.06 -23.21
C TYR G 131 -16.20 36.07 -21.92
N ALA G 132 -17.43 35.55 -22.02
CA ALA G 132 -18.37 35.44 -20.91
C ALA G 132 -18.04 34.16 -20.14
N ASN G 133 -16.88 34.17 -19.50
CA ASN G 133 -16.34 33.02 -18.82
C ASN G 133 -15.72 33.46 -17.50
N VAL G 134 -16.04 32.79 -16.40
CA VAL G 134 -15.44 33.13 -15.11
C VAL G 134 -15.10 31.88 -14.34
N ILE G 135 -13.93 31.88 -13.70
CA ILE G 135 -13.53 30.83 -12.78
C ILE G 135 -13.81 31.35 -11.36
N LEU G 136 -14.65 30.63 -10.64
CA LEU G 136 -15.00 30.97 -9.28
C LEU G 136 -14.23 30.08 -8.33
N CYS G 137 -13.60 30.67 -7.30
CA CYS G 137 -12.85 29.93 -6.29
C CYS G 137 -13.56 29.86 -4.98
N ALA G 138 -13.65 28.67 -4.42
CA ALA G 138 -14.39 28.46 -3.20
C ALA G 138 -13.58 28.97 -2.04
N GLY G 139 -14.23 29.70 -1.15
CA GLY G 139 -13.59 30.08 0.09
C GLY G 139 -14.48 30.85 1.04
N VAL G 140 -14.23 30.70 2.35
CA VAL G 140 -14.92 31.47 3.41
C VAL G 140 -13.95 32.14 4.34
N ASN H 2 -37.02 11.13 -44.30
CA ASN H 2 -37.40 9.94 -43.48
C ASN H 2 -36.97 9.98 -42.00
N ALA H 3 -35.87 10.64 -41.68
CA ALA H 3 -35.37 10.65 -40.28
C ALA H 3 -36.18 11.51 -39.30
N LYS H 5 -34.74 13.37 -37.02
CA LYS H 5 -33.99 14.60 -36.84
C LYS H 5 -34.13 15.44 -38.09
N LYS H 6 -34.61 16.68 -37.91
CA LYS H 6 -34.70 17.64 -38.99
C LYS H 6 -33.30 18.01 -39.45
N GLY H 7 -33.14 18.25 -40.74
CA GLY H 7 -31.84 18.62 -41.27
C GLY H 7 -31.21 17.44 -42.01
N THR H 8 -29.91 17.52 -42.24
CA THR H 8 -29.25 16.54 -43.10
C THR H 8 -28.07 15.84 -42.44
N VAL H 9 -27.68 16.25 -41.24
CA VAL H 9 -26.64 15.58 -40.49
C VAL H 9 -27.29 14.51 -39.60
N LEU H 10 -27.41 13.30 -40.15
CA LEU H 10 -28.24 12.27 -39.57
C LEU H 10 -27.54 11.32 -38.60
N ASN H 11 -26.21 11.18 -38.70
CA ASN H 11 -25.52 10.22 -37.86
C ASN H 11 -25.57 10.62 -36.41
N SER H 12 -25.87 9.67 -35.52
CA SER H 12 -25.94 9.99 -34.09
C SER H 12 -24.59 10.32 -33.45
N GLU H 13 -23.52 9.64 -33.83
CA GLU H 13 -22.21 9.94 -33.27
C GLU H 13 -21.66 11.26 -33.77
N ILE H 14 -21.81 11.54 -35.05
CA ILE H 14 -21.35 12.82 -35.60
C ILE H 14 -22.12 13.97 -34.95
N SER H 15 -23.44 13.84 -34.84
CA SER H 15 -24.26 14.88 -34.23
C SER H 15 -23.79 15.13 -32.82
N SER H 16 -23.53 14.03 -32.13
CA SER H 16 -23.13 14.10 -30.75
C SER H 16 -21.79 14.83 -30.56
N VAL H 17 -20.75 14.49 -31.31
CA VAL H 17 -19.47 15.23 -31.12
C VAL H 17 -19.56 16.65 -31.57
N ILE H 18 -20.25 16.91 -32.68
CA ILE H 18 -20.29 18.28 -33.16
C ILE H 18 -20.89 19.17 -32.10
N SER H 19 -21.93 18.66 -31.42
CA SER H 19 -22.61 19.43 -30.38
C SER H 19 -21.77 19.64 -29.11
N ARG H 20 -20.72 18.83 -28.94
CA ARG H 20 -19.79 18.97 -27.84
C ARG H 20 -18.62 19.90 -28.13
N LEU H 21 -18.45 20.29 -29.39
CA LEU H 21 -17.28 21.07 -29.77
C LEU H 21 -17.25 22.48 -29.15
N GLY H 22 -16.06 22.91 -28.74
CA GLY H 22 -15.77 24.29 -28.41
C GLY H 22 -14.77 24.93 -29.35
N HIS H 23 -14.59 26.23 -29.21
CA HIS H 23 -13.62 26.95 -30.01
C HIS H 23 -12.24 26.30 -29.90
N THR H 24 -11.62 26.07 -31.06
CA THR H 24 -10.28 25.45 -31.22
C THR H 24 -10.25 23.93 -31.11
N ASP H 25 -11.35 23.31 -30.69
CA ASP H 25 -11.45 21.84 -30.70
C ASP H 25 -11.35 21.41 -32.16
N THR H 26 -10.79 20.23 -32.42
CA THR H 26 -10.64 19.73 -33.77
C THR H 26 -11.42 18.42 -34.02
N LEU H 27 -11.75 18.23 -35.28
CA LEU H 27 -12.44 17.07 -35.75
C LEU H 27 -11.72 16.64 -37.03
N VAL H 28 -11.40 15.36 -37.14
CA VAL H 28 -10.69 14.84 -38.29
C VAL H 28 -11.65 14.04 -39.17
N VAL H 29 -11.57 14.27 -40.47
CA VAL H 29 -12.20 13.42 -41.46
C VAL H 29 -11.07 12.79 -42.24
N CYS H 30 -11.04 11.45 -42.26
CA CYS H 30 -9.90 10.70 -42.81
C CYS H 30 -10.32 9.68 -43.85
N ASP H 31 -9.31 9.14 -44.54
CA ASP H 31 -9.50 8.10 -45.54
C ASP H 31 -9.45 6.69 -44.93
N ALA H 32 -9.67 5.68 -45.77
CA ALA H 32 -9.84 4.31 -45.28
C ALA H 32 -8.60 3.75 -44.62
N GLY H 33 -7.43 4.33 -44.86
CA GLY H 33 -6.18 3.78 -44.36
C GLY H 33 -5.48 4.54 -43.25
N LEU H 34 -6.05 5.63 -42.76
CA LEU H 34 -5.40 6.40 -41.70
C LEU H 34 -5.47 5.70 -40.35
N PRO H 35 -4.32 5.63 -39.63
CA PRO H 35 -4.39 5.05 -38.28
C PRO H 35 -5.04 6.06 -37.34
N ILE H 36 -5.78 5.54 -36.36
CA ILE H 36 -6.51 6.37 -35.45
C ILE H 36 -5.97 6.15 -34.04
N PRO H 37 -5.41 7.19 -33.44
CA PRO H 37 -4.83 7.01 -32.10
C PRO H 37 -5.90 6.71 -31.09
N ASN H 38 -5.56 5.94 -30.07
CA ASN H 38 -6.57 5.59 -29.06
C ASN H 38 -6.85 6.72 -28.04
N SER H 39 -6.10 7.82 -28.13
CA SER H 39 -6.42 9.02 -27.35
C SER H 39 -7.59 9.82 -27.95
N THR H 40 -8.19 9.29 -29.01
CA THR H 40 -9.23 10.00 -29.72
C THR H 40 -10.38 9.02 -30.02
N ALA H 41 -11.60 9.57 -30.11
CA ALA H 41 -12.79 8.79 -30.42
C ALA H 41 -12.81 8.39 -31.90
N ARG H 42 -13.25 7.17 -32.16
CA ARG H 42 -13.25 6.60 -33.49
C ARG H 42 -14.72 6.57 -33.95
N ILE H 43 -15.04 7.29 -35.01
CA ILE H 43 -16.36 7.19 -35.62
C ILE H 43 -16.16 6.59 -37.02
N ASP H 44 -16.47 5.31 -37.16
CA ASP H 44 -16.15 4.58 -38.39
C ASP H 44 -17.37 4.61 -39.32
N ALA H 46 -16.90 4.24 -42.67
CA ALA H 46 -16.49 3.53 -43.87
C ALA H 46 -17.37 2.28 -44.03
N LEU H 47 -18.08 2.19 -45.15
CA LEU H 47 -18.86 0.98 -45.47
C LEU H 47 -18.05 0.04 -46.37
N THR H 48 -17.57 0.59 -47.48
CA THR H 48 -16.74 -0.15 -48.44
C THR H 48 -15.98 0.87 -49.29
N GLN H 49 -15.15 0.39 -50.19
CA GLN H 49 -14.31 1.32 -50.98
C GLN H 49 -15.14 2.44 -51.64
N GLY H 50 -14.78 3.68 -51.31
CA GLY H 50 -15.43 4.88 -51.84
C GLY H 50 -16.83 5.21 -51.31
N VAL H 51 -17.31 4.48 -50.32
CA VAL H 51 -18.64 4.71 -49.79
C VAL H 51 -18.58 4.77 -48.27
N PRO H 52 -18.83 5.94 -47.67
CA PRO H 52 -19.03 7.23 -48.31
C PRO H 52 -17.69 7.83 -48.69
N SER H 53 -17.72 8.77 -49.62
CA SER H 53 -16.49 9.45 -50.07
C SER H 53 -16.00 10.44 -49.00
N PHE H 54 -14.73 10.79 -49.10
CA PHE H 54 -14.13 11.81 -48.23
C PHE H 54 -14.97 13.10 -48.32
N GLN H 56 -18.10 13.61 -49.31
CA GLN H 56 -19.43 13.43 -48.73
C GLN H 56 -19.40 13.68 -47.24
N VAL H 57 -18.39 13.14 -46.57
CA VAL H 57 -18.31 13.29 -45.13
C VAL H 57 -17.93 14.71 -44.76
N VAL H 58 -16.93 15.28 -45.42
CA VAL H 58 -16.51 16.66 -45.11
C VAL H 58 -17.72 17.60 -45.25
N ASP H 59 -18.43 17.44 -46.37
CA ASP H 59 -19.60 18.26 -46.67
C ASP H 59 -20.63 18.19 -45.56
N VAL H 60 -21.05 16.98 -45.20
CA VAL H 60 -22.10 16.81 -44.19
C VAL H 60 -21.66 17.36 -42.85
N VAL H 61 -20.43 17.06 -42.45
CA VAL H 61 -19.89 17.53 -41.19
C VAL H 61 -19.97 19.06 -41.13
N THR H 62 -19.55 19.70 -42.21
CA THR H 62 -19.45 21.17 -42.23
C THR H 62 -20.78 21.88 -42.37
N ARG H 63 -21.87 21.14 -42.58
CA ARG H 63 -23.21 21.72 -42.52
C ARG H 63 -23.62 22.05 -41.09
N GLU H 64 -23.07 21.34 -40.11
CA GLU H 64 -23.39 21.60 -38.70
C GLU H 64 -22.22 22.24 -37.92
N GLN H 66 -19.13 24.83 -37.32
CA GLN H 66 -18.48 26.11 -37.63
C GLN H 66 -16.99 25.88 -37.80
N VAL H 67 -16.45 26.11 -39.01
CA VAL H 67 -15.03 25.86 -39.26
C VAL H 67 -14.25 27.18 -39.40
N GLU H 68 -13.15 27.30 -38.66
CA GLU H 68 -12.27 28.46 -38.78
C GLU H 68 -10.95 28.15 -39.46
N ALA H 69 -10.58 26.88 -39.53
CA ALA H 69 -9.31 26.54 -40.10
C ALA H 69 -9.30 25.06 -40.49
N ALA H 70 -8.43 24.72 -41.43
CA ALA H 70 -8.27 23.36 -41.92
C ALA H 70 -6.79 23.06 -42.05
N ILE H 71 -6.37 21.87 -41.62
CA ILE H 71 -4.97 21.44 -41.78
C ILE H 71 -4.91 20.19 -42.67
N LEU H 72 -3.96 20.21 -43.59
CA LEU H 72 -3.77 19.12 -44.55
C LEU H 72 -2.30 18.69 -44.60
N ALA H 73 -2.07 17.48 -45.08
CA ALA H 73 -0.72 16.98 -45.35
C ALA H 73 -0.17 17.64 -46.59
N THR H 74 1.09 18.05 -46.55
CA THR H 74 1.71 18.62 -47.75
C THR H 74 1.65 17.65 -48.93
N GLU H 75 1.74 16.35 -48.64
CA GLU H 75 1.73 15.30 -49.68
C GLU H 75 0.47 15.32 -50.56
N ILE H 76 -0.64 15.88 -50.08
CA ILE H 76 -1.88 15.92 -50.87
C ILE H 76 -1.70 16.73 -52.16
N LYS H 77 -0.88 17.77 -52.08
CA LYS H 77 -0.72 18.68 -53.21
C LYS H 77 -0.29 17.94 -54.46
N GLN H 78 0.77 17.14 -54.33
CA GLN H 78 1.32 16.38 -55.47
C GLN H 78 0.58 15.08 -55.73
N GLN H 79 0.12 14.42 -54.67
CA GLN H 79 -0.31 13.04 -54.82
C GLN H 79 -1.81 12.87 -54.87
N ASN H 80 -2.57 13.94 -54.67
CA ASN H 80 -4.01 13.90 -54.86
C ASN H 80 -4.56 15.29 -55.25
N PRO H 81 -4.02 15.89 -56.32
CA PRO H 81 -4.34 17.28 -56.63
C PRO H 81 -5.81 17.51 -56.97
N GLN H 82 -6.43 16.51 -57.57
CA GLN H 82 -7.82 16.58 -57.94
C GLN H 82 -8.68 16.78 -56.67
N LEU H 83 -8.46 15.94 -55.66
CA LEU H 83 -9.22 16.03 -54.42
C LEU H 83 -8.84 17.30 -53.67
N HIS H 84 -7.55 17.62 -53.64
CA HIS H 84 -7.07 18.84 -53.00
C HIS H 84 -7.85 20.04 -53.52
N GLU H 85 -8.02 20.16 -54.84
CA GLU H 85 -8.73 21.32 -55.37
C GLU H 85 -10.23 21.28 -55.05
N THR H 86 -10.86 20.11 -55.10
CA THR H 86 -12.27 20.00 -54.73
C THR H 86 -12.49 20.50 -53.31
N LEU H 87 -11.58 20.14 -52.41
CA LEU H 87 -11.69 20.50 -51.00
C LEU H 87 -11.51 21.98 -50.83
N LEU H 88 -10.54 22.56 -51.52
CA LEU H 88 -10.30 24.01 -51.38
C LEU H 88 -11.53 24.78 -51.85
N THR H 89 -12.11 24.37 -52.99
CA THR H 89 -13.30 25.03 -53.50
C THR H 89 -14.45 24.94 -52.49
N HIS H 90 -14.61 23.76 -51.89
CA HIS H 90 -15.67 23.56 -50.90
C HIS H 90 -15.45 24.45 -49.69
N LEU H 91 -14.21 24.50 -49.19
CA LEU H 91 -13.87 25.35 -48.06
C LEU H 91 -14.07 26.82 -48.40
N GLU H 92 -13.86 27.19 -49.67
CA GLU H 92 -14.11 28.53 -50.18
C GLU H 92 -15.60 28.90 -50.04
N GLN H 93 -16.45 27.97 -50.45
CA GLN H 93 -17.89 28.18 -50.43
C GLN H 93 -18.38 28.22 -49.01
N LEU H 94 -17.80 27.35 -48.18
CA LEU H 94 -18.20 27.24 -46.80
C LEU H 94 -17.93 28.56 -46.07
N GLN H 95 -16.74 29.13 -46.29
CA GLN H 95 -16.36 30.36 -45.60
C GLN H 95 -17.29 31.49 -46.01
N GLN H 96 -17.67 31.51 -47.28
CA GLN H 96 -18.65 32.49 -47.73
C GLN H 96 -19.96 32.31 -46.99
N HIS H 97 -20.44 31.06 -46.90
CA HIS H 97 -21.71 30.78 -46.22
C HIS H 97 -21.63 31.17 -44.74
N GLN H 98 -20.47 30.91 -44.14
CA GLN H 98 -20.22 31.21 -42.75
C GLN H 98 -19.97 32.68 -42.46
N GLY H 99 -19.54 33.44 -43.48
CA GLY H 99 -19.21 34.85 -43.30
C GLY H 99 -17.86 35.04 -42.64
N ASN H 100 -16.95 34.09 -42.83
CA ASN H 100 -15.59 34.21 -42.29
C ASN H 100 -14.55 33.79 -43.31
N THR H 101 -13.31 33.63 -42.87
CA THR H 101 -12.26 33.21 -43.77
C THR H 101 -11.52 32.01 -43.17
N ILE H 102 -11.64 30.86 -43.84
CA ILE H 102 -11.05 29.63 -43.33
C ILE H 102 -9.59 29.51 -43.70
N LYS H 103 -8.75 29.47 -42.67
CA LYS H 103 -7.32 29.37 -42.83
C LYS H 103 -6.91 27.97 -43.18
N ILE H 104 -6.11 27.83 -44.23
CA ILE H 104 -5.59 26.54 -44.65
C ILE H 104 -4.09 26.50 -44.35
N SER H 105 -3.63 25.41 -43.74
CA SER H 105 -2.19 25.20 -43.55
C SER H 105 -1.83 23.76 -43.79
N TYR H 106 -0.54 23.55 -44.00
CA TYR H 106 -0.01 22.26 -44.41
C TYR H 106 1.12 21.87 -43.48
N THR H 107 1.16 20.59 -43.13
CA THR H 107 2.30 20.08 -42.37
C THR H 107 2.71 18.78 -43.01
N THR H 108 3.81 18.18 -42.56
CA THR H 108 4.12 16.84 -43.07
C THR H 108 3.06 15.87 -42.58
N HIS H 109 2.88 14.77 -43.29
CA HIS H 109 1.93 13.74 -42.88
C HIS H 109 2.28 13.17 -41.51
N GLU H 110 3.56 13.00 -41.22
CA GLU H 110 3.97 12.54 -39.90
C GLU H 110 3.40 13.47 -38.83
N GLN H 111 3.56 14.76 -39.08
CA GLN H 111 3.11 15.75 -38.14
C GLN H 111 1.57 15.76 -38.07
N PHE H 112 0.94 15.61 -39.21
CA PHE H 112 -0.53 15.52 -39.29
C PHE H 112 -1.08 14.44 -38.34
N LYS H 113 -0.48 13.26 -38.44
CA LYS H 113 -0.85 12.11 -37.62
C LYS H 113 -0.72 12.44 -36.15
N LYS H 114 0.35 13.14 -35.77
CA LYS H 114 0.49 13.59 -34.38
C LYS H 114 -0.63 14.54 -33.93
N LEU H 115 -0.98 15.48 -34.81
CA LEU H 115 -2.06 16.40 -34.50
C LEU H 115 -3.41 15.70 -34.34
N THR H 116 -3.62 14.60 -35.06
CA THR H 116 -4.87 13.85 -34.90
C THR H 116 -5.01 13.29 -33.48
N ALA H 117 -3.91 13.08 -32.78
CA ALA H 117 -3.96 12.60 -31.42
C ALA H 117 -4.69 13.57 -30.47
N ASP H 118 -4.75 14.85 -30.83
CA ASP H 118 -5.40 15.84 -29.99
C ASP H 118 -6.84 16.19 -30.40
N SER H 119 -7.35 15.55 -31.44
CA SER H 119 -8.69 15.88 -31.91
C SER H 119 -9.74 15.24 -31.01
N GLN H 120 -10.96 15.72 -31.12
CA GLN H 120 -12.09 15.16 -30.35
C GLN H 120 -12.55 13.83 -30.94
N ALA H 121 -12.44 13.70 -32.25
CA ALA H 121 -12.81 12.45 -32.91
C ALA H 121 -12.22 12.39 -34.32
N VAL H 122 -12.05 11.16 -34.81
CA VAL H 122 -11.70 10.95 -36.19
C VAL H 122 -12.87 10.27 -36.86
N ILE H 123 -13.42 10.91 -37.89
CA ILE H 123 -14.50 10.31 -38.66
C ILE H 123 -13.87 9.68 -39.90
N ARG H 124 -13.99 8.36 -39.98
CA ARG H 124 -13.38 7.58 -41.05
C ARG H 124 -14.33 7.39 -42.22
N SER H 125 -13.90 7.86 -43.39
CA SER H 125 -14.65 7.68 -44.63
C SER H 125 -14.15 6.45 -45.40
N GLY H 126 -14.84 6.11 -46.49
CA GLY H 126 -14.41 5.01 -47.36
C GLY H 126 -13.44 5.41 -48.46
N GLU H 127 -12.95 6.63 -48.41
CA GLU H 127 -12.07 7.13 -49.44
C GLU H 127 -10.78 6.32 -49.56
N CYS H 128 -10.42 6.02 -50.80
CA CYS H 128 -9.23 5.27 -51.10
C CYS H 128 -8.10 6.02 -51.77
N SER H 129 -8.34 7.26 -52.18
CA SER H 129 -7.28 8.05 -52.80
C SER H 129 -6.27 8.45 -51.72
N PRO H 130 -5.07 8.88 -52.11
CA PRO H 130 -4.00 9.13 -51.15
C PRO H 130 -4.12 10.45 -50.39
N TYR H 131 -3.77 10.39 -49.12
CA TYR H 131 -3.69 11.58 -48.23
C TYR H 131 -4.99 12.36 -48.15
N ALA H 132 -6.11 11.66 -48.27
CA ALA H 132 -7.43 12.27 -48.20
C ALA H 132 -7.82 12.37 -46.73
N ASN H 133 -7.13 13.26 -46.03
CA ASN H 133 -7.31 13.48 -44.61
C ASN H 133 -7.29 14.97 -44.34
N VAL H 134 -8.22 15.46 -43.52
CA VAL H 134 -8.20 16.84 -43.10
C VAL H 134 -8.53 16.97 -41.60
N ILE H 135 -7.83 17.88 -40.92
CA ILE H 135 -8.19 18.30 -39.57
C ILE H 135 -8.97 19.61 -39.69
N LEU H 136 -10.21 19.60 -39.21
CA LEU H 136 -11.05 20.80 -39.19
C LEU H 136 -11.02 21.41 -37.80
N CYS H 137 -10.83 22.72 -37.72
CA CYS H 137 -10.81 23.44 -36.44
C CYS H 137 -12.05 24.25 -36.25
N ALA H 138 -12.68 24.09 -35.09
CA ALA H 138 -13.92 24.77 -34.78
C ALA H 138 -13.63 26.21 -34.50
N GLY H 139 -14.43 27.09 -35.09
CA GLY H 139 -14.40 28.49 -34.71
C GLY H 139 -15.42 29.37 -35.41
N VAL H 140 -15.80 30.46 -34.75
CA VAL H 140 -16.73 31.42 -35.28
C VAL H 140 -16.17 32.80 -35.07
N THR H 141 -16.76 33.71 -35.82
CA THR H 141 -16.31 35.10 -35.91
C THR H 141 -17.26 35.97 -35.09
N ASN I 2 -18.59 -24.34 -42.07
CA ASN I 2 -19.65 -24.24 -41.03
C ASN I 2 -19.90 -22.86 -40.41
N ALA I 3 -18.95 -21.91 -40.49
CA ALA I 3 -19.11 -20.54 -39.92
C ALA I 3 -20.08 -19.59 -40.69
N LYS I 5 -19.47 -16.30 -41.00
CA LYS I 5 -18.60 -15.36 -41.69
C LYS I 5 -17.96 -16.08 -42.88
N LYS I 6 -18.14 -15.52 -44.07
CA LYS I 6 -17.49 -16.03 -45.27
C LYS I 6 -16.00 -15.77 -45.16
N GLY I 7 -15.19 -16.66 -45.69
CA GLY I 7 -13.73 -16.50 -45.60
C GLY I 7 -13.13 -17.39 -44.55
N THR I 8 -11.89 -17.14 -44.16
CA THR I 8 -11.17 -18.10 -43.33
C THR I 8 -10.62 -17.47 -42.03
N VAL I 9 -10.75 -16.17 -41.87
CA VAL I 9 -10.40 -15.56 -40.59
C VAL I 9 -11.64 -15.54 -39.69
N LEU I 10 -11.77 -16.57 -38.86
CA LEU I 10 -13.01 -16.81 -38.12
C LEU I 10 -13.10 -16.19 -36.73
N ASN I 11 -11.96 -15.91 -36.09
CA ASN I 11 -11.97 -15.42 -34.71
C ASN I 11 -12.56 -14.03 -34.63
N SER I 12 -13.47 -13.84 -33.69
CA SER I 12 -14.15 -12.56 -33.56
C SER I 12 -13.20 -11.42 -33.15
N GLU I 13 -12.28 -11.68 -32.22
CA GLU I 13 -11.36 -10.63 -31.75
C GLU I 13 -10.31 -10.28 -32.82
N ILE I 14 -9.80 -11.29 -33.51
CA ILE I 14 -8.84 -11.05 -34.56
C ILE I 14 -9.51 -10.27 -35.70
N SER I 15 -10.73 -10.65 -36.08
CA SER I 15 -11.44 -9.93 -37.14
C SER I 15 -11.66 -8.49 -36.72
N SER I 16 -12.04 -8.32 -35.47
CA SER I 16 -12.27 -7.02 -34.92
C SER I 16 -11.03 -6.12 -34.97
N VAL I 17 -9.90 -6.58 -34.42
CA VAL I 17 -8.69 -5.77 -34.47
C VAL I 17 -8.19 -5.47 -35.88
N ILE I 18 -8.22 -6.47 -36.77
CA ILE I 18 -7.72 -6.27 -38.11
C ILE I 18 -8.52 -5.19 -38.81
N SER I 19 -9.83 -5.15 -38.58
CA SER I 19 -10.68 -4.14 -39.21
C SER I 19 -10.48 -2.75 -38.61
N ARG I 20 -9.81 -2.68 -37.45
CA ARG I 20 -9.51 -1.41 -36.79
C ARG I 20 -8.14 -0.84 -37.17
N LEU I 21 -7.37 -1.59 -37.94
CA LEU I 21 -6.01 -1.20 -38.25
C LEU I 21 -5.93 -0.09 -39.29
N GLY I 22 -5.03 0.87 -39.05
CA GLY I 22 -4.63 1.82 -40.08
C GLY I 22 -3.16 1.69 -40.43
N HIS I 23 -2.72 2.46 -41.43
CA HIS I 23 -1.33 2.41 -41.87
C HIS I 23 -0.34 2.64 -40.71
N THR I 24 0.64 1.77 -40.62
CA THR I 24 1.69 1.79 -39.59
C THR I 24 1.26 1.25 -38.23
N ASP I 25 -0.03 0.97 -38.01
CA ASP I 25 -0.43 0.25 -36.79
C ASP I 25 0.22 -1.12 -36.85
N THR I 26 0.50 -1.69 -35.67
CA THR I 26 1.15 -3.00 -35.62
C THR I 26 0.28 -3.99 -34.88
N LEU I 27 0.52 -5.25 -35.20
CA LEU I 27 -0.15 -6.39 -34.59
C LEU I 27 0.92 -7.42 -34.30
N VAL I 28 0.92 -8.00 -33.12
CA VAL I 28 1.98 -8.95 -32.76
C VAL I 28 1.41 -10.35 -32.73
N VAL I 29 2.13 -11.29 -33.30
CA VAL I 29 1.81 -12.69 -33.11
C VAL I 29 2.96 -13.29 -32.29
N CYS I 30 2.66 -13.87 -31.13
CA CYS I 30 3.70 -14.32 -30.23
C CYS I 30 3.59 -15.79 -29.81
N ASP I 31 4.64 -16.28 -29.15
CA ASP I 31 4.66 -17.65 -28.65
C ASP I 31 4.08 -17.70 -27.25
N ALA I 32 4.03 -18.93 -26.71
CA ALA I 32 3.33 -19.23 -25.49
C ALA I 32 3.93 -18.60 -24.25
N GLY I 33 5.16 -18.12 -24.35
CA GLY I 33 5.84 -17.53 -23.21
C GLY I 33 6.10 -16.03 -23.23
N LEU I 34 5.70 -15.31 -24.28
CA LEU I 34 6.01 -13.86 -24.33
C LEU I 34 5.16 -13.08 -23.33
N PRO I 35 5.78 -12.18 -22.55
CA PRO I 35 4.94 -11.34 -21.70
C PRO I 35 4.22 -10.31 -22.55
N ILE I 36 2.99 -9.98 -22.15
CA ILE I 36 2.15 -9.07 -22.89
C ILE I 36 1.95 -7.85 -22.03
N PRO I 37 2.39 -6.70 -22.50
CA PRO I 37 2.22 -5.47 -21.71
C PRO I 37 0.76 -5.07 -21.58
N ASN I 38 0.40 -4.43 -20.46
CA ASN I 38 -1.01 -4.02 -20.24
C ASN I 38 -1.44 -2.81 -21.09
N SER I 39 -0.49 -2.14 -21.74
CA SER I 39 -0.82 -1.07 -22.66
C SER I 39 -1.36 -1.59 -23.99
N THR I 40 -1.51 -2.90 -24.12
CA THR I 40 -1.95 -3.50 -25.38
C THR I 40 -3.01 -4.57 -25.12
N ALA I 41 -3.87 -4.77 -26.10
CA ALA I 41 -4.93 -5.77 -26.02
C ALA I 41 -4.34 -7.19 -26.14
N ARG I 42 -4.88 -8.08 -25.33
CA ARG I 42 -4.42 -9.43 -25.28
C ARG I 42 -5.48 -10.32 -25.93
N ILE I 43 -5.11 -10.96 -27.03
CA ILE I 43 -5.97 -11.94 -27.70
C ILE I 43 -5.29 -13.31 -27.53
N ASP I 44 -5.82 -14.09 -26.60
CA ASP I 44 -5.18 -15.33 -26.20
C ASP I 44 -5.74 -16.51 -26.99
N ALA I 46 -3.93 -19.33 -27.47
CA ALA I 46 -3.21 -20.54 -27.07
C ALA I 46 -4.15 -21.51 -26.41
N LEU I 47 -4.29 -22.71 -26.96
CA LEU I 47 -5.09 -23.76 -26.33
C LEU I 47 -4.18 -24.62 -25.46
N THR I 48 -3.15 -25.15 -26.10
CA THR I 48 -2.22 -26.04 -25.43
C THR I 48 -0.94 -26.04 -26.23
N GLN I 49 0.05 -26.77 -25.76
CA GLN I 49 1.35 -26.78 -26.43
C GLN I 49 1.20 -27.06 -27.94
N GLY I 50 1.68 -26.13 -28.76
CA GLY I 50 1.68 -26.27 -30.21
C GLY I 50 0.34 -26.08 -30.92
N VAL I 51 -0.71 -25.73 -30.18
CA VAL I 51 -2.04 -25.55 -30.78
C VAL I 51 -2.61 -24.22 -30.34
N PRO I 52 -2.80 -23.28 -31.28
CA PRO I 52 -2.37 -23.34 -32.67
C PRO I 52 -0.89 -22.99 -32.74
N SER I 53 -0.27 -23.34 -33.86
CA SER I 53 1.12 -23.05 -34.07
C SER I 53 1.28 -21.55 -34.40
N PHE I 54 2.51 -21.07 -34.25
CA PHE I 54 2.87 -19.70 -34.63
C PHE I 54 2.53 -19.41 -36.09
N GLN I 56 0.40 -21.06 -38.08
CA GLN I 56 -1.04 -21.10 -38.32
C GLN I 56 -1.64 -19.70 -38.09
N VAL I 57 -1.24 -19.07 -36.99
CA VAL I 57 -1.76 -17.77 -36.63
C VAL I 57 -1.24 -16.73 -37.61
N VAL I 58 0.06 -16.72 -37.90
CA VAL I 58 0.59 -15.73 -38.81
C VAL I 58 -0.12 -15.82 -40.17
N ASP I 59 -0.27 -17.04 -40.63
CA ASP I 59 -0.88 -17.27 -41.91
C ASP I 59 -2.31 -16.72 -41.94
N VAL I 60 -3.11 -17.07 -40.94
CA VAL I 60 -4.51 -16.65 -40.92
C VAL I 60 -4.62 -15.13 -40.84
N VAL I 61 -3.88 -14.53 -39.93
CA VAL I 61 -3.90 -13.07 -39.77
C VAL I 61 -3.60 -12.39 -41.10
N THR I 62 -2.57 -12.87 -41.80
CA THR I 62 -2.13 -12.21 -43.04
C THR I 62 -3.06 -12.44 -44.25
N ARG I 63 -4.04 -13.32 -44.10
CA ARG I 63 -5.07 -13.38 -45.15
C ARG I 63 -5.99 -12.16 -45.15
N GLU I 64 -6.12 -11.49 -44.01
CA GLU I 64 -6.94 -10.25 -43.95
C GLU I 64 -6.12 -8.99 -43.85
N GLN I 66 -3.17 -6.36 -44.54
CA GLN I 66 -2.15 -5.84 -45.48
C GLN I 66 -0.87 -5.57 -44.74
N VAL I 67 0.19 -6.33 -45.02
CA VAL I 67 1.47 -6.21 -44.29
C VAL I 67 2.52 -5.50 -45.14
N GLU I 68 3.13 -4.47 -44.57
CA GLU I 68 4.22 -3.76 -45.24
C GLU I 68 5.59 -4.01 -44.61
N ALA I 69 5.62 -4.52 -43.39
CA ALA I 69 6.91 -4.79 -42.76
C ALA I 69 6.72 -5.76 -41.62
N ALA I 70 7.81 -6.43 -41.28
CA ALA I 70 7.81 -7.36 -40.17
C ALA I 70 9.08 -7.16 -39.34
N ILE I 71 8.92 -7.19 -38.01
CA ILE I 71 10.03 -7.04 -37.11
C ILE I 71 10.21 -8.33 -36.30
N LEU I 72 11.46 -8.76 -36.16
CA LEU I 72 11.80 -9.98 -35.43
C LEU I 72 12.95 -9.73 -34.47
N ALA I 73 13.06 -10.59 -33.48
CA ALA I 73 14.21 -10.58 -32.58
C ALA I 73 15.40 -11.25 -33.27
N THR I 74 16.58 -10.65 -33.17
CA THR I 74 17.78 -11.22 -33.78
C THR I 74 17.95 -12.66 -33.33
N GLU I 75 17.62 -12.94 -32.07
CA GLU I 75 17.82 -14.25 -31.46
C GLU I 75 17.14 -15.40 -32.23
N ILE I 76 16.13 -15.09 -33.04
CA ILE I 76 15.43 -16.13 -33.82
C ILE I 76 16.32 -16.76 -34.90
N LYS I 77 17.31 -16.03 -35.43
CA LYS I 77 18.16 -16.54 -36.50
C LYS I 77 18.97 -17.75 -36.04
N GLN I 78 19.59 -17.60 -34.86
CA GLN I 78 20.43 -18.64 -34.24
C GLN I 78 19.63 -19.74 -33.56
N GLN I 79 18.59 -19.35 -32.86
CA GLN I 79 17.94 -20.25 -31.92
C GLN I 79 16.67 -20.89 -32.42
N ASN I 80 16.17 -20.44 -33.56
CA ASN I 80 15.02 -21.09 -34.19
C ASN I 80 15.05 -20.95 -35.70
N PRO I 81 16.13 -21.44 -36.33
CA PRO I 81 16.38 -21.15 -37.73
C PRO I 81 15.32 -21.73 -38.62
N GLN I 82 14.83 -22.92 -38.30
CA GLN I 82 13.84 -23.51 -39.21
C GLN I 82 12.52 -22.74 -39.22
N LEU I 83 12.09 -22.25 -38.06
CA LEU I 83 10.89 -21.42 -38.03
C LEU I 83 11.18 -20.06 -38.70
N HIS I 84 12.35 -19.50 -38.46
CA HIS I 84 12.79 -18.28 -39.17
C HIS I 84 12.62 -18.42 -40.68
N GLU I 85 13.12 -19.51 -41.23
CA GLU I 85 13.11 -19.67 -42.68
C GLU I 85 11.69 -19.90 -43.20
N THR I 86 10.86 -20.64 -42.46
CA THR I 86 9.47 -20.81 -42.88
C THR I 86 8.76 -19.47 -42.91
N LEU I 87 9.03 -18.62 -41.94
CA LEU I 87 8.35 -17.32 -41.88
C LEU I 87 8.78 -16.47 -43.06
N LEU I 88 10.08 -16.45 -43.33
CA LEU I 88 10.59 -15.65 -44.43
C LEU I 88 9.98 -16.09 -45.75
N THR I 89 9.90 -17.39 -45.98
CA THR I 89 9.27 -17.92 -47.18
C THR I 89 7.79 -17.49 -47.27
N HIS I 90 7.06 -17.57 -46.15
CA HIS I 90 5.67 -17.17 -46.15
C HIS I 90 5.55 -15.69 -46.46
N LEU I 91 6.38 -14.85 -45.84
CA LEU I 91 6.36 -13.40 -46.11
C LEU I 91 6.74 -13.08 -47.54
N GLU I 92 7.58 -13.92 -48.13
CA GLU I 92 7.95 -13.76 -49.52
C GLU I 92 6.73 -14.03 -50.42
N GLN I 93 5.94 -15.06 -50.10
CA GLN I 93 4.73 -15.37 -50.90
C GLN I 93 3.63 -14.35 -50.66
N LEU I 94 3.54 -13.86 -49.43
CA LEU I 94 2.56 -12.86 -49.09
C LEU I 94 2.79 -11.62 -49.90
N GLN I 95 4.04 -11.15 -49.94
CA GLN I 95 4.35 -9.89 -50.65
C GLN I 95 4.09 -10.01 -52.14
N GLN I 96 4.32 -11.20 -52.70
CA GLN I 96 3.94 -11.46 -54.09
C GLN I 96 2.44 -11.33 -54.27
N HIS I 97 1.66 -11.93 -53.39
CA HIS I 97 0.19 -11.88 -53.51
C HIS I 97 -0.34 -10.46 -53.33
N GLN I 98 0.30 -9.72 -52.42
CA GLN I 98 -0.05 -8.33 -52.14
C GLN I 98 0.40 -7.37 -53.23
N GLY I 99 1.41 -7.78 -54.01
CA GLY I 99 2.00 -6.92 -55.03
C GLY I 99 2.90 -5.85 -54.44
N ASN I 100 3.52 -6.12 -53.30
CA ASN I 100 4.44 -5.17 -52.68
C ASN I 100 5.71 -5.85 -52.22
N THR I 101 6.51 -5.15 -51.42
CA THR I 101 7.71 -5.74 -50.89
C THR I 101 7.74 -5.57 -49.36
N ILE I 102 7.70 -6.69 -48.64
CA ILE I 102 7.67 -6.67 -47.18
C ILE I 102 9.06 -6.51 -46.59
N LYS I 103 9.25 -5.41 -45.89
CA LYS I 103 10.52 -5.12 -45.22
C LYS I 103 10.68 -5.92 -43.92
N ILE I 104 11.82 -6.58 -43.78
CA ILE I 104 12.12 -7.37 -42.60
C ILE I 104 13.24 -6.69 -41.85
N SER I 105 13.08 -6.54 -40.55
CA SER I 105 14.19 -6.03 -39.75
C SER I 105 14.27 -6.74 -38.41
N TYR I 106 15.44 -6.61 -37.78
CA TYR I 106 15.76 -7.35 -36.59
C TYR I 106 16.20 -6.37 -35.51
N THR I 107 15.78 -6.62 -34.27
CA THR I 107 16.27 -5.87 -33.11
C THR I 107 16.61 -6.88 -32.05
N THR I 108 17.18 -6.41 -30.96
CA THR I 108 17.33 -7.24 -29.79
C THR I 108 15.92 -7.59 -29.27
N HIS I 109 15.83 -8.74 -28.59
CA HIS I 109 14.58 -9.17 -27.95
C HIS I 109 14.09 -8.18 -26.94
N GLU I 110 15.01 -7.58 -26.19
CA GLU I 110 14.62 -6.57 -25.21
C GLU I 110 13.89 -5.47 -25.92
N GLN I 111 14.44 -5.05 -27.06
CA GLN I 111 13.85 -3.94 -27.79
C GLN I 111 12.53 -4.36 -28.42
N PHE I 112 12.47 -5.61 -28.88
CA PHE I 112 11.27 -6.19 -29.44
C PHE I 112 10.11 -6.10 -28.44
N LYS I 113 10.38 -6.51 -27.20
CA LYS I 113 9.38 -6.43 -26.10
C LYS I 113 8.87 -4.99 -25.91
N LYS I 114 9.79 -4.03 -25.96
CA LYS I 114 9.40 -2.61 -25.89
C LYS I 114 8.45 -2.22 -27.03
N LEU I 115 8.78 -2.62 -28.25
CA LEU I 115 7.93 -2.29 -29.38
C LEU I 115 6.52 -2.89 -29.23
N THR I 116 6.42 -4.06 -28.60
CA THR I 116 5.11 -4.67 -28.42
C THR I 116 4.18 -3.78 -27.60
N ALA I 117 4.75 -2.94 -26.76
CA ALA I 117 3.96 -2.03 -25.94
C ALA I 117 3.16 -1.05 -26.79
N ASP I 118 3.58 -0.84 -28.03
CA ASP I 118 2.89 0.11 -28.94
C ASP I 118 1.94 -0.54 -29.93
N SER I 119 1.82 -1.87 -29.89
CA SER I 119 0.98 -2.55 -30.85
C SER I 119 -0.49 -2.43 -30.47
N GLN I 120 -1.37 -2.66 -31.42
CA GLN I 120 -2.80 -2.64 -31.15
C GLN I 120 -3.23 -3.87 -30.38
N ALA I 121 -2.59 -5.00 -30.66
CA ALA I 121 -2.90 -6.24 -29.94
C ALA I 121 -1.79 -7.24 -30.08
N VAL I 122 -1.72 -8.13 -29.11
CA VAL I 122 -0.81 -9.24 -29.16
C VAL I 122 -1.66 -10.50 -29.24
N ILE I 123 -1.49 -11.25 -30.33
CA ILE I 123 -2.19 -12.50 -30.53
C ILE I 123 -1.27 -13.63 -30.10
N ARG I 124 -1.63 -14.27 -29.00
CA ARG I 124 -0.84 -15.32 -28.41
C ARG I 124 -1.17 -16.72 -29.01
N SER I 125 -0.15 -17.37 -29.58
CA SER I 125 -0.27 -18.73 -30.13
C SER I 125 0.20 -19.75 -29.12
N GLY I 126 0.04 -21.03 -29.45
CA GLY I 126 0.52 -22.11 -28.61
C GLY I 126 1.97 -22.52 -28.82
N GLU I 127 2.70 -21.76 -29.65
CA GLU I 127 4.03 -22.17 -30.08
C GLU I 127 5.00 -22.20 -28.90
N CYS I 128 5.79 -23.25 -28.82
CA CYS I 128 6.77 -23.44 -27.76
C CYS I 128 8.23 -23.32 -28.16
N SER I 129 8.51 -23.20 -29.45
CA SER I 129 9.87 -23.01 -29.90
C SER I 129 10.31 -21.60 -29.46
N PRO I 130 11.63 -21.35 -29.41
CA PRO I 130 12.17 -20.09 -28.92
C PRO I 130 12.04 -18.91 -29.88
N TYR I 131 11.73 -17.74 -29.31
CA TYR I 131 11.69 -16.47 -30.04
C TYR I 131 10.76 -16.45 -31.23
N ALA I 132 9.68 -17.23 -31.15
CA ALA I 132 8.63 -17.30 -32.19
C ALA I 132 7.66 -16.15 -31.99
N ASN I 133 8.16 -14.94 -32.26
CA ASN I 133 7.39 -13.72 -32.10
C ASN I 133 7.66 -12.81 -33.28
N VAL I 134 6.59 -12.21 -33.81
CA VAL I 134 6.77 -11.25 -34.89
C VAL I 134 5.87 -10.05 -34.70
N ILE I 135 6.38 -8.86 -35.02
CA ILE I 135 5.55 -7.65 -35.08
C ILE I 135 5.25 -7.38 -36.53
N LEU I 136 3.98 -7.40 -36.88
CA LEU I 136 3.56 -7.15 -38.27
C LEU I 136 3.09 -5.73 -38.36
N CYS I 137 3.54 -5.00 -39.38
CA CYS I 137 3.11 -3.60 -39.63
C CYS I 137 2.16 -3.49 -40.78
N ALA I 138 1.04 -2.79 -40.55
CA ALA I 138 0.01 -2.66 -41.57
C ALA I 138 0.47 -1.65 -42.60
N GLY I 139 0.35 -2.02 -43.87
CA GLY I 139 0.56 -1.05 -44.94
C GLY I 139 0.24 -1.59 -46.33
N VAL I 140 -0.14 -0.68 -47.22
CA VAL I 140 -0.42 -1.01 -48.61
C VAL I 140 0.29 0.00 -49.49
N THR I 141 0.25 -0.25 -50.78
CA THR I 141 1.15 0.38 -51.74
C THR I 141 0.89 1.88 -51.97
N ASN J 2 -12.46 -32.71 -4.28
CA ASN J 2 -13.78 -31.97 -4.10
C ASN J 2 -13.95 -30.71 -4.98
N ALA J 3 -12.87 -30.01 -5.31
CA ALA J 3 -12.94 -28.90 -6.25
C ALA J 3 -13.08 -29.41 -7.69
N LYS J 5 -11.78 -28.14 -10.29
CA LYS J 5 -10.48 -28.06 -10.94
C LYS J 5 -9.57 -29.17 -10.41
N LYS J 6 -9.03 -29.96 -11.32
CA LYS J 6 -8.02 -30.96 -11.00
C LYS J 6 -6.70 -30.28 -10.58
N GLY J 7 -5.98 -30.90 -9.65
CA GLY J 7 -4.73 -30.35 -9.14
C GLY J 7 -4.97 -29.69 -7.80
N THR J 8 -4.05 -28.82 -7.40
CA THR J 8 -4.04 -28.29 -6.05
C THR J 8 -4.06 -26.77 -5.95
N VAL J 9 -3.93 -26.08 -7.08
CA VAL J 9 -4.04 -24.62 -7.08
C VAL J 9 -5.51 -24.30 -7.34
N LEU J 10 -6.25 -24.08 -6.25
CA LEU J 10 -7.72 -23.98 -6.30
C LEU J 10 -8.26 -22.56 -6.45
N ASN J 11 -7.53 -21.55 -5.99
CA ASN J 11 -8.06 -20.19 -6.01
C ASN J 11 -8.28 -19.72 -7.43
N SER J 12 -9.42 -19.08 -7.67
CA SER J 12 -9.74 -18.61 -9.01
C SER J 12 -8.85 -17.41 -9.46
N GLU J 13 -8.55 -16.49 -8.55
CA GLU J 13 -7.71 -15.33 -8.93
C GLU J 13 -6.26 -15.75 -9.16
N ILE J 14 -5.73 -16.60 -8.30
CA ILE J 14 -4.37 -17.06 -8.47
C ILE J 14 -4.23 -17.86 -9.77
N SER J 15 -5.21 -18.72 -10.05
CA SER J 15 -5.20 -19.50 -11.28
C SER J 15 -5.19 -18.55 -12.46
N SER J 16 -6.03 -17.56 -12.37
CA SER J 16 -6.16 -16.63 -13.46
C SER J 16 -4.86 -15.87 -13.72
N VAL J 17 -4.22 -15.36 -12.67
CA VAL J 17 -3.03 -14.57 -12.89
C VAL J 17 -1.87 -15.43 -13.36
N ILE J 18 -1.74 -16.62 -12.83
CA ILE J 18 -0.65 -17.49 -13.23
C ILE J 18 -0.76 -17.86 -14.70
N SER J 19 -1.99 -18.05 -15.19
CA SER J 19 -2.20 -18.40 -16.58
C SER J 19 -1.94 -17.19 -17.50
N ARG J 20 -1.82 -16.00 -16.91
CA ARG J 20 -1.60 -14.77 -17.68
C ARG J 20 -0.15 -14.37 -17.72
N LEU J 21 0.68 -15.11 -17.00
CA LEU J 21 2.10 -14.76 -16.88
C LEU J 21 2.89 -15.06 -18.14
N GLY J 22 3.80 -14.17 -18.49
CA GLY J 22 4.86 -14.43 -19.46
C GLY J 22 6.24 -14.32 -18.86
N HIS J 23 7.25 -14.66 -19.66
CA HIS J 23 8.64 -14.64 -19.20
C HIS J 23 9.01 -13.25 -18.67
N THR J 24 9.59 -13.24 -17.47
CA THR J 24 10.02 -12.03 -16.71
C THR J 24 8.90 -11.28 -16.01
N ASP J 25 7.64 -11.63 -16.27
CA ASP J 25 6.54 -11.08 -15.44
C ASP J 25 6.79 -11.55 -13.99
N THR J 26 6.39 -10.74 -13.02
CA THR J 26 6.57 -11.07 -11.63
C THR J 26 5.26 -11.19 -10.89
N LEU J 27 5.30 -11.96 -9.83
CA LEU J 27 4.17 -12.19 -8.92
C LEU J 27 4.72 -12.09 -7.51
N VAL J 28 4.04 -11.34 -6.64
CA VAL J 28 4.53 -11.13 -5.29
C VAL J 28 3.68 -11.91 -4.31
N VAL J 29 4.34 -12.58 -3.37
CA VAL J 29 3.67 -13.16 -2.21
C VAL J 29 4.15 -12.37 -1.00
N CYS J 30 3.21 -11.80 -0.26
CA CYS J 30 3.57 -10.89 0.83
C CYS J 30 2.93 -11.25 2.15
N ASP J 31 3.41 -10.59 3.19
CA ASP J 31 2.87 -10.79 4.55
C ASP J 31 1.70 -9.82 4.80
N ALA J 32 1.13 -9.94 5.99
CA ALA J 32 -0.11 -9.27 6.32
C ALA J 32 0.02 -7.74 6.34
N GLY J 33 1.24 -7.23 6.45
CA GLY J 33 1.44 -5.79 6.60
C GLY J 33 2.02 -5.03 5.42
N LEU J 34 2.34 -5.71 4.32
CA LEU J 34 2.96 -5.01 3.19
C LEU J 34 1.95 -4.13 2.49
N PRO J 35 2.32 -2.87 2.16
CA PRO J 35 1.43 -2.06 1.38
C PRO J 35 1.43 -2.57 -0.04
N ILE J 36 0.30 -2.44 -0.71
CA ILE J 36 0.14 -2.91 -2.08
C ILE J 36 -0.17 -1.72 -2.95
N PRO J 37 0.71 -1.44 -3.92
CA PRO J 37 0.50 -0.30 -4.79
C PRO J 37 -0.73 -0.49 -5.65
N ASN J 38 -1.38 0.60 -6.03
CA ASN J 38 -2.59 0.48 -6.85
C ASN J 38 -2.31 0.25 -8.35
N SER J 39 -1.04 0.29 -8.76
CA SER J 39 -0.66 -0.08 -10.12
C SER J 39 -0.60 -1.63 -10.28
N THR J 40 -0.97 -2.35 -9.23
CA THR J 40 -0.88 -3.81 -9.24
C THR J 40 -2.18 -4.38 -8.70
N ALA J 41 -2.52 -5.55 -9.20
CA ALA J 41 -3.72 -6.26 -8.76
C ALA J 41 -3.49 -6.85 -7.35
N ARG J 42 -4.52 -6.79 -6.53
CA ARG J 42 -4.46 -7.20 -5.17
C ARG J 42 -5.28 -8.50 -5.03
N ILE J 43 -4.62 -9.60 -4.67
CA ILE J 43 -5.30 -10.84 -4.37
C ILE J 43 -5.13 -11.12 -2.87
N ASP J 44 -6.19 -10.89 -2.11
CA ASP J 44 -6.11 -10.92 -0.66
C ASP J 44 -6.53 -12.28 -0.16
N ALA J 46 -5.39 -13.33 2.84
CA ALA J 46 -5.25 -13.29 4.30
C ALA J 46 -6.62 -13.50 4.96
N LEU J 47 -6.78 -14.56 5.75
CA LEU J 47 -8.00 -14.77 6.52
C LEU J 47 -7.84 -14.20 7.92
N THR J 48 -6.76 -14.59 8.60
CA THR J 48 -6.48 -14.16 9.97
C THR J 48 -5.01 -14.40 10.26
N GLN J 49 -4.54 -13.99 11.44
CA GLN J 49 -3.10 -14.13 11.74
C GLN J 49 -2.62 -15.55 11.45
N GLY J 50 -1.62 -15.65 10.58
CA GLY J 50 -0.98 -16.94 10.27
C GLY J 50 -1.79 -17.87 9.38
N VAL J 51 -2.92 -17.43 8.86
CA VAL J 51 -3.74 -18.29 8.00
C VAL J 51 -4.15 -17.54 6.75
N PRO J 52 -3.65 -17.96 5.60
CA PRO J 52 -2.69 -19.01 5.36
C PRO J 52 -1.31 -18.43 5.57
N SER J 53 -0.32 -19.28 5.79
CA SER J 53 1.03 -18.81 6.06
C SER J 53 1.67 -18.36 4.77
N PHE J 54 2.77 -17.65 4.90
CA PHE J 54 3.60 -17.25 3.76
C PHE J 54 4.01 -18.47 2.93
N GLN J 56 2.75 -21.53 2.88
CA GLN J 56 1.63 -22.22 2.22
C GLN J 56 1.36 -21.59 0.86
N VAL J 57 1.36 -20.25 0.82
CA VAL J 57 1.02 -19.53 -0.41
C VAL J 57 2.16 -19.66 -1.43
N VAL J 58 3.40 -19.49 -1.00
CA VAL J 58 4.53 -19.65 -1.91
C VAL J 58 4.49 -21.06 -2.54
N ASP J 59 4.30 -22.06 -1.70
CA ASP J 59 4.31 -23.43 -2.13
C ASP J 59 3.25 -23.68 -3.18
N VAL J 60 2.01 -23.30 -2.90
CA VAL J 60 0.92 -23.54 -3.83
C VAL J 60 1.14 -22.79 -5.15
N VAL J 61 1.49 -21.52 -5.08
CA VAL J 61 1.74 -20.74 -6.29
C VAL J 61 2.80 -21.42 -7.17
N THR J 62 3.88 -21.89 -6.54
CA THR J 62 5.00 -22.46 -7.29
C THR J 62 4.72 -23.85 -7.83
N ARG J 63 3.60 -24.45 -7.46
CA ARG J 63 3.16 -25.68 -8.15
C ARG J 63 2.68 -25.43 -9.58
N GLU J 64 2.16 -24.24 -9.85
CA GLU J 64 1.69 -23.90 -11.21
C GLU J 64 2.64 -22.93 -11.96
N GLN J 66 6.19 -21.42 -13.23
CA GLN J 66 7.59 -21.66 -13.56
C GLN J 66 8.42 -20.51 -13.03
N VAL J 67 9.29 -20.77 -12.05
CA VAL J 67 10.06 -19.69 -11.42
C VAL J 67 11.50 -19.73 -11.89
N GLU J 68 12.03 -18.60 -12.36
CA GLU J 68 13.44 -18.50 -12.72
C GLU J 68 14.25 -17.66 -11.70
N ALA J 69 13.60 -16.85 -10.89
CA ALA J 69 14.31 -15.99 -9.96
C ALA J 69 13.42 -15.58 -8.79
N ALA J 70 14.06 -15.24 -7.68
CA ALA J 70 13.33 -14.74 -6.52
C ALA J 70 14.05 -13.53 -5.95
N ILE J 71 13.30 -12.52 -5.56
CA ILE J 71 13.88 -11.36 -4.94
C ILE J 71 13.35 -11.22 -3.52
N LEU J 72 14.27 -10.88 -2.62
CA LEU J 72 13.96 -10.71 -1.20
C LEU J 72 14.54 -9.41 -0.67
N ALA J 73 13.96 -8.92 0.42
CA ALA J 73 14.55 -7.79 1.16
C ALA J 73 15.75 -8.27 1.98
N THR J 74 16.85 -7.53 1.95
CA THR J 74 18.03 -7.88 2.72
C THR J 74 17.69 -8.03 4.21
N GLU J 75 16.70 -7.27 4.68
CA GLU J 75 16.24 -7.31 6.10
C GLU J 75 15.82 -8.70 6.58
N ILE J 76 15.39 -9.57 5.66
CA ILE J 76 14.93 -10.91 6.05
C ILE J 76 16.05 -11.75 6.67
N LYS J 77 17.28 -11.52 6.23
CA LYS J 77 18.43 -12.34 6.69
C LYS J 77 18.61 -12.26 8.19
N GLN J 78 18.65 -11.06 8.74
CA GLN J 78 18.82 -10.88 10.18
C GLN J 78 17.50 -10.95 10.96
N GLN J 79 16.38 -10.57 10.36
CA GLN J 79 15.17 -10.41 11.16
C GLN J 79 14.13 -11.49 11.05
N ASN J 80 14.33 -12.40 10.09
CA ASN J 80 13.48 -13.56 9.95
C ASN J 80 14.25 -14.77 9.40
N PRO J 81 15.37 -15.11 10.04
CA PRO J 81 16.27 -16.14 9.52
C PRO J 81 15.63 -17.51 9.36
N GLN J 82 14.76 -17.90 10.30
CA GLN J 82 14.07 -19.19 10.19
C GLN J 82 13.23 -19.28 8.91
N LEU J 83 12.48 -18.24 8.62
CA LEU J 83 11.65 -18.22 7.42
C LEU J 83 12.54 -18.10 6.17
N HIS J 84 13.58 -17.27 6.26
CA HIS J 84 14.56 -17.16 5.17
C HIS J 84 15.10 -18.54 4.77
N GLU J 85 15.51 -19.30 5.76
CA GLU J 85 16.02 -20.65 5.50
C GLU J 85 15.00 -21.60 4.90
N THR J 86 13.78 -21.61 5.43
CA THR J 86 12.71 -22.45 4.87
C THR J 86 12.45 -22.14 3.41
N LEU J 87 12.50 -20.86 3.07
CA LEU J 87 12.26 -20.43 1.71
C LEU J 87 13.35 -20.89 0.78
N LEU J 88 14.59 -20.71 1.22
CA LEU J 88 15.70 -21.10 0.39
C LEU J 88 15.65 -22.59 0.10
N THR J 89 15.34 -23.39 1.13
CA THR J 89 15.21 -24.85 0.96
C THR J 89 14.14 -25.18 -0.06
N HIS J 90 12.98 -24.52 0.07
CA HIS J 90 11.87 -24.77 -0.84
C HIS J 90 12.27 -24.41 -2.27
N LEU J 91 12.92 -23.27 -2.44
CA LEU J 91 13.36 -22.84 -3.77
C LEU J 91 14.43 -23.79 -4.37
N GLU J 92 15.22 -24.38 -3.48
CA GLU J 92 16.19 -25.38 -3.90
C GLU J 92 15.49 -26.65 -4.46
N GLN J 93 14.43 -27.07 -3.79
CA GLN J 93 13.66 -28.23 -4.23
C GLN J 93 12.87 -27.95 -5.47
N LEU J 94 12.34 -26.74 -5.54
CA LEU J 94 11.58 -26.29 -6.71
C LEU J 94 12.46 -26.35 -7.95
N GLN J 95 13.68 -25.79 -7.84
CA GLN J 95 14.57 -25.72 -9.00
C GLN J 95 14.94 -27.12 -9.49
N GLN J 96 15.09 -28.04 -8.54
CA GLN J 96 15.35 -29.43 -8.87
C GLN J 96 14.22 -30.07 -9.68
N HIS J 97 12.96 -29.88 -9.28
CA HIS J 97 11.81 -30.41 -10.06
C HIS J 97 11.62 -29.68 -11.40
N GLN J 98 11.97 -28.41 -11.41
CA GLN J 98 11.87 -27.63 -12.62
C GLN J 98 12.99 -27.95 -13.58
N GLY J 99 14.11 -28.44 -13.06
CA GLY J 99 15.28 -28.73 -13.88
C GLY J 99 16.07 -27.47 -14.25
N ASN J 100 15.98 -26.45 -13.40
CA ASN J 100 16.68 -25.19 -13.67
C ASN J 100 17.39 -24.72 -12.41
N THR J 101 17.84 -23.49 -12.42
CA THR J 101 18.51 -22.94 -11.27
C THR J 101 17.93 -21.57 -10.95
N ILE J 102 17.26 -21.47 -9.79
CA ILE J 102 16.56 -20.26 -9.40
C ILE J 102 17.51 -19.28 -8.78
N LYS J 103 17.63 -18.12 -9.41
CA LYS J 103 18.51 -17.05 -8.95
C LYS J 103 17.87 -16.28 -7.80
N ILE J 104 18.62 -16.10 -6.72
CA ILE J 104 18.13 -15.38 -5.56
C ILE J 104 18.90 -14.11 -5.46
N SER J 105 18.20 -12.99 -5.28
CA SER J 105 18.90 -11.72 -5.03
C SER J 105 18.19 -10.91 -3.97
N TYR J 106 18.91 -9.94 -3.42
CA TYR J 106 18.48 -9.16 -2.27
C TYR J 106 18.58 -7.69 -2.62
N THR J 107 17.55 -6.92 -2.22
CA THR J 107 17.52 -5.46 -2.36
C THR J 107 17.07 -4.89 -0.99
N THR J 108 17.25 -3.59 -0.77
CA THR J 108 16.70 -2.96 0.40
C THR J 108 15.18 -3.17 0.34
N HIS J 109 14.55 -3.15 1.49
CA HIS J 109 13.10 -3.27 1.55
C HIS J 109 12.43 -2.10 0.83
N GLU J 110 13.02 -0.90 0.92
CA GLU J 110 12.50 0.24 0.20
C GLU J 110 12.45 -0.03 -1.30
N GLN J 111 13.51 -0.63 -1.81
CA GLN J 111 13.61 -0.93 -3.21
C GLN J 111 12.67 -2.06 -3.60
N PHE J 112 12.52 -3.01 -2.69
CA PHE J 112 11.61 -4.12 -2.87
C PHE J 112 10.19 -3.61 -3.11
N LYS J 113 9.76 -2.67 -2.27
CA LYS J 113 8.43 -2.07 -2.39
C LYS J 113 8.25 -1.42 -3.75
N LYS J 114 9.28 -0.73 -4.22
CA LYS J 114 9.24 -0.14 -5.57
C LYS J 114 9.08 -1.19 -6.67
N LEU J 115 9.81 -2.29 -6.57
CA LEU J 115 9.70 -3.37 -7.55
C LEU J 115 8.30 -3.97 -7.53
N THR J 116 7.65 -4.04 -6.37
CA THR J 116 6.28 -4.58 -6.32
C THR J 116 5.31 -3.80 -7.22
N ALA J 117 5.61 -2.53 -7.50
CA ALA J 117 4.76 -1.71 -8.35
C ALA J 117 4.72 -2.23 -9.80
N ASP J 118 5.70 -3.06 -10.17
CA ASP J 118 5.78 -3.60 -11.52
C ASP J 118 5.28 -5.02 -11.64
N SER J 119 4.81 -5.60 -10.55
CA SER J 119 4.36 -6.97 -10.64
C SER J 119 2.97 -7.06 -11.24
N GLN J 120 2.58 -8.26 -11.63
CA GLN J 120 1.22 -8.47 -12.16
C GLN J 120 0.20 -8.58 -11.03
N ALA J 121 0.61 -9.08 -9.88
CA ALA J 121 -0.30 -9.13 -8.73
C ALA J 121 0.48 -9.35 -7.47
N VAL J 122 -0.09 -8.92 -6.36
CA VAL J 122 0.43 -9.19 -5.05
C VAL J 122 -0.59 -10.09 -4.36
N ILE J 123 -0.12 -11.29 -3.98
CA ILE J 123 -0.92 -12.24 -3.23
C ILE J 123 -0.60 -12.07 -1.74
N ARG J 124 -1.59 -11.60 -1.00
CA ARG J 124 -1.40 -11.33 0.42
C ARG J 124 -1.74 -12.53 1.30
N SER J 125 -0.75 -12.97 2.09
CA SER J 125 -0.94 -14.08 3.02
C SER J 125 -1.24 -13.52 4.40
N GLY J 126 -1.54 -14.39 5.36
CA GLY J 126 -1.76 -13.98 6.76
C GLY J 126 -0.49 -14.01 7.61
N GLU J 127 0.67 -14.15 6.98
CA GLU J 127 1.93 -14.20 7.70
C GLU J 127 2.20 -12.92 8.51
N CYS J 128 2.59 -13.11 9.77
CA CYS J 128 2.87 -12.01 10.69
C CYS J 128 4.35 -11.83 11.08
N SER J 129 5.21 -12.74 10.66
CA SER J 129 6.65 -12.54 10.91
C SER J 129 7.16 -11.39 10.02
N PRO J 130 8.32 -10.85 10.34
CA PRO J 130 8.86 -9.69 9.61
C PRO J 130 9.47 -10.00 8.23
N TYR J 131 9.23 -9.11 7.29
CA TYR J 131 9.81 -9.16 5.96
C TYR J 131 9.54 -10.44 5.21
N ALA J 132 8.39 -11.05 5.48
CA ALA J 132 7.99 -12.28 4.81
C ALA J 132 7.32 -11.88 3.48
N ASN J 133 8.16 -11.44 2.55
CA ASN J 133 7.73 -10.99 1.25
C ASN J 133 8.71 -11.47 0.20
N VAL J 134 8.21 -11.98 -0.93
CA VAL J 134 9.09 -12.41 -2.02
C VAL J 134 8.50 -12.01 -3.35
N ILE J 135 9.37 -11.56 -4.25
CA ILE J 135 9.02 -11.34 -5.64
C ILE J 135 9.47 -12.57 -6.43
N LEU J 136 8.54 -13.27 -7.06
CA LEU J 136 8.86 -14.41 -7.90
C LEU J 136 8.84 -13.99 -9.35
N CYS J 137 9.87 -14.38 -10.11
CA CYS J 137 9.95 -14.05 -11.54
C CYS J 137 9.70 -15.27 -12.41
N ALA J 138 8.82 -15.11 -13.38
CA ALA J 138 8.43 -16.23 -14.25
C ALA J 138 9.53 -16.52 -15.27
N GLY J 139 9.87 -17.79 -15.44
CA GLY J 139 10.81 -18.17 -16.49
C GLY J 139 11.05 -19.67 -16.56
N VAL J 140 11.35 -20.14 -17.77
CA VAL J 140 11.68 -21.54 -18.02
C VAL J 140 12.95 -21.62 -18.83
N THR J 141 13.53 -22.81 -18.88
CA THR J 141 14.65 -23.13 -19.75
C THR J 141 14.19 -23.63 -21.15
N ASN K 2 -17.74 26.97 7.87
CA ASN K 2 -16.43 26.51 7.25
C ASN K 2 -16.56 25.69 5.94
N ALA K 3 -17.75 25.18 5.64
CA ALA K 3 -18.03 24.46 4.38
C ALA K 3 -18.20 25.41 3.19
N LYS K 5 -20.30 24.90 0.79
CA LYS K 5 -21.72 24.95 0.51
C LYS K 5 -22.41 25.77 1.61
N LYS K 6 -23.13 26.80 1.21
CA LYS K 6 -23.95 27.58 2.14
C LYS K 6 -25.11 26.74 2.62
N GLY K 7 -25.51 26.93 3.88
CA GLY K 7 -26.58 26.17 4.47
C GLY K 7 -26.02 25.10 5.38
N THR K 8 -26.84 24.10 5.69
CA THR K 8 -26.53 23.17 6.75
C THR K 8 -26.58 21.70 6.35
N VAL K 9 -27.02 21.41 5.12
CA VAL K 9 -26.99 20.06 4.61
C VAL K 9 -25.68 19.86 3.83
N LEU K 10 -24.66 19.36 4.55
CA LEU K 10 -23.28 19.37 4.06
C LEU K 10 -22.84 18.11 3.29
N ASN K 11 -23.46 16.98 3.56
CA ASN K 11 -23.04 15.76 2.95
C ASN K 11 -23.27 15.76 1.43
N SER K 12 -22.25 15.33 0.68
CA SER K 12 -22.32 15.36 -0.76
C SER K 12 -23.35 14.37 -1.33
N GLU K 13 -23.44 13.17 -0.77
CA GLU K 13 -24.40 12.20 -1.28
C GLU K 13 -25.83 12.57 -0.92
N ILE K 14 -26.05 13.03 0.30
CA ILE K 14 -27.40 13.45 0.70
C ILE K 14 -27.85 14.62 -0.17
N SER K 15 -26.98 15.60 -0.40
CA SER K 15 -27.31 16.74 -1.27
C SER K 15 -27.67 16.25 -2.67
N SER K 16 -26.86 15.33 -3.16
CA SER K 16 -27.08 14.81 -4.49
C SER K 16 -28.40 14.09 -4.60
N VAL K 17 -28.73 13.22 -3.65
CA VAL K 17 -29.98 12.46 -3.71
C VAL K 17 -31.22 13.36 -3.56
N ILE K 18 -31.17 14.31 -2.65
CA ILE K 18 -32.28 15.23 -2.44
C ILE K 18 -32.59 16.08 -3.67
N SER K 19 -31.55 16.50 -4.37
CA SER K 19 -31.72 17.35 -5.55
C SER K 19 -32.26 16.57 -6.73
N ARG K 20 -32.27 15.26 -6.58
CA ARG K 20 -32.61 14.34 -7.65
CA ARG K 20 -32.64 14.33 -7.65
C ARG K 20 -34.07 13.86 -7.48
N LEU K 21 -34.67 14.15 -6.31
CA LEU K 21 -36.04 13.73 -5.98
C LEU K 21 -37.13 14.45 -6.76
N GLY K 22 -38.15 13.69 -7.14
CA GLY K 22 -39.43 14.21 -7.63
C GLY K 22 -40.60 13.81 -6.72
N HIS K 23 -41.77 14.33 -7.04
CA HIS K 23 -42.97 14.09 -6.27
C HIS K 23 -43.23 12.60 -6.14
N THR K 24 -43.46 12.17 -4.90
CA THR K 24 -43.71 10.75 -4.52
C THR K 24 -42.47 9.87 -4.43
N ASP K 25 -41.31 10.33 -4.89
CA ASP K 25 -40.06 9.62 -4.64
C ASP K 25 -39.90 9.51 -3.13
N THR K 26 -39.24 8.47 -2.67
CA THR K 26 -39.03 8.29 -1.24
C THR K 26 -37.56 8.19 -0.86
N LEU K 27 -37.29 8.54 0.38
CA LEU K 27 -35.96 8.54 0.94
C LEU K 27 -36.10 7.94 2.30
N VAL K 28 -35.23 6.98 2.65
CA VAL K 28 -35.33 6.33 3.95
C VAL K 28 -34.20 6.77 4.84
N VAL K 29 -34.53 7.04 6.10
CA VAL K 29 -33.55 7.22 7.14
C VAL K 29 -33.73 6.06 8.08
N CYS K 30 -32.66 5.32 8.32
CA CYS K 30 -32.74 4.06 9.10
C CYS K 30 -31.74 3.98 10.27
N ASP K 31 -31.94 2.96 11.11
CA ASP K 31 -31.03 2.70 12.23
C ASP K 31 -29.82 1.81 11.82
N ALA K 32 -28.93 1.56 12.77
CA ALA K 32 -27.69 0.88 12.50
C ALA K 32 -27.89 -0.56 12.06
N GLY K 33 -29.09 -1.13 12.28
CA GLY K 33 -29.33 -2.55 12.00
C GLY K 33 -30.19 -2.88 10.81
N LEU K 34 -30.79 -1.89 10.14
CA LEU K 34 -31.74 -2.19 9.05
C LEU K 34 -31.00 -2.73 7.83
N PRO K 35 -31.51 -3.81 7.22
CA PRO K 35 -30.88 -4.25 5.99
C PRO K 35 -31.28 -3.31 4.86
N ILE K 36 -30.38 -3.13 3.91
CA ILE K 36 -30.60 -2.24 2.81
C ILE K 36 -30.62 -3.07 1.53
N PRO K 37 -31.73 -3.05 0.80
CA PRO K 37 -31.79 -3.83 -0.42
C PRO K 37 -30.88 -3.25 -1.49
N ASN K 38 -30.38 -4.11 -2.37
CA ASN K 38 -29.45 -3.69 -3.41
C ASN K 38 -30.13 -3.00 -4.60
N SER K 39 -31.46 -2.97 -4.60
CA SER K 39 -32.20 -2.18 -5.57
C SER K 39 -32.22 -0.69 -5.18
N THR K 40 -31.53 -0.33 -4.11
CA THR K 40 -31.57 1.03 -3.60
C THR K 40 -30.13 1.50 -3.25
N ALA K 41 -29.88 2.79 -3.40
CA ALA K 41 -28.57 3.37 -3.07
C ALA K 41 -28.37 3.40 -1.56
N ARG K 42 -27.16 3.09 -1.14
CA ARG K 42 -26.81 3.04 0.25
C ARG K 42 -25.95 4.27 0.58
N ILE K 43 -26.43 5.14 1.46
CA ILE K 43 -25.63 6.27 1.97
C ILE K 43 -25.38 6.02 3.43
N ASP K 44 -24.17 5.60 3.73
CA ASP K 44 -23.86 5.11 5.07
C ASP K 44 -23.26 6.23 5.89
N ALA K 46 -23.41 6.14 9.27
CA ALA K 46 -23.13 5.62 10.63
C ALA K 46 -21.63 5.72 10.89
N LEU K 47 -21.24 6.40 11.96
CA LEU K 47 -19.84 6.43 12.37
C LEU K 47 -19.61 5.41 13.49
N THR K 48 -20.47 5.49 14.51
CA THR K 48 -20.37 4.60 15.66
C THR K 48 -21.69 4.63 16.39
N GLN K 49 -21.84 3.79 17.41
CA GLN K 49 -23.07 3.73 18.16
C GLN K 49 -23.52 5.14 18.52
N GLY K 50 -24.75 5.50 18.08
CA GLY K 50 -25.37 6.79 18.42
C GLY K 50 -24.82 8.01 17.69
N VAL K 51 -23.90 7.85 16.75
CA VAL K 51 -23.31 8.99 16.05
C VAL K 51 -23.31 8.74 14.56
N PRO K 52 -24.10 9.50 13.80
CA PRO K 52 -25.10 10.49 14.22
C PRO K 52 -26.35 9.76 14.62
N SER K 53 -27.19 10.44 15.38
CA SER K 53 -28.49 9.88 15.81
C SER K 53 -29.46 9.86 14.67
N PHE K 54 -30.53 9.08 14.83
CA PHE K 54 -31.64 9.04 13.90
C PHE K 54 -32.20 10.44 13.69
N GLN K 56 -30.90 13.38 14.31
CA GLN K 56 -29.97 14.31 13.66
C GLN K 56 -30.03 14.18 12.15
N VAL K 57 -30.13 12.96 11.67
CA VAL K 57 -30.23 12.75 10.24
C VAL K 57 -31.59 13.20 9.69
N VAL K 58 -32.67 12.80 10.33
CA VAL K 58 -34.00 13.17 9.85
C VAL K 58 -34.11 14.69 9.76
N ASP K 59 -33.66 15.35 10.82
CA ASP K 59 -33.70 16.80 10.87
C ASP K 59 -32.95 17.41 9.69
N VAL K 60 -31.71 17.01 9.49
CA VAL K 60 -30.89 17.63 8.46
C VAL K 60 -31.47 17.37 7.07
N VAL K 61 -31.88 16.13 6.83
CA VAL K 61 -32.49 15.77 5.57
C VAL K 61 -33.71 16.67 5.29
N THR K 62 -34.56 16.87 6.30
CA THR K 62 -35.80 17.63 6.11
C THR K 62 -35.61 19.15 5.99
N ARG K 63 -34.41 19.65 6.26
CA ARG K 63 -34.12 21.06 5.96
C ARG K 63 -34.07 21.34 4.47
N GLU K 64 -33.72 20.34 3.65
CA GLU K 64 -33.70 20.53 2.20
C GLU K 64 -34.85 19.82 1.49
N GLN K 66 -38.64 18.57 0.75
CA GLN K 66 -40.07 18.82 0.91
C GLN K 66 -40.76 17.51 1.24
N VAL K 67 -41.32 17.39 2.43
CA VAL K 67 -41.92 16.14 2.84
C VAL K 67 -43.44 16.23 2.86
N GLU K 68 -44.13 15.30 2.21
CA GLU K 68 -45.59 15.26 2.26
C GLU K 68 -46.13 14.11 3.07
N ALA K 69 -45.33 13.09 3.34
CA ALA K 69 -45.82 11.93 4.07
C ALA K 69 -44.66 11.19 4.70
N ALA K 70 -44.96 10.43 5.76
CA ALA K 70 -43.94 9.64 6.43
C ALA K 70 -44.56 8.28 6.78
N ILE K 71 -43.78 7.21 6.57
CA ILE K 71 -44.25 5.86 6.90
C ILE K 71 -43.34 5.29 7.97
N LEU K 72 -43.99 4.60 8.92
CA LEU K 72 -43.30 3.98 10.05
C LEU K 72 -43.77 2.53 10.29
N ALA K 73 -42.92 1.76 10.97
CA ALA K 73 -43.33 0.41 11.41
C ALA K 73 -44.24 0.53 12.62
N THR K 74 -45.33 -0.24 12.64
CA THR K 74 -46.23 -0.27 13.78
C THR K 74 -45.46 -0.54 15.08
N GLU K 75 -44.42 -1.37 14.98
CA GLU K 75 -43.63 -1.77 16.15
C GLU K 75 -43.01 -0.60 16.92
N ILE K 76 -42.77 0.54 16.26
CA ILE K 76 -42.15 1.70 16.92
C ILE K 76 -43.03 2.23 18.07
N LYS K 77 -44.35 2.11 17.95
CA LYS K 77 -45.27 2.68 18.93
C LYS K 77 -45.02 2.11 20.32
N GLN K 78 -44.94 0.78 20.39
CA GLN K 78 -44.72 0.05 21.64
C GLN K 78 -43.25 -0.04 22.06
N GLN K 79 -42.36 -0.21 21.09
CA GLN K 79 -40.99 -0.58 21.40
C GLN K 79 -39.98 0.57 21.38
N ASN K 80 -40.39 1.74 20.91
CA ASN K 80 -39.54 2.94 20.98
C ASN K 80 -40.38 4.21 21.08
N PRO K 81 -41.26 4.29 22.09
CA PRO K 81 -42.25 5.36 22.18
C PRO K 81 -41.63 6.75 22.32
N GLN K 82 -40.52 6.83 23.05
CA GLN K 82 -39.82 8.11 23.25
C GLN K 82 -39.37 8.69 21.89
N LEU K 83 -38.77 7.85 21.07
CA LEU K 83 -38.33 8.29 19.75
C LEU K 83 -39.52 8.58 18.84
N HIS K 84 -40.52 7.71 18.91
CA HIS K 84 -41.75 7.90 18.15
C HIS K 84 -42.29 9.31 18.36
N GLU K 85 -42.46 9.75 19.60
CA GLU K 85 -43.06 11.07 19.79
C GLU K 85 -42.10 12.20 19.37
N THR K 86 -40.80 12.06 19.65
CA THR K 86 -39.87 13.11 19.22
C THR K 86 -39.98 13.30 17.70
N LEU K 87 -40.13 12.20 16.97
CA LEU K 87 -40.28 12.29 15.52
C LEU K 87 -41.61 12.94 15.16
N LEU K 88 -42.71 12.54 15.81
CA LEU K 88 -44.00 13.13 15.48
C LEU K 88 -43.99 14.65 15.74
N THR K 89 -43.40 15.08 16.85
CA THR K 89 -43.27 16.51 17.15
C THR K 89 -42.47 17.20 16.06
N HIS K 90 -41.37 16.59 15.66
CA HIS K 90 -40.54 17.20 14.64
C HIS K 90 -41.29 17.33 13.32
N LEU K 91 -42.01 16.28 12.93
CA LEU K 91 -42.80 16.31 11.70
C LEU K 91 -43.93 17.35 11.78
N GLU K 92 -44.45 17.57 12.99
CA GLU K 92 -45.49 18.57 13.26
C GLU K 92 -44.92 19.97 12.98
N GLN K 93 -43.69 20.21 13.42
CA GLN K 93 -43.04 21.52 13.22
C GLN K 93 -42.65 21.70 11.78
N LEU K 94 -42.23 20.62 11.16
CA LEU K 94 -41.83 20.65 9.76
C LEU K 94 -43.01 21.04 8.87
N GLN K 95 -44.17 20.44 9.11
CA GLN K 95 -45.33 20.74 8.28
C GLN K 95 -45.74 22.17 8.46
N GLN K 96 -45.62 22.69 9.67
CA GLN K 96 -45.91 24.11 9.92
C GLN K 96 -44.96 25.03 9.12
N HIS K 97 -43.66 24.80 9.26
CA HIS K 97 -42.61 25.48 8.49
C HIS K 97 -42.89 25.38 6.95
N GLN K 98 -43.35 24.21 6.48
CA GLN K 98 -43.64 23.93 5.05
C GLN K 98 -44.98 24.48 4.56
N GLY K 99 -45.90 24.71 5.49
CA GLY K 99 -47.24 25.18 5.15
C GLY K 99 -48.16 24.08 4.61
N ASN K 100 -47.90 22.84 5.00
CA ASN K 100 -48.68 21.71 4.53
C ASN K 100 -49.03 20.82 5.69
N THR K 101 -49.53 19.63 5.37
CA THR K 101 -49.89 18.70 6.40
C THR K 101 -49.30 17.31 6.08
N ILE K 102 -48.34 16.88 6.90
CA ILE K 102 -47.57 15.65 6.66
C ILE K 102 -48.35 14.44 7.17
N LYS K 103 -48.75 13.59 6.23
CA LYS K 103 -49.49 12.36 6.50
C LYS K 103 -48.57 11.27 7.08
N ILE K 104 -48.99 10.68 8.20
CA ILE K 104 -48.25 9.63 8.89
C ILE K 104 -49.04 8.33 8.78
N SER K 105 -48.37 7.27 8.35
CA SER K 105 -49.03 5.97 8.34
C SER K 105 -48.07 4.90 8.83
N TYR K 106 -48.66 3.76 9.18
CA TYR K 106 -47.97 2.66 9.84
C TYR K 106 -48.25 1.38 9.08
N THR K 107 -47.21 0.56 8.92
CA THR K 107 -47.33 -0.77 8.34
C THR K 107 -46.54 -1.71 9.22
N THR K 108 -46.63 -3.01 8.96
CA THR K 108 -45.77 -3.96 9.65
C THR K 108 -44.34 -3.71 9.19
N HIS K 109 -43.40 -4.05 10.05
CA HIS K 109 -41.99 -3.88 9.74
C HIS K 109 -41.61 -4.68 8.51
N GLU K 110 -42.19 -5.86 8.36
CA GLU K 110 -41.96 -6.68 7.17
C GLU K 110 -42.32 -5.91 5.91
N GLN K 111 -43.46 -5.23 5.97
CA GLN K 111 -43.97 -4.48 4.84
C GLN K 111 -43.14 -3.21 4.64
N PHE K 112 -42.72 -2.61 5.74
CA PHE K 112 -41.79 -1.47 5.69
C PHE K 112 -40.54 -1.78 4.88
N LYS K 113 -39.89 -2.89 5.21
CA LYS K 113 -38.68 -3.33 4.56
C LYS K 113 -38.90 -3.48 3.08
N LYS K 114 -40.05 -4.02 2.68
CA LYS K 114 -40.42 -4.13 1.25
C LYS K 114 -40.51 -2.76 0.58
N LEU K 115 -41.15 -1.82 1.26
CA LEU K 115 -41.26 -0.48 0.71
C LEU K 115 -39.88 0.15 0.53
N THR K 116 -38.94 -0.15 1.43
CA THR K 116 -37.61 0.41 1.30
C THR K 116 -36.96 0.03 -0.04
N ALA K 117 -37.35 -1.10 -0.62
CA ALA K 117 -36.81 -1.55 -1.91
C ALA K 117 -37.11 -0.55 -3.05
N ASP K 118 -38.13 0.28 -2.88
CA ASP K 118 -38.54 1.25 -3.90
C ASP K 118 -38.02 2.65 -3.70
N SER K 119 -37.30 2.88 -2.61
CA SER K 119 -36.84 4.21 -2.33
C SER K 119 -35.64 4.56 -3.21
N GLN K 120 -35.35 5.85 -3.28
CA GLN K 120 -34.20 6.32 -4.02
C GLN K 120 -32.93 6.02 -3.28
N ALA K 121 -32.96 6.13 -1.96
CA ALA K 121 -31.76 5.87 -1.16
C ALA K 121 -32.17 5.58 0.27
N VAL K 122 -31.32 4.82 0.95
CA VAL K 122 -31.44 4.63 2.38
C VAL K 122 -30.23 5.27 3.07
N ILE K 123 -30.51 6.24 3.93
CA ILE K 123 -29.47 6.95 4.67
C ILE K 123 -29.38 6.30 6.04
N ARG K 124 -28.25 5.66 6.28
CA ARG K 124 -28.07 4.90 7.49
C ARG K 124 -27.47 5.79 8.58
N SER K 125 -28.16 5.86 9.71
CA SER K 125 -27.68 6.55 10.91
C SER K 125 -26.99 5.58 11.89
N GLY K 126 -26.42 6.14 12.96
CA GLY K 126 -25.82 5.34 14.02
C GLY K 126 -26.76 4.91 15.13
N GLU K 127 -28.05 5.17 14.94
CA GLU K 127 -29.04 4.91 15.97
C GLU K 127 -29.09 3.45 16.36
N CYS K 128 -29.13 3.20 17.66
CA CYS K 128 -29.22 1.85 18.18
C CYS K 128 -30.55 1.45 18.78
N SER K 129 -31.46 2.39 19.01
CA SER K 129 -32.77 2.03 19.58
C SER K 129 -33.58 1.24 18.52
N PRO K 130 -34.65 0.54 18.97
CA PRO K 130 -35.42 -0.33 18.06
C PRO K 130 -36.37 0.40 17.09
N TYR K 131 -36.43 -0.09 15.86
CA TYR K 131 -37.39 0.37 14.84
C TYR K 131 -37.29 1.88 14.54
N ALA K 132 -36.08 2.41 14.66
CA ALA K 132 -35.82 3.81 14.40
C ALA K 132 -35.58 3.95 12.89
N ASN K 133 -36.66 3.77 12.13
CA ASN K 133 -36.62 3.82 10.68
C ASN K 133 -37.84 4.55 10.18
N VAL K 134 -37.65 5.45 9.20
CA VAL K 134 -38.78 6.14 8.60
C VAL K 134 -38.56 6.28 7.09
N ILE K 135 -39.65 6.11 6.34
CA ILE K 135 -39.66 6.40 4.91
C ILE K 135 -40.30 7.77 4.78
N LEU K 136 -39.56 8.70 4.18
CA LEU K 136 -40.07 10.05 3.89
C LEU K 136 -40.48 10.13 2.43
N CYS K 137 -41.66 10.68 2.18
CA CYS K 137 -42.16 10.89 0.81
C CYS K 137 -42.10 12.34 0.39
N ALA K 138 -41.51 12.57 -0.78
CA ALA K 138 -41.33 13.93 -1.28
C ALA K 138 -42.64 14.44 -1.82
N GLY K 139 -42.98 15.67 -1.42
CA GLY K 139 -44.12 16.35 -1.97
C GLY K 139 -44.31 17.77 -1.47
N VAL K 140 -44.90 18.58 -2.33
CA VAL K 140 -45.21 19.97 -2.03
C VAL K 140 -46.67 20.20 -2.34
N THR K 141 -47.22 21.20 -1.69
CA THR K 141 -48.52 21.71 -2.02
C THR K 141 -48.47 22.27 -3.45
N ASN L 2 1.10 -8.02 12.86
CA ASN L 2 1.73 -7.35 11.69
C ASN L 2 0.72 -6.63 10.74
N ALA L 3 -0.60 -6.89 10.81
CA ALA L 3 -1.53 -6.09 9.96
C ALA L 3 -1.83 -4.71 10.55
N LYS L 5 -4.89 -3.38 10.50
CA LYS L 5 -6.19 -3.47 11.16
C LYS L 5 -6.02 -4.23 12.49
N LYS L 6 -6.46 -3.61 13.58
CA LYS L 6 -6.51 -4.28 14.87
C LYS L 6 -7.57 -5.36 14.84
N GLY L 7 -7.36 -6.43 15.59
CA GLY L 7 -8.31 -7.53 15.63
C GLY L 7 -7.80 -8.71 14.82
N THR L 8 -8.68 -9.64 14.49
CA THR L 8 -8.25 -10.88 13.84
C THR L 8 -8.97 -11.14 12.51
N VAL L 9 -9.94 -10.32 12.13
CA VAL L 9 -10.58 -10.46 10.85
C VAL L 9 -9.84 -9.57 9.82
N LEU L 10 -8.86 -10.17 9.14
CA LEU L 10 -7.93 -9.40 8.34
C LEU L 10 -8.30 -9.22 6.88
N ASN L 11 -9.11 -10.12 6.32
CA ASN L 11 -9.42 -10.05 4.90
C ASN L 11 -10.20 -8.78 4.58
N SER L 12 -9.77 -8.09 3.53
CA SER L 12 -10.43 -6.86 3.11
C SER L 12 -11.86 -7.08 2.64
N GLU L 13 -12.10 -8.11 1.85
CA GLU L 13 -13.44 -8.34 1.32
C GLU L 13 -14.41 -8.84 2.40
N ILE L 14 -13.93 -9.72 3.27
CA ILE L 14 -14.76 -10.19 4.36
C ILE L 14 -15.12 -9.03 5.30
N SER L 15 -14.14 -8.17 5.59
CA SER L 15 -14.38 -7.00 6.47
C SER L 15 -15.39 -6.11 5.84
N SER L 16 -15.25 -5.93 4.55
CA SER L 16 -16.15 -5.06 3.86
C SER L 16 -17.57 -5.59 3.88
N VAL L 17 -17.75 -6.88 3.59
CA VAL L 17 -19.11 -7.39 3.47
C VAL L 17 -19.80 -7.53 4.83
N ILE L 18 -19.04 -7.82 5.87
CA ILE L 18 -19.62 -7.89 7.22
C ILE L 18 -20.07 -6.53 7.67
N SER L 19 -19.33 -5.49 7.32
CA SER L 19 -19.70 -4.14 7.73
C SER L 19 -20.95 -3.60 7.00
N ARG L 20 -21.30 -4.23 5.87
CA ARG L 20 -22.48 -3.87 5.09
C ARG L 20 -23.71 -4.71 5.47
N LEU L 21 -23.59 -5.62 6.42
CA LEU L 21 -24.72 -6.47 6.82
C LEU L 21 -25.77 -5.73 7.66
N GLY L 22 -27.04 -5.99 7.35
CA GLY L 22 -28.14 -5.66 8.25
C GLY L 22 -28.87 -6.89 8.76
N HIS L 23 -29.80 -6.66 9.66
CA HIS L 23 -30.63 -7.72 10.22
C HIS L 23 -31.29 -8.56 9.12
N THR L 24 -31.12 -9.89 9.24
CA THR L 24 -31.64 -10.90 8.32
C THR L 24 -30.85 -11.06 7.01
N ASP L 25 -29.87 -10.19 6.73
CA ASP L 25 -28.96 -10.46 5.62
C ASP L 25 -28.24 -11.77 5.91
N THR L 26 -27.87 -12.50 4.86
CA THR L 26 -27.16 -13.74 5.01
C THR L 26 -25.81 -13.72 4.35
N LEU L 27 -24.92 -14.53 4.90
CA LEU L 27 -23.55 -14.70 4.44
C LEU L 27 -23.31 -16.20 4.42
N VAL L 28 -22.76 -16.72 3.32
CA VAL L 28 -22.53 -18.14 3.20
C VAL L 28 -21.05 -18.43 3.34
N VAL L 29 -20.72 -19.48 4.09
CA VAL L 29 -19.38 -20.06 4.08
C VAL L 29 -19.51 -21.45 3.47
N CYS L 30 -18.76 -21.72 2.41
CA CYS L 30 -18.94 -22.93 1.64
C CYS L 30 -17.64 -23.71 1.43
N ASP L 31 -17.81 -24.94 0.92
CA ASP L 31 -16.67 -25.82 0.66
C ASP L 31 -16.15 -25.62 -0.77
N ALA L 32 -15.11 -26.34 -1.13
CA ALA L 32 -14.38 -26.09 -2.37
C ALA L 32 -15.16 -26.41 -3.63
N GLY L 33 -16.26 -27.16 -3.49
CA GLY L 33 -17.03 -27.57 -4.64
C GLY L 33 -18.41 -26.93 -4.84
N LEU L 34 -18.84 -26.07 -3.93
CA LEU L 34 -20.17 -25.48 -4.05
C LEU L 34 -20.25 -24.49 -5.23
N PRO L 35 -21.30 -24.60 -6.07
CA PRO L 35 -21.45 -23.58 -7.10
C PRO L 35 -21.93 -22.28 -6.46
N ILE L 36 -21.53 -21.18 -7.04
CA ILE L 36 -21.85 -19.88 -6.51
C ILE L 36 -22.65 -19.15 -7.57
N PRO L 37 -23.92 -18.81 -7.26
CA PRO L 37 -24.72 -18.07 -8.23
C PRO L 37 -24.13 -16.73 -8.53
N ASN L 38 -24.37 -16.22 -9.73
CA ASN L 38 -23.86 -14.89 -10.10
C ASN L 38 -24.71 -13.75 -9.53
N SER L 39 -25.82 -14.05 -8.85
CA SER L 39 -26.61 -13.04 -8.14
C SER L 39 -25.99 -12.71 -6.78
N THR L 40 -24.83 -13.29 -6.50
CA THR L 40 -24.17 -13.06 -5.20
C THR L 40 -22.66 -12.82 -5.39
N ALA L 41 -22.09 -12.07 -4.46
CA ALA L 41 -20.67 -11.78 -4.50
C ALA L 41 -19.85 -13.02 -4.12
N ARG L 42 -18.78 -13.24 -4.86
CA ARG L 42 -17.90 -14.36 -4.66
C ARG L 42 -16.66 -13.87 -3.94
N ILE L 43 -16.41 -14.39 -2.73
CA ILE L 43 -15.16 -14.15 -2.04
C ILE L 43 -14.39 -15.47 -1.93
N ASP L 44 -13.39 -15.62 -2.78
CA ASP L 44 -12.70 -16.88 -2.91
C ASP L 44 -11.48 -16.94 -1.98
N ALA L 46 -10.26 -19.93 -0.98
CA ALA L 46 -9.65 -21.25 -1.14
C ALA L 46 -8.27 -21.09 -1.71
N LEU L 47 -7.26 -21.60 -1.01
CA LEU L 47 -5.90 -21.62 -1.54
C LEU L 47 -5.62 -22.97 -2.17
N THR L 48 -5.81 -24.02 -1.39
CA THR L 48 -5.55 -25.38 -1.81
C THR L 48 -6.34 -26.30 -0.91
N GLN L 49 -6.32 -27.59 -1.21
CA GLN L 49 -7.11 -28.55 -0.46
C GLN L 49 -6.90 -28.34 1.05
N GLY L 50 -7.98 -28.07 1.77
CA GLY L 50 -7.95 -27.95 3.23
C GLY L 50 -7.45 -26.63 3.77
N VAL L 51 -7.10 -25.69 2.90
CA VAL L 51 -6.51 -24.43 3.33
C VAL L 51 -7.23 -23.24 2.70
N PRO L 52 -7.92 -22.43 3.51
CA PRO L 52 -8.21 -22.63 4.90
C PRO L 52 -9.38 -23.54 5.02
N SER L 53 -9.54 -24.09 6.22
CA SER L 53 -10.60 -25.05 6.50
C SER L 53 -11.92 -24.32 6.61
N PHE L 54 -13.02 -25.07 6.48
CA PHE L 54 -14.36 -24.54 6.67
C PHE L 54 -14.47 -23.90 8.04
N GLN L 56 -12.11 -22.78 10.07
CA GLN L 56 -11.31 -21.56 10.22
C GLN L 56 -12.08 -20.34 9.70
N VAL L 57 -12.72 -20.50 8.54
CA VAL L 57 -13.45 -19.38 7.95
C VAL L 57 -14.69 -19.06 8.76
N VAL L 58 -15.45 -20.07 9.18
CA VAL L 58 -16.64 -19.82 10.01
C VAL L 58 -16.26 -19.12 11.32
N ASP L 59 -15.21 -19.59 11.95
CA ASP L 59 -14.73 -19.01 13.20
C ASP L 59 -14.36 -17.55 13.02
N VAL L 60 -13.56 -17.24 12.01
CA VAL L 60 -13.10 -15.87 11.83
C VAL L 60 -14.26 -14.93 11.48
N VAL L 61 -15.12 -15.35 10.56
CA VAL L 61 -16.28 -14.57 10.19
C VAL L 61 -17.11 -14.25 11.43
N THR L 62 -17.38 -15.24 12.28
CA THR L 62 -18.25 -15.04 13.45
C THR L 62 -17.66 -14.19 14.57
N ARG L 63 -16.36 -13.91 14.50
CA ARG L 63 -15.76 -12.96 15.44
C ARG L 63 -16.20 -11.53 15.18
N GLU L 64 -16.59 -11.21 13.96
CA GLU L 64 -17.10 -9.88 13.65
C GLU L 64 -18.62 -9.84 13.41
N GLN L 66 -22.55 -10.69 13.97
CA GLN L 66 -23.61 -11.09 14.89
C GLN L 66 -24.49 -12.12 14.22
N VAL L 67 -24.53 -13.33 14.76
CA VAL L 67 -25.31 -14.41 14.15
C VAL L 67 -26.55 -14.72 14.95
N GLU L 68 -27.70 -14.73 14.30
CA GLU L 68 -28.94 -15.14 14.96
C GLU L 68 -29.45 -16.50 14.52
N ALA L 69 -28.98 -17.00 13.37
CA ALA L 69 -29.43 -18.30 12.88
C ALA L 69 -28.44 -18.87 11.88
N ALA L 70 -28.53 -20.19 11.70
CA ALA L 70 -27.69 -20.90 10.76
C ALA L 70 -28.55 -21.93 10.03
N ILE L 71 -28.33 -22.04 8.72
CA ILE L 71 -29.02 -23.04 7.90
C ILE L 71 -28.01 -23.97 7.29
N LEU L 72 -28.33 -25.26 7.32
CA LEU L 72 -27.47 -26.33 6.82
C LEU L 72 -28.27 -27.27 5.92
N ALA L 73 -27.55 -28.00 5.08
CA ALA L 73 -28.17 -29.08 4.30
C ALA L 73 -28.38 -30.31 5.20
N THR L 74 -29.54 -30.97 5.07
CA THR L 74 -29.83 -32.20 5.84
C THR L 74 -28.73 -33.24 5.65
N GLU L 75 -28.18 -33.29 4.44
CA GLU L 75 -27.20 -34.29 4.05
C GLU L 75 -25.95 -34.27 4.95
N ILE L 76 -25.66 -33.15 5.61
CA ILE L 76 -24.49 -33.03 6.49
C ILE L 76 -24.55 -33.97 7.68
N LYS L 77 -25.77 -34.23 8.16
CA LYS L 77 -25.98 -35.07 9.34
C LYS L 77 -25.35 -36.47 9.20
N GLN L 78 -25.71 -37.13 8.10
CA GLN L 78 -25.22 -38.48 7.78
C GLN L 78 -23.84 -38.51 7.12
N GLN L 79 -23.54 -37.52 6.27
CA GLN L 79 -22.39 -37.60 5.38
C GLN L 79 -21.17 -36.82 5.86
N ASN L 80 -21.33 -35.98 6.88
CA ASN L 80 -20.19 -35.27 7.49
C ASN L 80 -20.44 -35.01 8.98
N PRO L 81 -20.76 -36.06 9.74
CA PRO L 81 -21.15 -35.86 11.13
C PRO L 81 -20.07 -35.22 12.01
N GLN L 82 -18.81 -35.54 11.76
CA GLN L 82 -17.69 -34.94 12.51
C GLN L 82 -17.73 -33.43 12.41
N LEU L 83 -17.85 -32.94 11.18
CA LEU L 83 -17.87 -31.50 10.95
C LEU L 83 -19.17 -30.91 11.47
N HIS L 84 -20.25 -31.62 11.24
CA HIS L 84 -21.55 -31.20 11.76
C HIS L 84 -21.47 -30.94 13.27
N GLU L 85 -20.93 -31.87 14.03
CA GLU L 85 -20.80 -31.68 15.48
C GLU L 85 -19.93 -30.47 15.81
N THR L 86 -18.73 -30.40 15.21
CA THR L 86 -17.80 -29.32 15.53
C THR L 86 -18.46 -27.97 15.30
N LEU L 87 -19.30 -27.88 14.27
CA LEU L 87 -19.98 -26.64 13.97
C LEU L 87 -21.02 -26.32 15.02
N LEU L 88 -21.81 -27.32 15.40
CA LEU L 88 -22.85 -27.12 16.39
C LEU L 88 -22.23 -26.68 17.72
N THR L 89 -21.12 -27.28 18.11
CA THR L 89 -20.37 -26.86 19.31
C THR L 89 -19.87 -25.42 19.22
N HIS L 90 -19.32 -25.05 18.07
CA HIS L 90 -18.86 -23.67 17.86
C HIS L 90 -20.01 -22.66 17.94
N LEU L 91 -21.14 -23.00 17.29
CA LEU L 91 -22.34 -22.16 17.34
C LEU L 91 -22.88 -22.03 18.74
N GLU L 92 -22.75 -23.09 19.53
CA GLU L 92 -23.16 -23.08 20.94
C GLU L 92 -22.32 -22.07 21.74
N GLN L 93 -21.02 -22.08 21.52
CA GLN L 93 -20.10 -21.17 22.23
C GLN L 93 -20.30 -19.73 21.76
N LEU L 94 -20.57 -19.58 20.46
CA LEU L 94 -20.82 -18.26 19.89
C LEU L 94 -22.05 -17.63 20.52
N GLN L 95 -23.14 -18.39 20.61
CA GLN L 95 -24.39 -17.85 21.14
C GLN L 95 -24.19 -17.43 22.60
N GLN L 96 -23.38 -18.18 23.33
CA GLN L 96 -23.06 -17.81 24.72
C GLN L 96 -22.28 -16.50 24.77
N HIS L 97 -21.22 -16.39 23.98
CA HIS L 97 -20.48 -15.13 23.85
C HIS L 97 -21.43 -13.97 23.49
N GLN L 98 -22.30 -14.20 22.52
CA GLN L 98 -23.21 -13.16 22.01
C GLN L 98 -24.36 -12.85 22.96
N GLY L 99 -24.68 -13.76 23.88
CA GLY L 99 -25.80 -13.56 24.79
C GLY L 99 -27.16 -13.80 24.14
N ASN L 100 -27.21 -14.64 23.13
CA ASN L 100 -28.45 -14.94 22.45
C ASN L 100 -28.55 -16.43 22.20
N THR L 101 -29.50 -16.83 21.38
CA THR L 101 -29.67 -18.24 21.05
C THR L 101 -29.76 -18.42 19.53
N ILE L 102 -28.77 -19.10 18.97
CA ILE L 102 -28.66 -19.28 17.51
C ILE L 102 -29.51 -20.44 17.02
N LYS L 103 -30.50 -20.10 16.21
CA LYS L 103 -31.42 -21.09 15.65
C LYS L 103 -30.78 -21.88 14.50
N ILE L 104 -30.85 -23.20 14.58
CA ILE L 104 -30.30 -24.04 13.54
C ILE L 104 -31.46 -24.68 12.80
N SER L 105 -31.39 -24.68 11.48
CA SER L 105 -32.38 -25.41 10.69
C SER L 105 -31.73 -26.10 9.49
N TYR L 106 -32.48 -27.04 8.93
CA TYR L 106 -31.99 -27.91 7.88
C TYR L 106 -32.96 -27.87 6.71
N THR L 107 -32.43 -27.85 5.50
CA THR L 107 -33.24 -27.98 4.29
C THR L 107 -32.51 -28.94 3.38
N THR L 108 -33.14 -29.35 2.28
CA THR L 108 -32.45 -30.17 1.30
C THR L 108 -31.31 -29.34 0.71
N HIS L 109 -30.27 -30.01 0.24
CA HIS L 109 -29.15 -29.32 -0.40
C HIS L 109 -29.59 -28.52 -1.61
N GLU L 110 -30.55 -29.06 -2.36
CA GLU L 110 -31.11 -28.34 -3.50
C GLU L 110 -31.69 -27.02 -3.06
N GLN L 111 -32.41 -27.04 -1.95
CA GLN L 111 -33.05 -25.85 -1.42
C GLN L 111 -31.99 -24.90 -0.84
N PHE L 112 -30.98 -25.47 -0.21
CA PHE L 112 -29.85 -24.72 0.31
C PHE L 112 -29.23 -23.87 -0.80
N LYS L 113 -28.94 -24.51 -1.94
CA LYS L 113 -28.32 -23.82 -3.09
C LYS L 113 -29.19 -22.65 -3.56
N LYS L 114 -30.51 -22.85 -3.55
CA LYS L 114 -31.42 -21.76 -3.88
C LYS L 114 -31.33 -20.61 -2.90
N LEU L 115 -31.29 -20.91 -1.60
CA LEU L 115 -31.16 -19.85 -0.60
C LEU L 115 -29.84 -19.07 -0.77
N THR L 116 -28.77 -19.74 -1.23
CA THR L 116 -27.50 -19.03 -1.43
C THR L 116 -27.62 -17.92 -2.47
N ALA L 117 -28.60 -18.00 -3.38
CA ALA L 117 -28.84 -16.97 -4.37
C ALA L 117 -29.24 -15.62 -3.75
N ASP L 118 -29.73 -15.66 -2.51
CA ASP L 118 -30.18 -14.47 -1.81
C ASP L 118 -29.19 -13.89 -0.83
N SER L 119 -28.05 -14.53 -0.66
CA SER L 119 -27.09 -14.05 0.31
C SER L 119 -26.30 -12.85 -0.24
N GLN L 120 -25.65 -12.15 0.66
CA GLN L 120 -24.85 -11.00 0.26
C GLN L 120 -23.53 -11.44 -0.33
N ALA L 121 -22.99 -12.56 0.14
CA ALA L 121 -21.72 -13.07 -0.40
C ALA L 121 -21.57 -14.52 -0.03
N VAL L 122 -20.83 -15.25 -0.86
CA VAL L 122 -20.41 -16.60 -0.53
C VAL L 122 -18.90 -16.56 -0.35
N ILE L 123 -18.47 -16.92 0.84
CA ILE L 123 -17.03 -17.03 1.16
C ILE L 123 -16.62 -18.49 0.97
N ARG L 124 -15.78 -18.73 -0.03
CA ARG L 124 -15.36 -20.08 -0.37
C ARG L 124 -14.10 -20.50 0.41
N SER L 125 -14.22 -21.60 1.14
CA SER L 125 -13.09 -22.18 1.85
C SER L 125 -12.41 -23.24 1.02
N GLY L 126 -11.32 -23.79 1.53
CA GLY L 126 -10.62 -24.92 0.91
C GLY L 126 -11.12 -26.30 1.37
N GLU L 127 -12.22 -26.32 2.10
CA GLU L 127 -12.73 -27.56 2.66
C GLU L 127 -13.12 -28.55 1.58
N CYS L 128 -12.67 -29.80 1.73
CA CYS L 128 -13.00 -30.86 0.79
C CYS L 128 -13.98 -31.91 1.31
N SER L 129 -14.33 -31.89 2.60
CA SER L 129 -15.32 -32.84 3.10
C SER L 129 -16.71 -32.49 2.50
N PRO L 130 -17.65 -33.47 2.52
CA PRO L 130 -18.98 -33.26 1.93
C PRO L 130 -19.92 -32.35 2.70
N TYR L 131 -20.66 -31.53 1.95
CA TYR L 131 -21.73 -30.66 2.46
C TYR L 131 -21.28 -29.72 3.58
N ALA L 132 -20.02 -29.29 3.48
CA ALA L 132 -19.43 -28.33 4.40
C ALA L 132 -19.82 -26.95 3.98
N ASN L 133 -21.11 -26.66 4.10
CA ASN L 133 -21.67 -25.37 3.68
C ASN L 133 -22.66 -24.88 4.74
N VAL L 134 -22.59 -23.60 5.10
CA VAL L 134 -23.53 -23.02 6.06
C VAL L 134 -23.97 -21.63 5.61
N ILE L 135 -25.27 -21.36 5.75
CA ILE L 135 -25.81 -20.00 5.59
C ILE L 135 -25.97 -19.38 6.98
N LEU L 136 -25.23 -18.30 7.23
CA LEU L 136 -25.29 -17.59 8.50
C LEU L 136 -26.23 -16.37 8.34
N CYS L 137 -27.16 -16.20 9.28
CA CYS L 137 -28.06 -15.05 9.26
C CYS L 137 -27.71 -14.05 10.33
N ALA L 138 -27.58 -12.79 9.92
CA ALA L 138 -27.18 -11.74 10.81
C ALA L 138 -28.36 -11.38 11.70
N GLY L 139 -28.08 -11.26 12.99
CA GLY L 139 -29.07 -10.75 13.94
C GLY L 139 -28.54 -10.53 15.34
N VAL L 140 -29.14 -9.60 16.07
CA VAL L 140 -28.83 -9.36 17.47
C VAL L 140 -30.09 -9.33 18.33
N ASN M 2 7.36 -24.04 -22.87
CA ASN M 2 7.68 -22.60 -23.04
C ASN M 2 6.73 -21.70 -22.30
N ALA M 3 5.55 -22.16 -21.87
CA ALA M 3 4.64 -21.29 -21.03
C ALA M 3 5.06 -21.12 -19.54
N LYS M 5 2.87 -21.11 -17.08
CA LYS M 5 1.97 -21.98 -16.34
C LYS M 5 2.39 -23.43 -16.61
N LYS M 6 2.67 -24.16 -15.53
CA LYS M 6 2.95 -25.58 -15.63
C LYS M 6 1.69 -26.32 -16.04
N GLY M 7 1.84 -27.38 -16.81
CA GLY M 7 0.70 -28.18 -17.27
C GLY M 7 0.41 -27.90 -18.73
N THR M 8 -0.78 -28.27 -19.19
CA THR M 8 -1.08 -28.19 -20.62
C THR M 8 -2.31 -27.34 -20.96
N VAL M 9 -3.04 -26.89 -19.94
CA VAL M 9 -4.18 -25.98 -20.16
C VAL M 9 -3.66 -24.53 -20.10
N LEU M 10 -3.30 -24.00 -21.26
CA LEU M 10 -2.56 -22.75 -21.35
C LEU M 10 -3.39 -21.48 -21.49
N ASN M 11 -4.59 -21.58 -22.03
CA ASN M 11 -5.40 -20.41 -22.29
C ASN M 11 -5.83 -19.74 -21.02
N SER M 12 -5.69 -18.42 -20.97
CA SER M 12 -6.04 -17.67 -19.75
C SER M 12 -7.54 -17.70 -19.42
N GLU M 13 -8.39 -17.56 -20.42
CA GLU M 13 -9.81 -17.51 -20.17
C GLU M 13 -10.34 -18.89 -19.77
N ILE M 14 -9.87 -19.93 -20.46
CA ILE M 14 -10.26 -21.30 -20.12
C ILE M 14 -9.83 -21.61 -18.69
N SER M 15 -8.59 -21.26 -18.36
CA SER M 15 -8.08 -21.52 -17.00
C SER M 15 -8.95 -20.81 -15.98
N SER M 16 -9.26 -19.56 -16.28
CA SER M 16 -10.05 -18.77 -15.39
C SER M 16 -11.44 -19.38 -15.13
N VAL M 17 -12.15 -19.71 -16.20
CA VAL M 17 -13.51 -20.21 -16.06
C VAL M 17 -13.50 -21.56 -15.32
N ILE M 18 -12.58 -22.45 -15.67
CA ILE M 18 -12.52 -23.77 -15.04
C ILE M 18 -12.32 -23.65 -13.53
N SER M 19 -11.48 -22.70 -13.13
CA SER M 19 -11.17 -22.51 -11.72
C SER M 19 -12.34 -21.85 -10.94
N ARG M 20 -13.35 -21.34 -11.64
CA ARG M 20 -14.50 -20.79 -10.96
C ARG M 20 -15.67 -21.78 -10.95
N LEU M 21 -15.52 -22.95 -11.58
CA LEU M 21 -16.61 -23.92 -11.65
C LEU M 21 -16.93 -24.53 -10.29
N GLY M 22 -18.21 -24.73 -10.01
CA GLY M 22 -18.67 -25.57 -8.91
C GLY M 22 -19.52 -26.74 -9.41
N HIS M 23 -19.89 -27.62 -8.49
CA HIS M 23 -20.68 -28.79 -8.83
C HIS M 23 -21.96 -28.42 -9.59
N THR M 24 -22.17 -29.10 -10.72
CA THR M 24 -23.34 -28.90 -11.60
C THR M 24 -23.25 -27.69 -12.53
N ASP M 25 -22.25 -26.82 -12.35
CA ASP M 25 -21.98 -25.80 -13.37
C ASP M 25 -21.65 -26.47 -14.67
N THR M 26 -22.01 -25.84 -15.78
CA THR M 26 -21.72 -26.40 -17.09
C THR M 26 -20.78 -25.52 -17.90
N LEU M 27 -20.08 -26.16 -18.83
CA LEU M 27 -19.18 -25.51 -19.75
C LEU M 27 -19.47 -26.10 -21.11
N VAL M 28 -19.61 -25.28 -22.13
CA VAL M 28 -19.91 -25.80 -23.45
C VAL M 28 -18.71 -25.70 -24.37
N VAL M 29 -18.45 -26.77 -25.13
CA VAL M 29 -17.50 -26.72 -26.24
C VAL M 29 -18.31 -26.87 -27.50
N CYS M 30 -18.19 -25.92 -28.42
CA CYS M 30 -19.04 -25.90 -29.61
C CYS M 30 -18.25 -25.74 -30.92
N ASP M 31 -18.98 -25.93 -32.03
CA ASP M 31 -18.39 -25.84 -33.37
C ASP M 31 -18.47 -24.41 -33.88
N ALA M 32 -17.93 -24.20 -35.07
CA ALA M 32 -17.74 -22.85 -35.60
C ALA M 32 -19.06 -22.14 -35.92
N GLY M 33 -20.17 -22.87 -35.96
CA GLY M 33 -21.45 -22.26 -36.33
C GLY M 33 -22.49 -22.13 -35.24
N LEU M 34 -22.21 -22.60 -34.02
CA LEU M 34 -23.23 -22.54 -32.96
C LEU M 34 -23.45 -21.11 -32.50
N PRO M 35 -24.73 -20.67 -32.43
CA PRO M 35 -24.98 -19.35 -31.82
C PRO M 35 -24.69 -19.40 -30.33
N ILE M 36 -24.25 -18.28 -29.79
CA ILE M 36 -23.83 -18.18 -28.40
C ILE M 36 -24.72 -17.14 -27.73
N PRO M 37 -25.56 -17.56 -26.77
CA PRO M 37 -26.44 -16.58 -26.12
C PRO M 37 -25.62 -15.57 -25.32
N ASN M 38 -26.16 -14.35 -25.21
CA ASN M 38 -25.51 -13.27 -24.45
C ASN M 38 -25.64 -13.42 -22.93
N SER M 39 -26.41 -14.39 -22.45
CA SER M 39 -26.43 -14.68 -21.01
C SER M 39 -25.23 -15.55 -20.59
N THR M 40 -24.31 -15.83 -21.53
CA THR M 40 -23.17 -16.67 -21.23
C THR M 40 -21.90 -16.06 -21.82
N ALA M 41 -20.78 -16.34 -21.16
CA ALA M 41 -19.48 -15.84 -21.59
C ALA M 41 -19.02 -16.55 -22.85
N ARG M 42 -18.42 -15.78 -23.74
CA ARG M 42 -17.97 -16.25 -25.02
C ARG M 42 -16.44 -16.36 -24.97
N ILE M 43 -15.90 -17.58 -25.09
CA ILE M 43 -14.49 -17.79 -25.23
C ILE M 43 -14.24 -18.29 -26.64
N ASP M 44 -13.76 -17.41 -27.50
CA ASP M 44 -13.66 -17.72 -28.92
C ASP M 44 -12.24 -18.22 -29.25
N ALA M 46 -11.70 -20.22 -31.93
CA ALA M 46 -11.68 -20.54 -33.35
C ALA M 46 -10.67 -19.66 -34.09
N LEU M 47 -9.68 -20.26 -34.73
CA LEU M 47 -8.73 -19.48 -35.53
C LEU M 47 -9.14 -19.52 -36.99
N THR M 48 -9.35 -20.74 -37.50
CA THR M 48 -9.75 -20.94 -38.88
C THR M 48 -10.39 -22.30 -39.00
N GLN M 49 -10.88 -22.63 -40.17
CA GLN M 49 -11.56 -23.93 -40.36
C GLN M 49 -10.71 -25.07 -39.80
N GLY M 50 -11.26 -25.84 -38.86
CA GLY M 50 -10.59 -27.02 -38.27
C GLY M 50 -9.50 -26.74 -37.24
N VAL M 51 -9.23 -25.47 -36.94
CA VAL M 51 -8.15 -25.11 -36.02
C VAL M 51 -8.66 -24.16 -34.93
N PRO M 52 -8.70 -24.62 -33.68
CA PRO M 52 -8.44 -25.97 -33.22
C PRO M 52 -9.66 -26.82 -33.48
N SER M 53 -9.47 -28.14 -33.47
CA SER M 53 -10.58 -29.08 -33.63
C SER M 53 -11.44 -29.14 -32.35
N PHE M 54 -12.66 -29.66 -32.52
CA PHE M 54 -13.58 -29.89 -31.40
C PHE M 54 -12.92 -30.78 -30.35
N GLN M 56 -9.69 -31.42 -29.89
CA GLN M 56 -8.55 -30.79 -29.23
C GLN M 56 -9.03 -29.97 -28.04
N VAL M 57 -10.11 -29.21 -28.23
CA VAL M 57 -10.62 -28.36 -27.16
C VAL M 57 -11.20 -29.21 -26.02
N VAL M 58 -12.04 -30.18 -26.38
CA VAL M 58 -12.66 -31.03 -25.37
C VAL M 58 -11.58 -31.71 -24.52
N ASP M 59 -10.58 -32.25 -25.21
CA ASP M 59 -9.49 -32.93 -24.54
C ASP M 59 -8.77 -32.00 -23.54
N VAL M 60 -8.38 -30.81 -23.99
CA VAL M 60 -7.63 -29.90 -23.14
C VAL M 60 -8.47 -29.44 -21.94
N VAL M 61 -9.73 -29.07 -22.20
CA VAL M 61 -10.62 -28.64 -21.12
C VAL M 61 -10.72 -29.73 -20.07
N THR M 62 -10.87 -30.98 -20.49
CA THR M 62 -11.11 -32.07 -19.56
C THR M 62 -9.85 -32.54 -18.82
N ARG M 63 -8.68 -32.05 -19.21
CA ARG M 63 -7.48 -32.28 -18.37
C ARG M 63 -7.53 -31.51 -17.04
N GLU M 64 -8.27 -30.42 -16.99
CA GLU M 64 -8.37 -29.61 -15.76
C GLU M 64 -9.77 -29.72 -15.11
N GLN M 66 -13.15 -31.52 -13.83
CA GLN M 66 -13.81 -32.75 -13.37
C GLN M 66 -15.18 -32.86 -14.01
N VAL M 67 -15.40 -33.88 -14.85
CA VAL M 67 -16.65 -34.02 -15.59
C VAL M 67 -17.47 -35.15 -15.00
N GLU M 68 -18.74 -34.88 -14.67
CA GLU M 68 -19.68 -35.93 -14.22
C GLU M 68 -20.74 -36.29 -15.26
N ALA M 69 -20.96 -35.44 -16.25
CA ALA M 69 -21.97 -35.73 -17.26
C ALA M 69 -21.69 -34.95 -18.52
N ALA M 70 -22.26 -35.43 -19.62
CA ALA M 70 -22.15 -34.77 -20.91
C ALA M 70 -23.47 -34.79 -21.63
N ILE M 71 -23.86 -33.67 -22.24
CA ILE M 71 -25.10 -33.63 -23.01
C ILE M 71 -24.77 -33.33 -24.46
N LEU M 72 -25.49 -34.01 -25.34
CA LEU M 72 -25.32 -33.87 -26.78
C LEU M 72 -26.66 -33.72 -27.50
N ALA M 73 -26.61 -33.19 -28.72
CA ALA M 73 -27.80 -33.20 -29.60
C ALA M 73 -28.01 -34.60 -30.17
N THR M 74 -29.26 -35.07 -30.22
CA THR M 74 -29.56 -36.37 -30.83
C THR M 74 -29.06 -36.41 -32.27
N GLU M 75 -29.09 -35.26 -32.94
CA GLU M 75 -28.66 -35.13 -34.34
C GLU M 75 -27.24 -35.64 -34.64
N ILE M 76 -26.36 -35.59 -33.64
CA ILE M 76 -24.98 -36.02 -33.83
C ILE M 76 -24.88 -37.52 -34.20
N LYS M 77 -25.80 -38.33 -33.68
CA LYS M 77 -25.73 -39.78 -33.88
C LYS M 77 -25.73 -40.14 -35.36
N GLN M 78 -26.71 -39.58 -36.09
CA GLN M 78 -26.84 -39.82 -37.52
C GLN M 78 -25.91 -38.96 -38.38
N GLN M 79 -25.69 -37.70 -37.99
CA GLN M 79 -25.09 -36.74 -38.91
C GLN M 79 -23.62 -36.50 -38.69
N ASN M 80 -23.06 -37.02 -37.59
CA ASN M 80 -21.61 -36.97 -37.38
C ASN M 80 -21.15 -38.15 -36.52
N PRO M 81 -21.41 -39.38 -36.99
CA PRO M 81 -21.18 -40.57 -36.18
C PRO M 81 -19.72 -40.78 -35.85
N GLN M 82 -18.81 -40.45 -36.75
CA GLN M 82 -17.42 -40.73 -36.43
C GLN M 82 -16.93 -39.78 -35.32
N LEU M 83 -17.37 -38.52 -35.31
CA LEU M 83 -17.02 -37.62 -34.19
C LEU M 83 -17.72 -38.09 -32.91
N HIS M 84 -18.99 -38.45 -33.03
CA HIS M 84 -19.74 -38.99 -31.92
C HIS M 84 -18.98 -40.15 -31.27
N GLU M 85 -18.56 -41.11 -32.10
CA GLU M 85 -17.78 -42.23 -31.62
C GLU M 85 -16.56 -41.72 -30.84
N THR M 86 -15.69 -40.94 -31.49
CA THR M 86 -14.42 -40.49 -30.89
C THR M 86 -14.64 -39.81 -29.54
N LEU M 87 -15.72 -39.06 -29.44
CA LEU M 87 -16.05 -38.36 -28.21
C LEU M 87 -16.42 -39.33 -27.12
N LEU M 88 -17.21 -40.34 -27.46
CA LEU M 88 -17.62 -41.33 -26.48
C LEU M 88 -16.40 -42.08 -25.95
N THR M 89 -15.50 -42.46 -26.84
CA THR M 89 -14.25 -43.15 -26.47
C THR M 89 -13.44 -42.29 -25.49
N HIS M 90 -13.32 -41.00 -25.81
CA HIS M 90 -12.57 -40.07 -24.97
C HIS M 90 -13.19 -39.94 -23.57
N LEU M 91 -14.51 -39.82 -23.54
CA LEU M 91 -15.25 -39.72 -22.30
C LEU M 91 -15.14 -41.03 -21.49
N GLU M 92 -15.00 -42.15 -22.18
CA GLU M 92 -14.77 -43.44 -21.52
C GLU M 92 -13.42 -43.42 -20.80
N GLN M 93 -12.40 -42.93 -21.48
CA GLN M 93 -11.04 -42.90 -20.92
C GLN M 93 -10.97 -41.88 -19.79
N LEU M 94 -11.68 -40.77 -19.96
CA LEU M 94 -11.69 -39.73 -18.96
C LEU M 94 -12.28 -40.24 -17.65
N GLN M 95 -13.42 -40.90 -17.74
CA GLN M 95 -14.09 -41.40 -16.54
C GLN M 95 -13.20 -42.43 -15.83
N GLN M 96 -12.47 -43.23 -16.59
CA GLN M 96 -11.49 -44.16 -16.01
C GLN M 96 -10.39 -43.43 -15.25
N HIS M 97 -9.79 -42.40 -15.86
CA HIS M 97 -8.76 -41.61 -15.19
CA HIS M 97 -8.78 -41.55 -15.22
C HIS M 97 -9.34 -40.89 -13.97
N GLN M 98 -10.59 -40.43 -14.06
CA GLN M 98 -11.24 -39.74 -12.96
C GLN M 98 -11.72 -40.66 -11.85
N GLY M 99 -11.91 -41.94 -12.16
CA GLY M 99 -12.42 -42.89 -11.18
C GLY M 99 -13.91 -42.73 -10.95
N ASN M 100 -14.64 -42.28 -11.97
CA ASN M 100 -16.08 -42.12 -11.86
C ASN M 100 -16.75 -42.61 -13.14
N THR M 101 -18.05 -42.36 -13.28
CA THR M 101 -18.75 -42.77 -14.48
C THR M 101 -19.49 -41.55 -15.05
N ILE M 102 -19.11 -41.17 -16.27
CA ILE M 102 -19.69 -39.97 -16.91
C ILE M 102 -21.00 -40.31 -17.63
N LYS M 103 -22.07 -39.69 -17.17
CA LYS M 103 -23.39 -39.89 -17.75
C LYS M 103 -23.55 -39.13 -19.07
N ILE M 104 -24.04 -39.83 -20.08
CA ILE M 104 -24.25 -39.25 -21.40
C ILE M 104 -25.74 -39.18 -21.64
N SER M 105 -26.23 -38.04 -22.09
CA SER M 105 -27.62 -37.93 -22.49
C SER M 105 -27.79 -37.04 -23.72
N TYR M 106 -28.95 -37.18 -24.34
CA TYR M 106 -29.22 -36.58 -25.63
C TYR M 106 -30.49 -35.78 -25.51
N THR M 107 -30.52 -34.61 -26.16
CA THR M 107 -31.76 -33.86 -26.29
C THR M 107 -31.82 -33.39 -27.74
N THR M 108 -32.94 -32.78 -28.15
CA THR M 108 -33.01 -32.17 -29.47
C THR M 108 -32.02 -31.02 -29.48
N HIS M 109 -31.52 -30.68 -30.66
CA HIS M 109 -30.60 -29.54 -30.82
C HIS M 109 -31.24 -28.24 -30.35
N GLU M 110 -32.54 -28.07 -30.58
CA GLU M 110 -33.25 -26.90 -30.10
C GLU M 110 -33.16 -26.78 -28.59
N GLN M 111 -33.32 -27.90 -27.91
CA GLN M 111 -33.27 -27.93 -26.46
C GLN M 111 -31.83 -27.75 -25.98
N PHE M 112 -30.89 -28.30 -26.75
CA PHE M 112 -29.47 -28.13 -26.49
C PHE M 112 -29.13 -26.65 -26.42
N LYS M 113 -29.51 -25.93 -27.46
CA LYS M 113 -29.26 -24.49 -27.54
C LYS M 113 -29.81 -23.77 -26.32
N LYS M 114 -31.00 -24.13 -25.86
CA LYS M 114 -31.57 -23.54 -24.65
C LYS M 114 -30.70 -23.81 -23.42
N LEU M 115 -30.23 -25.04 -23.27
CA LEU M 115 -29.39 -25.37 -22.13
C LEU M 115 -28.08 -24.56 -22.13
N THR M 116 -27.58 -24.24 -23.31
CA THR M 116 -26.37 -23.42 -23.43
C THR M 116 -26.53 -22.08 -22.74
N ALA M 117 -27.74 -21.56 -22.71
CA ALA M 117 -28.02 -20.28 -22.08
C ALA M 117 -27.65 -20.29 -20.59
N ASP M 118 -27.62 -21.47 -19.97
CA ASP M 118 -27.37 -21.60 -18.52
C ASP M 118 -25.94 -21.99 -18.17
N SER M 119 -25.09 -22.11 -19.18
CA SER M 119 -23.70 -22.48 -18.93
C SER M 119 -22.88 -21.29 -18.48
N GLN M 120 -21.73 -21.58 -17.90
CA GLN M 120 -20.81 -20.55 -17.45
C GLN M 120 -20.10 -19.93 -18.62
N ALA M 121 -19.80 -20.72 -19.62
CA ALA M 121 -19.14 -20.19 -20.82
C ALA M 121 -19.29 -21.15 -21.98
N VAL M 122 -19.19 -20.61 -23.20
CA VAL M 122 -19.13 -21.42 -24.40
C VAL M 122 -17.76 -21.23 -25.02
N ILE M 123 -17.01 -22.32 -25.15
CA ILE M 123 -15.71 -22.29 -25.75
C ILE M 123 -15.89 -22.71 -27.20
N ARG M 124 -15.65 -21.77 -28.10
CA ARG M 124 -15.86 -21.99 -29.51
C ARG M 124 -14.59 -22.55 -30.19
N SER M 125 -14.74 -23.71 -30.83
CA SER M 125 -13.67 -24.32 -31.62
C SER M 125 -13.81 -23.96 -33.09
N GLY M 126 -12.81 -24.37 -33.88
CA GLY M 126 -12.83 -24.21 -35.34
C GLY M 126 -13.54 -25.37 -36.07
N GLU M 127 -14.15 -26.28 -35.33
CA GLU M 127 -14.76 -27.48 -35.92
C GLU M 127 -15.86 -27.14 -36.94
N CYS M 128 -15.82 -27.77 -38.10
CA CYS M 128 -16.79 -27.52 -39.15
C CYS M 128 -17.77 -28.66 -39.43
N SER M 129 -17.55 -29.82 -38.82
CA SER M 129 -18.48 -30.92 -38.97
C SER M 129 -19.79 -30.58 -38.25
N PRO M 130 -20.89 -31.29 -38.58
CA PRO M 130 -22.19 -30.94 -38.01
C PRO M 130 -22.42 -31.43 -36.56
N TYR M 131 -23.07 -30.56 -35.77
CA TYR M 131 -23.52 -30.85 -34.42
C TYR M 131 -22.40 -31.27 -33.50
N ALA M 132 -21.21 -30.69 -33.72
CA ALA M 132 -20.03 -30.94 -32.90
C ALA M 132 -20.05 -30.01 -31.72
N ASN M 133 -21.01 -30.26 -30.84
CA ASN M 133 -21.28 -29.42 -29.68
C ASN M 133 -21.55 -30.28 -28.47
N VAL M 134 -20.91 -30.01 -27.34
CA VAL M 134 -21.20 -30.76 -26.12
C VAL M 134 -21.31 -29.82 -24.93
N ILE M 135 -22.25 -30.14 -24.05
CA ILE M 135 -22.32 -29.50 -22.73
C ILE M 135 -21.68 -30.44 -21.72
N LEU M 136 -20.62 -29.96 -21.06
CA LEU M 136 -19.95 -30.73 -20.01
C LEU M 136 -20.43 -30.25 -18.65
N CYS M 137 -20.77 -31.18 -17.75
CA CYS M 137 -21.17 -30.82 -16.38
C CYS M 137 -20.12 -31.15 -15.38
N ALA M 138 -19.83 -30.18 -14.51
CA ALA M 138 -18.79 -30.37 -13.52
C ALA M 138 -19.30 -31.27 -12.40
N GLY M 139 -18.50 -32.24 -12.02
CA GLY M 139 -18.81 -33.02 -10.83
C GLY M 139 -17.71 -34.00 -10.49
N VAL M 140 -17.63 -34.33 -9.19
CA VAL M 140 -16.71 -35.32 -8.67
C VAL M 140 -17.46 -36.26 -7.70
N THR M 141 -16.85 -37.39 -7.37
CA THR M 141 -17.16 -38.14 -6.14
C THR M 141 -18.40 -37.66 -5.37
N ASN N 2 -6.88 0.94 -50.32
CA ASN N 2 -6.29 1.84 -49.25
C ASN N 2 -6.47 1.34 -47.80
N ALA N 3 -7.47 0.51 -47.51
CA ALA N 3 -7.66 -0.03 -46.14
C ALA N 3 -6.59 -1.07 -45.79
N LYS N 5 -7.45 -3.77 -44.06
CA LYS N 5 -8.19 -5.03 -44.15
C LYS N 5 -8.39 -5.36 -45.64
N LYS N 6 -7.94 -6.54 -46.04
CA LYS N 6 -8.19 -7.04 -47.39
C LYS N 6 -9.67 -7.34 -47.54
N GLY N 7 -10.22 -7.11 -48.73
CA GLY N 7 -11.63 -7.34 -48.98
C GLY N 7 -12.38 -6.05 -49.11
N THR N 8 -13.70 -6.11 -48.98
CA THR N 8 -14.54 -4.93 -49.19
C THR N 8 -15.48 -4.58 -48.04
N VAL N 9 -15.53 -5.41 -47.01
CA VAL N 9 -16.29 -5.08 -45.82
C VAL N 9 -15.36 -4.35 -44.84
N LEU N 10 -15.35 -3.02 -44.94
CA LEU N 10 -14.35 -2.20 -44.26
C LEU N 10 -14.73 -1.72 -42.85
N ASN N 11 -16.03 -1.58 -42.54
CA ASN N 11 -16.44 -1.05 -41.24
C ASN N 11 -16.04 -1.97 -40.11
N SER N 12 -15.49 -1.38 -39.07
CA SER N 12 -15.01 -2.14 -37.92
C SER N 12 -16.14 -2.78 -37.14
N GLU N 13 -17.21 -2.06 -36.93
CA GLU N 13 -18.34 -2.61 -36.16
C GLU N 13 -19.09 -3.72 -36.92
N ILE N 14 -19.30 -3.52 -38.22
CA ILE N 14 -19.95 -4.54 -39.03
C ILE N 14 -19.08 -5.80 -39.10
N SER N 15 -17.77 -5.63 -39.33
CA SER N 15 -16.83 -6.76 -39.34
C SER N 15 -16.92 -7.51 -38.03
N SER N 16 -16.94 -6.76 -36.93
CA SER N 16 -17.01 -7.35 -35.62
C SER N 16 -18.27 -8.18 -35.44
N VAL N 17 -19.42 -7.60 -35.76
CA VAL N 17 -20.69 -8.28 -35.49
C VAL N 17 -20.85 -9.55 -36.39
N ILE N 18 -20.43 -9.44 -37.63
CA ILE N 18 -20.56 -10.57 -38.54
C ILE N 18 -19.68 -11.73 -38.06
N SER N 19 -18.52 -11.41 -37.49
CA SER N 19 -17.60 -12.43 -37.02
C SER N 19 -18.08 -13.14 -35.76
N ARG N 20 -19.12 -12.64 -35.10
CA ARG N 20 -19.65 -13.29 -33.90
C ARG N 20 -20.96 -13.99 -34.17
N LEU N 21 -21.42 -13.92 -35.41
CA LEU N 21 -22.70 -14.53 -35.75
C LEU N 21 -22.58 -16.04 -35.70
N GLY N 22 -23.61 -16.68 -35.14
CA GLY N 22 -23.80 -18.12 -35.29
C GLY N 22 -25.08 -18.46 -36.05
N HIS N 23 -25.28 -19.72 -36.34
CA HIS N 23 -26.46 -20.15 -37.06
C HIS N 23 -27.76 -19.67 -36.37
N THR N 24 -28.63 -19.05 -37.16
CA THR N 24 -29.95 -18.51 -36.74
C THR N 24 -29.87 -17.12 -36.04
N ASP N 25 -28.68 -16.66 -35.72
CA ASP N 25 -28.52 -15.27 -35.28
C ASP N 25 -29.02 -14.38 -36.40
N THR N 26 -29.57 -13.22 -36.05
CA THR N 26 -30.03 -12.27 -37.05
C THR N 26 -29.34 -10.91 -36.98
N LEU N 27 -29.32 -10.25 -38.12
CA LEU N 27 -28.73 -8.94 -38.28
C LEU N 27 -29.71 -8.12 -39.09
N VAL N 28 -30.02 -6.91 -38.64
CA VAL N 28 -30.99 -6.09 -39.34
C VAL N 28 -30.28 -4.99 -40.12
N VAL N 29 -30.73 -4.76 -41.35
CA VAL N 29 -30.35 -3.57 -42.12
C VAL N 29 -31.61 -2.75 -42.26
N CYS N 30 -31.59 -1.51 -41.78
CA CYS N 30 -32.80 -0.67 -41.74
C CYS N 30 -32.65 0.71 -42.41
N ASP N 31 -33.77 1.39 -42.55
CA ASP N 31 -33.83 2.74 -43.12
C ASP N 31 -33.61 3.82 -42.05
N ALA N 32 -33.61 5.08 -42.50
CA ALA N 32 -33.22 6.18 -41.62
C ALA N 32 -34.21 6.43 -40.50
N GLY N 33 -35.41 5.86 -40.58
CA GLY N 33 -36.43 6.14 -39.61
C GLY N 33 -36.82 5.03 -38.67
N LEU N 34 -36.24 3.84 -38.81
CA LEU N 34 -36.66 2.70 -37.97
C LEU N 34 -36.20 2.91 -36.55
N PRO N 35 -37.10 2.69 -35.57
CA PRO N 35 -36.63 2.71 -34.19
C PRO N 35 -35.80 1.47 -33.90
N ILE N 36 -34.82 1.63 -33.03
CA ILE N 36 -33.88 0.57 -32.69
C ILE N 36 -34.00 0.27 -31.21
N PRO N 37 -34.45 -0.94 -30.85
CA PRO N 37 -34.62 -1.27 -29.44
C PRO N 37 -33.29 -1.29 -28.73
N ASN N 38 -33.31 -0.98 -27.44
CA ASN N 38 -32.09 -0.98 -26.62
C ASN N 38 -31.58 -2.37 -26.22
N SER N 39 -32.36 -3.40 -26.50
CA SER N 39 -31.91 -4.76 -26.31
C SER N 39 -30.99 -5.20 -27.45
N THR N 40 -30.67 -4.29 -28.37
CA THR N 40 -29.86 -4.64 -29.53
C THR N 40 -28.79 -3.58 -29.82
N ALA N 41 -27.66 -4.00 -30.35
CA ALA N 41 -26.59 -3.06 -30.68
C ALA N 41 -27.00 -2.18 -31.88
N ARG N 42 -26.60 -0.93 -31.80
CA ARG N 42 -26.92 0.04 -32.79
C ARG N 42 -25.65 0.38 -33.57
N ILE N 43 -25.62 0.04 -34.86
CA ILE N 43 -24.50 0.43 -35.73
C ILE N 43 -25.04 1.47 -36.73
N ASP N 44 -24.73 2.74 -36.47
CA ASP N 44 -25.31 3.82 -37.23
C ASP N 44 -24.42 4.21 -38.38
N ALA N 46 -25.73 5.73 -41.11
CA ALA N 46 -26.41 6.81 -41.82
C ALA N 46 -25.59 8.08 -41.78
N LEU N 47 -25.17 8.61 -42.94
CA LEU N 47 -24.45 9.90 -42.99
C LEU N 47 -25.44 11.03 -43.28
N THR N 48 -26.22 10.85 -44.35
CA THR N 48 -27.24 11.82 -44.74
C THR N 48 -28.26 11.13 -45.63
N GLN N 49 -29.26 11.88 -46.05
CA GLN N 49 -30.34 11.30 -46.88
C GLN N 49 -29.77 10.53 -48.07
N GLY N 50 -30.05 9.22 -48.12
CA GLY N 50 -29.61 8.34 -49.20
C GLY N 50 -28.15 7.88 -49.19
N VAL N 51 -27.40 8.24 -48.17
CA VAL N 51 -25.98 7.90 -48.13
C VAL N 51 -25.63 7.31 -46.75
N PRO N 52 -25.29 6.01 -46.70
CA PRO N 52 -25.32 5.02 -47.78
C PRO N 52 -26.73 4.53 -47.98
N SER N 53 -27.02 4.00 -49.17
CA SER N 53 -28.35 3.48 -49.48
C SER N 53 -28.56 2.12 -48.78
N PHE N 54 -29.82 1.73 -48.68
CA PHE N 54 -30.21 0.46 -48.12
C PHE N 54 -29.46 -0.67 -48.83
N GLN N 56 -26.76 -0.60 -50.73
CA GLN N 56 -25.31 -0.58 -50.51
C GLN N 56 -24.96 -1.33 -49.25
N VAL N 57 -25.72 -1.14 -48.20
CA VAL N 57 -25.43 -1.80 -46.94
C VAL N 57 -25.75 -3.29 -47.01
N VAL N 58 -26.93 -3.65 -47.52
CA VAL N 58 -27.30 -5.06 -47.64
C VAL N 58 -26.23 -5.81 -48.44
N ASP N 59 -25.84 -5.23 -49.56
CA ASP N 59 -24.85 -5.81 -50.45
C ASP N 59 -23.53 -6.05 -49.73
N VAL N 60 -23.00 -5.03 -49.07
CA VAL N 60 -21.73 -5.16 -48.39
C VAL N 60 -21.79 -6.18 -47.24
N VAL N 61 -22.84 -6.10 -46.42
CA VAL N 61 -23.03 -7.07 -45.32
C VAL N 61 -23.00 -8.49 -45.85
N THR N 62 -23.74 -8.75 -46.95
CA THR N 62 -23.88 -10.12 -47.46
C THR N 62 -22.64 -10.66 -48.16
N ARG N 63 -21.65 -9.81 -48.41
CA ARG N 63 -20.39 -10.29 -48.92
C ARG N 63 -19.63 -11.10 -47.89
N GLU N 64 -19.87 -10.84 -46.61
CA GLU N 64 -19.20 -11.59 -45.54
C GLU N 64 -20.14 -12.53 -44.79
N GLN N 66 -23.07 -15.27 -44.30
CA GLN N 66 -23.81 -16.39 -44.87
C GLN N 66 -25.28 -16.22 -44.51
N VAL N 67 -26.12 -16.02 -45.52
CA VAL N 67 -27.54 -15.77 -45.29
C VAL N 67 -28.34 -16.99 -45.68
N GLU N 68 -29.23 -17.43 -44.78
CA GLU N 68 -30.17 -18.54 -45.08
C GLU N 68 -31.63 -18.09 -45.22
N ALA N 69 -31.95 -16.91 -44.70
CA ALA N 69 -33.33 -16.44 -44.75
C ALA N 69 -33.36 -14.94 -44.61
N ALA N 70 -34.45 -14.35 -45.07
CA ALA N 70 -34.67 -12.91 -44.96
C ALA N 70 -36.13 -12.66 -44.58
N ILE N 71 -36.34 -11.72 -43.65
CA ILE N 71 -37.69 -11.34 -43.24
C ILE N 71 -37.94 -9.86 -43.61
N LEU N 72 -39.14 -9.60 -44.14
CA LEU N 72 -39.54 -8.27 -44.57
C LEU N 72 -40.93 -7.93 -44.03
N ALA N 73 -41.23 -6.64 -43.99
CA ALA N 73 -42.59 -6.19 -43.69
C ALA N 73 -43.47 -6.33 -44.93
N THR N 74 -44.71 -6.81 -44.74
CA THR N 74 -45.68 -6.94 -45.84
C THR N 74 -45.81 -5.63 -46.58
N GLU N 75 -45.77 -4.54 -45.83
CA GLU N 75 -45.98 -3.20 -46.38
C GLU N 75 -45.02 -2.82 -47.52
N ILE N 76 -43.86 -3.46 -47.58
CA ILE N 76 -42.90 -3.14 -48.63
C ILE N 76 -43.43 -3.45 -50.03
N LYS N 77 -44.26 -4.49 -50.13
CA LYS N 77 -44.77 -4.96 -51.42
C LYS N 77 -45.49 -3.86 -52.16
N GLN N 78 -46.44 -3.22 -51.47
CA GLN N 78 -47.25 -2.13 -52.04
C GLN N 78 -46.55 -0.77 -52.02
N GLN N 79 -45.81 -0.49 -50.96
CA GLN N 79 -45.35 0.88 -50.73
C GLN N 79 -43.90 1.15 -51.14
N ASN N 80 -43.15 0.12 -51.52
CA ASN N 80 -41.82 0.31 -52.07
C ASN N 80 -41.45 -0.82 -53.02
N PRO N 81 -42.27 -1.03 -54.05
CA PRO N 81 -42.11 -2.20 -54.93
C PRO N 81 -40.78 -2.22 -55.69
N GLN N 82 -40.28 -1.05 -56.09
CA GLN N 82 -39.01 -1.00 -56.82
C GLN N 82 -37.88 -1.52 -55.94
N LEU N 83 -37.82 -1.10 -54.69
CA LEU N 83 -36.77 -1.58 -53.79
C LEU N 83 -36.99 -3.06 -53.50
N HIS N 84 -38.24 -3.43 -53.25
CA HIS N 84 -38.58 -4.83 -53.01
C HIS N 84 -37.98 -5.72 -54.10
N GLU N 85 -38.22 -5.34 -55.35
CA GLU N 85 -37.74 -6.08 -56.52
C GLU N 85 -36.22 -6.17 -56.56
N THR N 86 -35.55 -5.04 -56.35
CA THR N 86 -34.09 -5.02 -56.34
C THR N 86 -33.54 -5.96 -55.28
N LEU N 87 -34.18 -5.99 -54.12
CA LEU N 87 -33.72 -6.82 -53.01
C LEU N 87 -33.88 -8.28 -53.34
N LEU N 88 -35.03 -8.63 -53.88
CA LEU N 88 -35.29 -10.01 -54.22
C LEU N 88 -34.29 -10.51 -55.28
N THR N 89 -34.03 -9.70 -56.30
CA THR N 89 -33.02 -10.03 -57.31
C THR N 89 -31.63 -10.22 -56.66
N HIS N 90 -31.28 -9.33 -55.76
CA HIS N 90 -29.98 -9.43 -55.09
C HIS N 90 -29.89 -10.70 -54.21
N LEU N 91 -30.96 -11.02 -53.47
CA LEU N 91 -30.99 -12.28 -52.68
C LEU N 91 -30.99 -13.52 -53.59
N GLU N 92 -31.52 -13.40 -54.79
CA GLU N 92 -31.49 -14.47 -55.78
C GLU N 92 -30.06 -14.77 -56.22
N GLN N 93 -29.29 -13.70 -56.44
CA GLN N 93 -27.91 -13.87 -56.89
C GLN N 93 -27.02 -14.32 -55.75
N LEU N 94 -27.34 -13.85 -54.54
CA LEU N 94 -26.59 -14.24 -53.36
C LEU N 94 -26.72 -15.76 -53.13
N GLN N 95 -27.94 -16.27 -53.22
CA GLN N 95 -28.17 -17.69 -52.94
C GLN N 95 -27.45 -18.57 -53.95
N GLN N 96 -27.39 -18.09 -55.20
CA GLN N 96 -26.63 -18.77 -56.25
C GLN N 96 -25.13 -18.83 -55.93
N HIS N 97 -24.53 -17.71 -55.58
CA HIS N 97 -23.12 -17.68 -55.15
C HIS N 97 -22.90 -18.48 -53.87
N GLN N 98 -23.87 -18.48 -52.96
CA GLN N 98 -23.77 -19.25 -51.72
C GLN N 98 -24.01 -20.74 -51.92
N GLY N 99 -24.68 -21.11 -53.00
CA GLY N 99 -25.00 -22.51 -53.25
C GLY N 99 -26.14 -23.01 -52.39
N ASN N 100 -27.04 -22.11 -51.96
CA ASN N 100 -28.18 -22.52 -51.16
C ASN N 100 -29.44 -21.82 -51.65
N THR N 101 -30.48 -21.85 -50.83
CA THR N 101 -31.73 -21.24 -51.19
C THR N 101 -32.23 -20.35 -50.05
N ILE N 102 -32.27 -19.05 -50.29
CA ILE N 102 -32.63 -18.07 -49.27
C ILE N 102 -34.14 -17.94 -49.17
N LYS N 103 -34.64 -18.32 -48.01
CA LYS N 103 -36.06 -18.27 -47.70
C LYS N 103 -36.51 -16.83 -47.38
N ILE N 104 -37.56 -16.38 -48.06
CA ILE N 104 -38.11 -15.03 -47.86
C ILE N 104 -39.47 -15.18 -47.19
N SER N 105 -39.70 -14.39 -46.15
CA SER N 105 -41.01 -14.37 -45.51
C SER N 105 -41.38 -12.95 -45.11
N TYR N 106 -42.68 -12.76 -44.88
CA TYR N 106 -43.28 -11.46 -44.64
C TYR N 106 -44.06 -11.50 -43.34
N THR N 107 -43.98 -10.44 -42.58
CA THR N 107 -44.79 -10.26 -41.39
C THR N 107 -45.32 -8.84 -41.42
N THR N 108 -46.23 -8.52 -40.52
CA THR N 108 -46.64 -7.14 -40.34
C THR N 108 -45.42 -6.34 -39.89
N HIS N 109 -45.41 -5.05 -40.19
CA HIS N 109 -44.34 -4.16 -39.72
C HIS N 109 -44.26 -4.13 -38.19
N GLU N 110 -45.41 -4.15 -37.52
CA GLU N 110 -45.43 -4.20 -36.05
C GLU N 110 -44.65 -5.41 -35.56
N GLN N 111 -44.89 -6.54 -36.21
CA GLN N 111 -44.27 -7.79 -35.80
C GLN N 111 -42.79 -7.78 -36.17
N PHE N 112 -42.48 -7.16 -37.31
CA PHE N 112 -41.10 -6.98 -37.76
C PHE N 112 -40.29 -6.24 -36.69
N LYS N 113 -40.83 -5.15 -36.20
CA LYS N 113 -40.20 -4.35 -35.14
C LYS N 113 -39.91 -5.20 -33.89
N LYS N 114 -40.86 -6.05 -33.51
CA LYS N 114 -40.64 -6.93 -32.37
C LYS N 114 -39.51 -7.91 -32.62
N LEU N 115 -39.44 -8.49 -33.82
CA LEU N 115 -38.35 -9.41 -34.15
C LEU N 115 -36.97 -8.72 -34.10
N THR N 116 -36.92 -7.41 -34.42
CA THR N 116 -35.66 -6.68 -34.37
C THR N 116 -35.09 -6.64 -32.94
N ALA N 117 -35.95 -6.76 -31.93
CA ALA N 117 -35.50 -6.81 -30.53
C ALA N 117 -34.60 -8.02 -30.24
N ASP N 118 -34.69 -9.05 -31.07
CA ASP N 118 -33.91 -10.28 -30.88
C ASP N 118 -32.65 -10.35 -31.74
N SER N 119 -32.37 -9.33 -32.55
CA SER N 119 -31.23 -9.39 -33.43
C SER N 119 -29.95 -9.05 -32.68
N GLN N 120 -28.81 -9.39 -33.28
CA GLN N 120 -27.51 -9.05 -32.70
C GLN N 120 -27.22 -7.57 -32.87
N ALA N 121 -27.64 -7.00 -33.99
CA ALA N 121 -27.45 -5.59 -34.23
C ALA N 121 -28.36 -5.09 -35.32
N VAL N 122 -28.64 -3.80 -35.28
CA VAL N 122 -29.31 -3.12 -36.36
C VAL N 122 -28.30 -2.20 -37.01
N ILE N 123 -28.09 -2.37 -38.30
CA ILE N 123 -27.22 -1.50 -39.07
C ILE N 123 -28.11 -0.49 -39.81
N ARG N 124 -27.99 0.76 -39.40
CA ARG N 124 -28.84 1.82 -39.90
C ARG N 124 -28.22 2.48 -41.13
N SER N 125 -28.97 2.46 -42.24
CA SER N 125 -28.59 3.11 -43.48
C SER N 125 -29.21 4.51 -43.59
N GLY N 126 -28.80 5.24 -44.64
CA GLY N 126 -29.38 6.55 -44.97
C GLY N 126 -30.63 6.49 -45.84
N GLU N 127 -31.18 5.30 -46.05
CA GLU N 127 -32.33 5.13 -46.94
C GLU N 127 -33.58 5.86 -46.43
N CYS N 128 -34.23 6.57 -47.34
CA CYS N 128 -35.42 7.36 -47.04
C CYS N 128 -36.71 6.80 -47.59
N SER N 129 -36.64 5.81 -48.47
CA SER N 129 -37.87 5.22 -49.02
C SER N 129 -38.57 4.44 -47.89
N PRO N 130 -39.87 4.12 -48.05
CA PRO N 130 -40.64 3.45 -46.99
C PRO N 130 -40.38 1.95 -46.82
N TYR N 131 -40.37 1.52 -45.56
CA TYR N 131 -40.26 0.10 -45.20
C TYR N 131 -39.02 -0.60 -45.80
N ALA N 132 -37.93 0.17 -45.92
CA ALA N 132 -36.66 -0.32 -46.41
C ALA N 132 -35.89 -0.93 -45.24
N ASN N 133 -36.41 -2.04 -44.74
CA ASN N 133 -35.87 -2.74 -43.59
C ASN N 133 -35.91 -4.24 -43.84
N VAL N 134 -34.82 -4.94 -43.57
CA VAL N 134 -34.76 -6.38 -43.72
C VAL N 134 -34.05 -7.02 -42.53
N ILE N 135 -34.58 -8.15 -42.05
CA ILE N 135 -33.89 -9.00 -41.06
C ILE N 135 -33.23 -10.13 -41.83
N LEU N 136 -31.91 -10.22 -41.73
CA LEU N 136 -31.13 -11.27 -42.37
C LEU N 136 -30.78 -12.33 -41.33
N CYS N 137 -31.03 -13.61 -41.66
CA CYS N 137 -30.71 -14.74 -40.76
C CYS N 137 -29.51 -15.53 -41.23
N ALA N 138 -28.57 -15.72 -40.31
CA ALA N 138 -27.32 -16.40 -40.64
C ALA N 138 -27.57 -17.90 -40.77
N GLY N 139 -27.02 -18.47 -41.84
CA GLY N 139 -27.04 -19.91 -42.03
C GLY N 139 -26.31 -20.41 -43.26
N VAL N 140 -25.78 -21.63 -43.15
CA VAL N 140 -25.11 -22.34 -44.24
C VAL N 140 -25.76 -23.73 -44.30
N THR N 141 -25.68 -24.47 -45.41
CA THR N 141 -26.47 -25.72 -45.52
C THR N 141 -25.58 -26.97 -45.49
N ASN O 2 -22.30 32.17 -30.95
CA ASN O 2 -20.98 31.86 -30.28
C ASN O 2 -20.67 30.33 -30.19
N ALA O 3 -21.66 29.47 -30.41
CA ALA O 3 -21.47 27.99 -30.35
C ALA O 3 -21.01 27.39 -31.68
N LYS O 5 -21.81 24.56 -33.00
CA LYS O 5 -22.88 23.88 -33.73
C LYS O 5 -23.75 24.95 -34.37
N LYS O 6 -23.96 24.85 -35.68
CA LYS O 6 -24.87 25.73 -36.39
C LYS O 6 -26.31 25.34 -36.02
N GLY O 7 -27.19 26.32 -35.91
CA GLY O 7 -28.57 26.04 -35.47
C GLY O 7 -28.78 26.50 -34.04
N THR O 8 -29.91 26.09 -33.47
CA THR O 8 -30.37 26.65 -32.21
C THR O 8 -30.53 25.62 -31.09
N VAL O 9 -30.39 24.36 -31.42
CA VAL O 9 -30.43 23.30 -30.41
C VAL O 9 -28.99 23.02 -29.94
N LEU O 10 -28.59 23.70 -28.88
CA LEU O 10 -27.20 23.75 -28.47
C LEU O 10 -26.77 22.66 -27.48
N ASN O 11 -27.71 22.13 -26.68
CA ASN O 11 -27.36 21.19 -25.63
C ASN O 11 -26.84 19.91 -26.22
N SER O 12 -25.72 19.44 -25.69
CA SER O 12 -25.09 18.21 -26.19
C SER O 12 -25.95 16.95 -25.94
N GLU O 13 -26.57 16.83 -24.76
CA GLU O 13 -27.39 15.64 -24.47
C GLU O 13 -28.67 15.63 -25.31
N ILE O 14 -29.31 16.78 -25.42
CA ILE O 14 -30.54 16.88 -26.20
C ILE O 14 -30.24 16.58 -27.67
N SER O 15 -29.15 17.14 -28.20
CA SER O 15 -28.75 16.90 -29.59
C SER O 15 -28.53 15.42 -29.80
N SER O 16 -27.83 14.81 -28.85
CA SER O 16 -27.54 13.40 -28.95
C SER O 16 -28.81 12.56 -28.93
N VAL O 17 -29.71 12.83 -27.98
CA VAL O 17 -30.88 11.97 -27.81
C VAL O 17 -31.81 12.07 -29.04
N ILE O 18 -31.95 13.29 -29.58
CA ILE O 18 -32.81 13.55 -30.74
C ILE O 18 -32.28 12.82 -31.97
N SER O 19 -30.97 12.80 -32.13
CA SER O 19 -30.35 12.16 -33.28
C SER O 19 -30.47 10.62 -33.22
N ARG O 20 -30.91 10.07 -32.09
CA ARG O 20 -31.01 8.63 -31.89
C ARG O 20 -32.47 8.17 -31.90
N LEU O 21 -33.35 9.13 -32.13
CA LEU O 21 -34.78 8.84 -32.21
C LEU O 21 -35.17 8.13 -33.50
N GLY O 22 -36.00 7.10 -33.37
CA GLY O 22 -36.72 6.51 -34.51
C GLY O 22 -38.22 6.71 -34.39
N HIS O 23 -38.95 6.33 -35.44
CA HIS O 23 -40.41 6.42 -35.47
C HIS O 23 -41.04 5.76 -34.24
N THR O 24 -41.91 6.50 -33.56
CA THR O 24 -42.64 6.07 -32.35
C THR O 24 -41.84 6.11 -31.06
N ASP O 25 -40.53 6.35 -31.13
CA ASP O 25 -39.77 6.65 -29.90
C ASP O 25 -40.36 7.91 -29.29
N THR O 26 -40.31 8.00 -27.96
CA THR O 26 -40.82 9.17 -27.28
C THR O 26 -39.72 9.89 -26.48
N LEU O 27 -39.98 11.17 -26.24
CA LEU O 27 -39.10 12.08 -25.50
C LEU O 27 -40.01 12.90 -24.60
N VAL O 28 -39.67 13.01 -23.33
CA VAL O 28 -40.53 13.71 -22.38
C VAL O 28 -39.92 15.04 -22.00
N VAL O 29 -40.73 16.09 -22.00
CA VAL O 29 -40.31 17.34 -21.38
C VAL O 29 -41.16 17.52 -20.15
N CYS O 30 -40.53 17.68 -18.99
CA CYS O 30 -41.26 17.71 -17.73
C CYS O 30 -40.99 18.93 -16.88
N ASP O 31 -41.79 19.10 -15.83
CA ASP O 31 -41.60 20.21 -14.88
C ASP O 31 -40.63 19.86 -13.74
N ALA O 32 -40.39 20.80 -12.86
CA ALA O 32 -39.36 20.67 -11.85
C ALA O 32 -39.66 19.61 -10.82
N GLY O 33 -40.90 19.13 -10.75
CA GLY O 33 -41.26 18.17 -9.72
C GLY O 33 -41.56 16.75 -10.20
N LEU O 34 -41.53 16.49 -11.50
CA LEU O 34 -41.89 15.15 -12.00
C LEU O 34 -40.83 14.13 -11.60
N PRO O 35 -41.25 12.97 -11.08
CA PRO O 35 -40.26 11.91 -10.82
C PRO O 35 -39.85 11.29 -12.15
N ILE O 36 -38.61 10.86 -12.23
CA ILE O 36 -38.04 10.35 -13.43
C ILE O 36 -37.62 8.92 -13.16
N PRO O 37 -38.21 7.96 -13.88
CA PRO O 37 -37.90 6.55 -13.63
C PRO O 37 -36.47 6.22 -14.07
N ASN O 38 -35.87 5.25 -13.41
CA ASN O 38 -34.48 4.90 -13.71
C ASN O 38 -34.33 4.05 -14.98
N SER O 39 -35.46 3.64 -15.57
CA SER O 39 -35.42 2.95 -16.86
C SER O 39 -35.25 3.94 -18.03
N THR O 40 -35.11 5.23 -17.72
CA THR O 40 -35.04 6.24 -18.74
C THR O 40 -33.89 7.18 -18.42
N ALA O 41 -33.30 7.74 -19.47
CA ALA O 41 -32.21 8.70 -19.33
C ALA O 41 -32.74 10.03 -18.78
N ARG O 42 -31.97 10.63 -17.88
CA ARG O 42 -32.34 11.89 -17.25
C ARG O 42 -31.47 13.01 -17.81
N ILE O 43 -32.09 13.97 -18.49
CA ILE O 43 -31.37 15.18 -18.95
C ILE O 43 -31.93 16.35 -18.15
N ASP O 44 -31.14 16.78 -17.16
CA ASP O 44 -31.60 17.78 -16.21
C ASP O 44 -31.21 19.17 -16.68
N ALA O 46 -32.96 21.90 -15.60
CA ALA O 46 -33.50 22.86 -14.62
C ALA O 46 -32.35 23.59 -13.96
N LEU O 47 -32.35 24.90 -14.05
CA LEU O 47 -31.33 25.69 -13.36
C LEU O 47 -31.90 26.20 -12.05
N THR O 48 -33.07 26.81 -12.14
CA THR O 48 -33.75 27.40 -11.00
C THR O 48 -35.22 27.66 -11.35
N GLN O 49 -35.99 28.11 -10.38
CA GLN O 49 -37.42 28.27 -10.60
C GLN O 49 -37.65 29.04 -11.90
N GLY O 50 -38.38 28.43 -12.83
CA GLY O 50 -38.75 29.07 -14.06
C GLY O 50 -37.69 29.18 -15.14
N VAL O 51 -36.50 28.67 -14.90
CA VAL O 51 -35.43 28.78 -15.87
C VAL O 51 -34.81 27.41 -16.06
N PRO O 52 -34.91 26.85 -17.28
CA PRO O 52 -35.67 27.40 -18.41
C PRO O 52 -37.08 26.99 -18.22
N SER O 53 -37.99 27.68 -18.90
CA SER O 53 -39.41 27.37 -18.78
C SER O 53 -39.76 26.11 -19.59
N PHE O 54 -40.93 25.54 -19.30
CA PHE O 54 -41.44 24.37 -20.01
C PHE O 54 -41.49 24.63 -21.51
N GLN O 56 -39.93 26.97 -23.30
CA GLN O 56 -38.60 27.16 -23.90
C GLN O 56 -38.03 25.82 -24.34
N VAL O 57 -38.17 24.82 -23.48
CA VAL O 57 -37.61 23.51 -23.73
C VAL O 57 -38.39 22.82 -24.85
N VAL O 58 -39.71 22.82 -24.76
CA VAL O 58 -40.53 22.18 -25.80
C VAL O 58 -40.20 22.79 -27.18
N ASP O 59 -40.12 24.11 -27.20
CA ASP O 59 -39.87 24.83 -28.42
C ASP O 59 -38.51 24.42 -29.03
N VAL O 60 -37.47 24.45 -28.22
CA VAL O 60 -36.14 24.15 -28.74
C VAL O 60 -36.06 22.69 -29.21
N VAL O 61 -36.60 21.76 -28.43
CA VAL O 61 -36.61 20.34 -28.80
C VAL O 61 -37.32 20.14 -30.15
N THR O 62 -38.45 20.82 -30.33
CA THR O 62 -39.24 20.59 -31.54
C THR O 62 -38.65 21.28 -32.78
N ARG O 63 -37.62 22.08 -32.62
CA ARG O 63 -36.89 22.59 -33.78
C ARG O 63 -36.06 21.52 -34.48
N GLU O 64 -35.63 20.49 -33.75
CA GLU O 64 -34.92 19.36 -34.38
C GLU O 64 -35.76 18.09 -34.48
N GLN O 66 -38.90 15.72 -35.22
CA GLN O 66 -40.15 15.50 -35.96
C GLN O 66 -41.21 14.91 -35.04
N VAL O 67 -42.26 15.66 -34.75
CA VAL O 67 -43.29 15.22 -33.80
C VAL O 67 -44.54 14.81 -34.56
N GLU O 68 -45.05 13.60 -34.27
CA GLU O 68 -46.33 13.13 -34.84
C GLU O 68 -47.47 13.10 -33.81
N ALA O 69 -47.13 13.14 -32.51
CA ALA O 69 -48.17 13.08 -31.48
C ALA O 69 -47.64 13.61 -30.16
N ALA O 70 -48.58 14.02 -29.31
CA ALA O 70 -48.25 14.51 -27.97
C ALA O 70 -49.23 13.92 -26.96
N ILE O 71 -48.73 13.52 -25.81
CA ILE O 71 -49.57 13.01 -24.74
C ILE O 71 -49.43 13.93 -23.52
N LEU O 72 -50.58 14.23 -22.91
CA LEU O 72 -50.64 15.10 -21.73
C LEU O 72 -51.50 14.45 -20.64
N ALA O 73 -51.30 14.92 -19.40
CA ALA O 73 -52.18 14.53 -18.30
C ALA O 73 -53.49 15.31 -18.41
N THR O 74 -54.63 14.63 -18.19
CA THR O 74 -55.91 15.33 -18.21
C THR O 74 -55.94 16.48 -17.21
N GLU O 75 -55.23 16.32 -16.09
CA GLU O 75 -55.19 17.34 -15.04
C GLU O 75 -54.73 18.72 -15.51
N ILE O 76 -53.95 18.78 -16.60
CA ILE O 76 -53.46 20.07 -17.12
C ILE O 76 -54.59 20.98 -17.63
N LYS O 77 -55.69 20.39 -18.10
CA LYS O 77 -56.81 21.16 -18.65
C LYS O 77 -57.37 22.09 -17.58
N GLN O 78 -57.65 21.56 -16.40
CA GLN O 78 -58.22 22.31 -15.27
C GLN O 78 -57.23 23.14 -14.52
N GLN O 79 -56.06 22.56 -14.29
CA GLN O 79 -55.14 23.13 -13.30
C GLN O 79 -54.03 23.98 -13.87
N ASN O 80 -53.89 23.98 -15.19
CA ASN O 80 -52.89 24.84 -15.86
C ASN O 80 -53.36 25.27 -17.26
N PRO O 81 -54.56 25.82 -17.36
CA PRO O 81 -55.18 26.08 -18.66
C PRO O 81 -54.40 27.05 -19.55
N GLN O 82 -53.78 28.05 -18.94
CA GLN O 82 -52.97 29.02 -19.67
C GLN O 82 -51.80 28.33 -20.40
N LEU O 83 -51.10 27.43 -19.69
CA LEU O 83 -50.00 26.71 -20.32
C LEU O 83 -50.51 25.69 -21.33
N HIS O 84 -51.61 25.03 -20.98
CA HIS O 84 -52.29 24.12 -21.91
C HIS O 84 -52.55 24.79 -23.27
N GLU O 85 -53.16 25.96 -23.20
CA GLU O 85 -53.49 26.76 -24.38
C GLU O 85 -52.23 27.18 -25.18
N THR O 86 -51.18 27.62 -24.49
CA THR O 86 -49.94 28.00 -25.18
C THR O 86 -49.32 26.80 -25.90
N LEU O 87 -49.37 25.62 -25.26
CA LEU O 87 -48.76 24.42 -25.84
C LEU O 87 -49.54 23.99 -27.08
N LEU O 88 -50.86 24.01 -27.00
CA LEU O 88 -51.67 23.63 -28.13
C LEU O 88 -51.41 24.56 -29.32
N THR O 89 -51.32 25.86 -29.07
CA THR O 89 -51.00 26.82 -30.12
C THR O 89 -49.67 26.47 -30.77
N HIS O 90 -48.68 26.20 -29.92
CA HIS O 90 -47.37 25.86 -30.43
C HIS O 90 -47.39 24.62 -31.29
N LEU O 91 -48.05 23.57 -30.80
CA LEU O 91 -48.18 22.32 -31.56
C LEU O 91 -48.95 22.53 -32.88
N GLU O 92 -49.87 23.48 -32.89
CA GLU O 92 -50.59 23.85 -34.10
C GLU O 92 -49.64 24.43 -35.16
N GLN O 93 -48.75 25.32 -34.70
CA GLN O 93 -47.80 25.96 -35.62
C GLN O 93 -46.75 24.97 -36.08
N LEU O 94 -46.36 24.08 -35.17
CA LEU O 94 -45.38 23.04 -35.48
C LEU O 94 -45.91 22.19 -36.64
N GLN O 95 -47.12 21.69 -36.48
CA GLN O 95 -47.65 20.76 -37.45
C GLN O 95 -47.76 21.43 -38.82
N GLN O 96 -48.05 22.73 -38.84
CA GLN O 96 -48.05 23.47 -40.10
C GLN O 96 -46.67 23.49 -40.74
N HIS O 97 -45.65 23.88 -39.99
CA HIS O 97 -44.29 23.93 -40.54
C HIS O 97 -43.82 22.51 -40.93
N GLN O 98 -44.24 21.49 -40.17
CA GLN O 98 -43.91 20.09 -40.49
C GLN O 98 -44.69 19.53 -41.68
N GLY O 99 -45.85 20.12 -41.97
CA GLY O 99 -46.71 19.62 -43.03
C GLY O 99 -47.48 18.36 -42.66
N ASN O 100 -47.76 18.18 -41.37
CA ASN O 100 -48.50 17.01 -40.90
C ASN O 100 -49.52 17.45 -39.87
N THR O 101 -50.12 16.49 -39.18
CA THR O 101 -51.10 16.80 -38.18
C THR O 101 -50.75 16.08 -36.87
N ILE O 102 -50.43 16.87 -35.83
CA ILE O 102 -50.00 16.32 -34.55
C ILE O 102 -51.21 15.90 -33.72
N LYS O 103 -51.27 14.61 -33.41
CA LYS O 103 -52.33 14.03 -32.60
C LYS O 103 -52.10 14.33 -31.11
N ILE O 104 -53.13 14.84 -30.45
CA ILE O 104 -53.06 15.15 -29.03
C ILE O 104 -53.98 14.21 -28.28
N SER O 105 -53.48 13.61 -27.22
CA SER O 105 -54.27 12.74 -26.38
C SER O 105 -53.97 12.95 -24.89
N TYR O 106 -54.91 12.52 -24.06
CA TYR O 106 -54.89 12.75 -22.62
C TYR O 106 -55.05 11.42 -21.89
N THR O 107 -54.32 11.28 -20.80
CA THR O 107 -54.47 10.14 -19.90
C THR O 107 -54.44 10.69 -18.50
N THR O 108 -54.75 9.85 -17.54
CA THR O 108 -54.57 10.27 -16.15
C THR O 108 -53.07 10.50 -15.91
N HIS O 109 -52.75 11.35 -14.94
CA HIS O 109 -51.36 11.61 -14.55
C HIS O 109 -50.64 10.33 -14.16
N GLU O 110 -51.34 9.46 -13.43
CA GLU O 110 -50.78 8.17 -13.03
C GLU O 110 -50.30 7.40 -14.23
N GLN O 111 -51.13 7.39 -15.26
CA GLN O 111 -50.83 6.64 -16.48
C GLN O 111 -49.73 7.33 -17.27
N PHE O 112 -49.74 8.65 -17.24
CA PHE O 112 -48.69 9.46 -17.87
C PHE O 112 -47.33 9.08 -17.31
N LYS O 113 -47.22 9.03 -15.98
CA LYS O 113 -45.98 8.65 -15.31
C LYS O 113 -45.51 7.25 -15.79
N LYS O 114 -46.45 6.31 -15.91
CA LYS O 114 -46.07 4.99 -16.41
C LYS O 114 -45.56 5.06 -17.84
N LEU O 115 -46.19 5.85 -18.70
CA LEU O 115 -45.71 5.98 -20.07
C LEU O 115 -44.31 6.62 -20.14
N THR O 116 -43.96 7.48 -19.17
CA THR O 116 -42.60 8.05 -19.13
C THR O 116 -41.51 6.98 -18.95
N ALA O 117 -41.86 5.85 -18.33
CA ALA O 117 -40.89 4.74 -18.17
C ALA O 117 -40.40 4.19 -19.51
N ASP O 118 -41.18 4.40 -20.58
CA ASP O 118 -40.86 3.86 -21.91
C ASP O 118 -40.20 4.88 -22.84
N SER O 119 -39.95 6.09 -22.35
CA SER O 119 -39.37 7.09 -23.21
C SER O 119 -37.85 6.89 -23.29
N GLN O 120 -37.24 7.52 -24.28
CA GLN O 120 -35.78 7.50 -24.44
C GLN O 120 -35.11 8.42 -23.45
N ALA O 121 -35.76 9.51 -23.11
CA ALA O 121 -35.19 10.43 -22.13
C ALA O 121 -36.28 11.35 -21.59
N VAL O 122 -36.06 11.84 -20.37
CA VAL O 122 -36.88 12.90 -19.80
C VAL O 122 -36.00 14.15 -19.67
N ILE O 123 -36.40 15.20 -20.34
CA ILE O 123 -35.72 16.46 -20.27
C ILE O 123 -36.46 17.31 -19.27
N ARG O 124 -35.78 17.56 -18.15
CA ARG O 124 -36.35 18.31 -17.01
C ARG O 124 -36.13 19.82 -17.16
N SER O 125 -37.24 20.57 -17.14
CA SER O 125 -37.22 22.03 -17.18
C SER O 125 -37.31 22.62 -15.76
N GLY O 126 -37.17 23.94 -15.66
CA GLY O 126 -37.37 24.66 -14.39
C GLY O 126 -38.81 25.08 -14.11
N GLU O 127 -39.76 24.60 -14.91
CA GLU O 127 -41.15 24.99 -14.76
C GLU O 127 -41.73 24.58 -13.41
N CYS O 128 -42.44 25.51 -12.80
CA CYS O 128 -43.09 25.28 -11.51
C CYS O 128 -44.61 25.23 -11.53
N SER O 129 -45.24 25.52 -12.66
CA SER O 129 -46.69 25.40 -12.74
C SER O 129 -47.09 23.91 -12.73
N PRO O 130 -48.36 23.60 -12.42
CA PRO O 130 -48.75 22.20 -12.26
C PRO O 130 -48.95 21.43 -13.57
N TYR O 131 -48.54 20.16 -13.55
CA TYR O 131 -48.73 19.23 -14.64
C TYR O 131 -48.18 19.73 -15.98
N ALA O 132 -47.07 20.46 -15.91
CA ALA O 132 -46.39 20.95 -17.09
C ALA O 132 -45.47 19.84 -17.58
N ASN O 133 -46.08 18.79 -18.09
CA ASN O 133 -45.37 17.63 -18.59
C ASN O 133 -45.97 17.19 -19.89
N VAL O 134 -45.13 16.90 -20.89
CA VAL O 134 -45.64 16.38 -22.17
C VAL O 134 -44.76 15.23 -22.66
N ILE O 135 -45.40 14.20 -23.22
CA ILE O 135 -44.67 13.15 -23.93
C ILE O 135 -44.81 13.44 -25.42
N LEU O 136 -43.68 13.62 -26.07
CA LEU O 136 -43.63 13.87 -27.50
C LEU O 136 -43.28 12.57 -28.23
N CYS O 137 -44.05 12.21 -29.27
CA CYS O 137 -43.75 11.03 -30.09
C CYS O 137 -43.14 11.40 -31.43
N ALA O 138 -42.06 10.74 -31.77
CA ALA O 138 -41.36 11.00 -33.02
C ALA O 138 -42.12 10.40 -34.20
N GLY O 139 -42.29 11.19 -35.25
CA GLY O 139 -42.83 10.66 -36.50
C GLY O 139 -42.90 11.66 -37.62
N VAL O 140 -42.83 11.17 -38.85
CA VAL O 140 -42.97 11.98 -40.07
C VAL O 140 -43.94 11.28 -41.01
N THR O 141 -44.43 11.95 -42.05
CA THR O 141 -45.23 11.23 -43.06
C THR O 141 -44.46 11.07 -44.37
#